data_4CI1
#
_entry.id   4CI1
#
_cell.length_a   172.180
_cell.length_b   172.180
_cell.length_c   140.090
_cell.angle_alpha   90.00
_cell.angle_beta   90.00
_cell.angle_gamma   120.00
#
_symmetry.space_group_name_H-M   'P 32 2 1'
#
loop_
_entity.id
_entity.type
_entity.pdbx_description
1 polymer 'DNA DAMAGE-BINDING PROTEIN 1'
2 polymer 'PROTEIN CEREBLON'
3 non-polymer 'ZINC ION'
4 non-polymer S-Thalidomide
5 water water
#
loop_
_entity_poly.entity_id
_entity_poly.type
_entity_poly.pdbx_seq_one_letter_code
_entity_poly.pdbx_strand_id
1 'polypeptide(L)'
;MHHHHHHRRLVPRGSGGRMSYNYVVTAQKPTAVNGCVTGHFTSAEDLNLLIAKNTRLEIYVVTAEGLRPVKEVGMYGKIA
VMELFRPKGESKDLLFILTAKYNA(CAF)ILEYKQSGESIDIITRAHGNVQDRIGRPSETGIIGIIDPECRMIGLRLYDG
LFKVIPLDRDNKELKAFNIRLEELHVIDVKFLYGCQAPTICFVYQDPQGRHVKTYEVSLREKEFNKGPWKQENVEAEASM
VIAVPEPFGGAIIIGQESITYHNGDKYLAIAPPIIKQSTIVCHNRVDPNGSRYLLGDMEGRLFMLLLEKEEQMDGTVTLK
DLRVELLGETSIAECLTYLDNGVVFVGSRLGDSQLVKLNVDSNEQGSYVVAMETFTNLGPIVDMCVVDLERQGQGQLVTC
SGAFKEGSLRIIRNGIGIHEHASIDLPGIKGLWPLRSDPNRETDDTLVLSFVGQTRVLMLNGEEVEETELMGFVDDQQTF
FCGNVAHQQLIQITSASVRLVSQEPKALVSEWKEPQAKNISVASCNSSQVVVAVGRALYYLQIHPQELRQISHTEMEHEV
ACLDITPLGDSNGLSPLCAIGLWTDISARILKLPSFELLHKEMLGGEIIPRSILMTTFESSHYLLCALGDGALFYFGLNI
ETGLLSDRKKVTLGTQPTVLRTFRSLSTTNVFACSDRPTVIYSSNHKLVFSNVNLKEVNYMCPLNSDGYPDSLALANNST
LTIGTIDEIQKLHIRTVPLYESPRKICYQEVSQCFGVLSSRIEVQDTSGGTTALRPSASTQALSSSVSSSKLFSSSTAPH
ETSFGEEVEVHNLLIIDQHTFEVLHAHQFLQNEYALSLVSCKLGKDPNTYFIVGTAMVYPEEAEPKQGRIVVFQYSDGKL
QTVAEKEVKGAVYSMVEFNGKLLASINSTVRLYEWTTEKELRTECNHYNNIMALYLKTKGDFILVGDLMRSVLLLAYKPM
EGNFEEIARDFNPNWMSAVEILDDDNFLGAENAFNLFV(CAF)QKDSAATTDEERQHLQEVGLFHLGEFVNVFCHGSLVM
QNLGETSTPTQGSVLFGTVNGMIGLVTSLSESWYNLLLDMQNRLNKVIKSVGKIEHSFWRSFHTERKTEPATGFIDGDLI
ESFLDISRPKMQEVVANLQYDDGSGMKREATADDLIKVVEELTRIH
;
A
2 'polypeptide(L)'
;MDWSHPQFEKSAVDENLYFQGGGRMAAEEGGDGRRNMGNPPPPAPAESEEEDDNEMEVEDQDGKEAEKPNMINFDTSLPT
SHMYLGSDMEEFHGRTLHDDDSCQVIPVLPHVMVMLIPGQTLPLQLFHPQEVSMVRNLIQKDRTFAVLAYSNVREREAHF
GTTAEIYAYREEQEYGIETVKVKAIGRQRFKVLEIRTQSDGIQQAKVQILPERVLPSTMSAVQLQSLSRRHIFPSSKPKV
WQDRAFRQWWQKYQKRKFHCASLTSWPPWLYSLYDAETLMERVKRQLHEWDENLKDESLPTNPIDFSYRVAACLPIDDAL
RIQLLKIGSAIQRLR(CAF)ELDIMNK(CAF)TSLCCKQCQDTEITTKNEIFSLSLCGPMAAYVNPHGYIHETLTVYKAC
NLNLSGRPSTEHSWFPGYAWTIAQCRICGNHMGWKFTATKKDMSPQKFWGLTRSALLPRIPEAEDELGHDRSPLLCL
;
B
#
loop_
_chem_comp.id
_chem_comp.type
_chem_comp.name
_chem_comp.formula
EF2 non-polymer S-Thalidomide 'C13 H10 N2 O4'
ZN non-polymer 'ZINC ION' 'Zn 2'
#
# COMPACT_ATOMS: atom_id res chain seq x y z
N SER A 20 -18.66 -2.13 15.39
CA SER A 20 -17.60 -1.14 15.18
C SER A 20 -17.80 -0.35 13.88
N TYR A 21 -17.62 0.97 13.98
CA TYR A 21 -17.76 1.94 12.90
C TYR A 21 -16.47 2.76 12.86
N ASN A 22 -15.78 2.76 11.70
CA ASN A 22 -14.50 3.45 11.61
C ASN A 22 -14.51 4.58 10.58
N TYR A 23 -13.50 5.46 10.69
CA TYR A 23 -13.24 6.66 9.91
C TYR A 23 -11.79 6.58 9.41
N VAL A 24 -11.60 6.73 8.09
CA VAL A 24 -10.28 6.63 7.45
C VAL A 24 -9.99 7.89 6.62
N VAL A 25 -8.84 8.54 6.90
CA VAL A 25 -8.43 9.80 6.25
C VAL A 25 -6.94 9.76 5.86
N THR A 26 -6.58 10.48 4.78
CA THR A 26 -5.23 10.58 4.24
C THR A 26 -4.43 11.64 4.99
N ALA A 27 -3.41 11.22 5.75
CA ALA A 27 -2.51 12.12 6.47
C ALA A 27 -1.48 12.70 5.46
N GLN A 28 -1.05 11.87 4.48
CA GLN A 28 -0.09 12.20 3.43
C GLN A 28 -0.47 11.49 2.15
N LYS A 29 -0.62 12.24 1.04
CA LYS A 29 -0.99 11.71 -0.27
C LYS A 29 0.07 10.73 -0.81
N PRO A 30 -0.24 9.82 -1.78
CA PRO A 30 0.82 8.94 -2.31
C PRO A 30 1.92 9.78 -2.95
N THR A 31 3.20 9.43 -2.68
CA THR A 31 4.36 10.13 -3.21
C THR A 31 4.95 9.45 -4.43
N ALA A 32 4.97 8.11 -4.47
CA ALA A 32 5.55 7.31 -5.56
C ALA A 32 4.94 7.62 -6.93
N VAL A 33 5.78 7.61 -8.00
CA VAL A 33 5.38 7.87 -9.38
C VAL A 33 5.10 6.55 -10.10
N ASN A 34 3.87 6.39 -10.61
CA ASN A 34 3.38 5.19 -11.31
C ASN A 34 3.59 5.29 -12.82
N GLY A 35 3.60 6.50 -13.33
CA GLY A 35 3.78 6.78 -14.74
C GLY A 35 3.89 8.26 -15.02
N CYS A 36 4.46 8.61 -16.18
CA CYS A 36 4.61 10.01 -16.62
C CYS A 36 4.67 10.12 -18.14
N VAL A 37 4.04 11.18 -18.68
CA VAL A 37 3.95 11.45 -20.12
C VAL A 37 4.22 12.92 -20.47
N THR A 38 4.50 13.15 -21.76
CA THR A 38 4.71 14.47 -22.36
C THR A 38 3.82 14.63 -23.57
N GLY A 39 3.34 15.87 -23.75
CA GLY A 39 2.47 16.27 -24.85
C GLY A 39 1.96 17.68 -24.67
N HIS A 40 0.86 18.03 -25.37
CA HIS A 40 0.27 19.37 -25.32
C HIS A 40 -1.20 19.33 -24.90
N PHE A 41 -1.41 18.91 -23.64
CA PHE A 41 -2.70 18.75 -22.98
C PHE A 41 -3.44 20.06 -22.69
N THR A 42 -2.76 21.03 -22.06
CA THR A 42 -3.32 22.34 -21.70
C THR A 42 -3.60 23.16 -22.98
N SER A 43 -2.55 23.63 -23.65
CA SER A 43 -2.62 24.36 -24.92
C SER A 43 -1.68 23.67 -25.88
N ALA A 44 -1.90 23.84 -27.21
CA ALA A 44 -1.05 23.25 -28.25
C ALA A 44 0.34 23.91 -28.31
N GLU A 45 0.55 25.00 -27.51
CA GLU A 45 1.79 25.75 -27.39
C GLU A 45 2.65 25.24 -26.23
N ASP A 46 2.06 25.12 -25.03
CA ASP A 46 2.75 24.67 -23.81
C ASP A 46 3.08 23.17 -23.78
N LEU A 47 4.38 22.82 -23.56
CA LEU A 47 4.80 21.42 -23.44
C LEU A 47 4.48 20.99 -22.02
N ASN A 48 3.66 19.94 -21.90
CA ASN A 48 3.19 19.43 -20.63
C ASN A 48 3.84 18.14 -20.17
N LEU A 49 3.97 17.99 -18.83
CA LEU A 49 4.44 16.79 -18.15
C LEU A 49 3.36 16.32 -17.16
N LEU A 50 2.76 15.16 -17.45
CA LEU A 50 1.71 14.56 -16.63
C LEU A 50 2.32 13.42 -15.80
N ILE A 51 2.20 13.55 -14.47
CA ILE A 51 2.72 12.60 -13.49
C ILE A 51 1.56 11.87 -12.79
N ALA A 52 1.59 10.52 -12.77
CA ALA A 52 0.59 9.68 -12.12
C ALA A 52 1.10 9.22 -10.75
N LYS A 53 0.46 9.70 -9.69
CA LYS A 53 0.80 9.29 -8.33
C LYS A 53 -0.40 8.52 -7.77
N ASN A 54 -0.69 7.37 -8.45
CA ASN A 54 -1.75 6.41 -8.20
C ASN A 54 -3.16 6.98 -8.38
N THR A 55 -3.73 7.55 -7.31
CA THR A 55 -5.08 8.11 -7.27
C THR A 55 -5.04 9.60 -7.59
N ARG A 56 -3.83 10.16 -7.83
CA ARG A 56 -3.57 11.57 -8.14
C ARG A 56 -2.97 11.80 -9.52
N LEU A 57 -3.34 12.93 -10.15
CA LEU A 57 -2.82 13.38 -11.44
C LEU A 57 -2.26 14.81 -11.31
N GLU A 58 -0.94 14.95 -11.43
CA GLU A 58 -0.22 16.22 -11.37
C GLU A 58 0.06 16.70 -12.81
N ILE A 59 -0.43 17.91 -13.17
CA ILE A 59 -0.25 18.46 -14.52
C ILE A 59 0.69 19.69 -14.45
N TYR A 60 1.70 19.70 -15.34
CA TYR A 60 2.80 20.67 -15.41
C TYR A 60 3.05 21.24 -16.80
N VAL A 61 3.82 22.35 -16.86
CA VAL A 61 4.30 22.99 -18.09
C VAL A 61 5.83 23.05 -17.96
N VAL A 62 6.56 22.63 -19.01
CA VAL A 62 8.03 22.66 -19.02
C VAL A 62 8.50 24.12 -19.12
N THR A 63 8.91 24.68 -17.96
CA THR A 63 9.35 26.07 -17.78
C THR A 63 10.69 26.36 -18.48
N ALA A 64 11.48 25.29 -18.77
CA ALA A 64 12.83 25.33 -19.34
C ALA A 64 13.83 25.80 -18.27
N GLU A 65 13.35 26.62 -17.31
CA GLU A 65 14.08 27.12 -16.15
C GLU A 65 13.49 26.54 -14.84
N GLY A 66 12.75 25.43 -14.98
CA GLY A 66 12.12 24.72 -13.87
C GLY A 66 10.94 23.87 -14.29
N LEU A 67 9.96 23.73 -13.38
CA LEU A 67 8.71 22.98 -13.57
C LEU A 67 7.52 23.81 -13.05
N ARG A 68 6.55 24.12 -13.95
CA ARG A 68 5.39 24.95 -13.63
C ARG A 68 4.17 24.12 -13.15
N PRO A 69 3.83 24.13 -11.82
CA PRO A 69 2.65 23.37 -11.37
C PRO A 69 1.35 24.11 -11.67
N VAL A 70 0.54 23.52 -12.57
CA VAL A 70 -0.72 24.09 -13.05
C VAL A 70 -1.94 23.64 -12.23
N LYS A 71 -2.14 22.31 -12.10
CA LYS A 71 -3.29 21.72 -11.40
C LYS A 71 -2.97 20.31 -10.91
N GLU A 72 -3.62 19.90 -9.81
CA GLU A 72 -3.51 18.56 -9.24
C GLU A 72 -4.92 18.04 -9.02
N VAL A 73 -5.30 16.99 -9.75
CA VAL A 73 -6.64 16.41 -9.59
C VAL A 73 -6.59 14.99 -9.05
N GLY A 74 -7.44 14.74 -8.05
CA GLY A 74 -7.62 13.42 -7.45
C GLY A 74 -8.63 12.63 -8.26
N MET A 75 -8.57 11.31 -8.17
CA MET A 75 -9.45 10.42 -8.91
C MET A 75 -9.97 9.24 -8.10
N TYR A 76 -11.16 8.77 -8.44
CA TYR A 76 -11.80 7.64 -7.78
C TYR A 76 -11.39 6.31 -8.47
N GLY A 77 -10.08 6.07 -8.50
CA GLY A 77 -9.48 4.88 -9.08
C GLY A 77 -7.96 4.92 -9.04
N LYS A 78 -7.34 3.75 -9.23
CA LYS A 78 -5.89 3.67 -9.30
C LYS A 78 -5.53 3.71 -10.77
N ILE A 79 -4.71 4.69 -11.21
CA ILE A 79 -4.29 4.84 -12.62
C ILE A 79 -3.44 3.64 -13.09
N ALA A 80 -3.88 2.97 -14.16
CA ALA A 80 -3.20 1.83 -14.79
C ALA A 80 -2.57 2.27 -16.11
N VAL A 81 -3.38 2.94 -16.97
CA VAL A 81 -2.96 3.48 -18.27
C VAL A 81 -3.12 5.01 -18.21
N MET A 82 -2.22 5.75 -18.90
CA MET A 82 -2.21 7.22 -19.00
C MET A 82 -1.42 7.61 -20.24
N GLU A 83 -2.12 7.90 -21.33
CA GLU A 83 -1.51 8.31 -22.60
C GLU A 83 -2.33 9.40 -23.30
N LEU A 84 -1.65 10.49 -23.72
CA LEU A 84 -2.22 11.63 -24.43
C LEU A 84 -2.43 11.31 -25.92
N PHE A 85 -3.38 12.02 -26.59
CA PHE A 85 -3.72 11.83 -28.01
C PHE A 85 -4.47 13.03 -28.61
N ARG A 86 -4.19 13.34 -29.89
CA ARG A 86 -4.83 14.42 -30.65
C ARG A 86 -5.53 13.84 -31.91
N PRO A 87 -6.85 13.52 -31.82
CA PRO A 87 -7.55 12.96 -32.99
C PRO A 87 -7.99 14.03 -34.00
N LYS A 88 -7.33 14.06 -35.17
CA LYS A 88 -7.54 15.03 -36.26
C LYS A 88 -7.47 16.48 -35.74
N GLY A 89 -8.46 17.31 -36.07
CA GLY A 89 -8.53 18.71 -35.65
C GLY A 89 -8.93 18.88 -34.20
N GLU A 90 -7.97 19.36 -33.37
CA GLU A 90 -8.15 19.64 -31.93
C GLU A 90 -7.30 20.83 -31.50
N SER A 91 -7.85 21.71 -30.61
CA SER A 91 -7.17 22.89 -30.06
C SER A 91 -5.96 22.54 -29.17
N LYS A 92 -6.00 21.35 -28.50
CA LYS A 92 -4.96 20.83 -27.62
C LYS A 92 -5.01 19.29 -27.63
N ASP A 93 -4.55 18.62 -26.55
CA ASP A 93 -4.56 17.16 -26.44
C ASP A 93 -5.65 16.62 -25.53
N LEU A 94 -6.11 15.41 -25.87
CA LEU A 94 -7.08 14.62 -25.11
C LEU A 94 -6.30 13.55 -24.34
N LEU A 95 -6.68 13.32 -23.09
CA LEU A 95 -5.99 12.36 -22.22
C LEU A 95 -6.83 11.14 -21.92
N PHE A 96 -6.27 9.96 -22.16
CA PHE A 96 -6.94 8.71 -21.83
C PHE A 96 -6.39 8.18 -20.52
N ILE A 97 -7.28 7.75 -19.61
CA ILE A 97 -6.92 7.16 -18.33
C ILE A 97 -7.76 5.90 -18.15
N LEU A 98 -7.13 4.83 -17.69
CA LEU A 98 -7.83 3.58 -17.38
C LEU A 98 -7.42 3.19 -15.96
N THR A 99 -8.41 2.95 -15.09
CA THR A 99 -8.12 2.56 -13.70
C THR A 99 -7.92 1.04 -13.57
N ALA A 100 -7.47 0.59 -12.39
CA ALA A 100 -7.30 -0.83 -12.07
C ALA A 100 -8.68 -1.52 -11.96
N LYS A 101 -9.75 -0.74 -11.67
CA LYS A 101 -11.14 -1.24 -11.60
C LYS A 101 -11.83 -1.16 -12.97
N TYR A 102 -11.02 -0.91 -14.03
CA TYR A 102 -11.35 -0.83 -15.46
C TYR A 102 -12.25 0.38 -15.84
N ASN A 103 -12.07 1.52 -15.13
CA ASN A 103 -12.78 2.75 -15.43
C ASN A 103 -12.00 3.45 -16.54
N ALA A 104 -12.63 3.63 -17.70
CA ALA A 104 -12.00 4.29 -18.83
C ALA A 104 -12.62 5.66 -19.03
N CAF A 105 -11.80 6.65 -19.46
CA CAF A 105 -12.25 8.01 -19.72
CB CAF A 105 -12.57 8.88 -18.50
C CAF A 105 -11.28 8.82 -20.58
O CAF A 105 -10.06 8.59 -20.55
SG CAF A 105 -11.13 9.18 -17.43
AS CAF A 105 -11.40 8.10 -15.43
CE1 CAF A 105 -13.08 7.21 -15.69
CE2 CAF A 105 -10.13 6.74 -15.56
O1 CAF A 105 -11.29 9.04 -14.12
N ILE A 106 -11.83 9.79 -21.34
CA ILE A 106 -11.11 10.75 -22.17
C ILE A 106 -11.31 12.11 -21.49
N LEU A 107 -10.22 12.78 -21.16
CA LEU A 107 -10.28 14.07 -20.47
C LEU A 107 -9.68 15.20 -21.30
N GLU A 108 -10.39 16.34 -21.30
CA GLU A 108 -10.01 17.57 -22.01
C GLU A 108 -9.72 18.64 -20.97
N TYR A 109 -8.73 19.49 -21.25
CA TYR A 109 -8.38 20.58 -20.36
C TYR A 109 -9.25 21.80 -20.67
N LYS A 110 -9.69 22.53 -19.62
CA LYS A 110 -10.49 23.76 -19.75
C LYS A 110 -10.03 24.82 -18.75
N GLN A 111 -9.61 25.98 -19.29
CA GLN A 111 -9.11 27.12 -18.51
C GLN A 111 -9.83 28.40 -18.94
N SER A 112 -10.28 29.20 -17.95
CA SER A 112 -10.94 30.50 -18.14
C SER A 112 -10.62 31.40 -16.94
N GLY A 113 -9.55 32.17 -17.05
CA GLY A 113 -9.05 33.06 -16.01
C GLY A 113 -8.38 32.27 -14.91
N GLU A 114 -8.75 32.53 -13.65
CA GLU A 114 -8.21 31.84 -12.47
C GLU A 114 -8.93 30.50 -12.18
N SER A 115 -10.00 30.21 -12.96
CA SER A 115 -10.81 28.99 -12.85
C SER A 115 -10.32 27.91 -13.83
N ILE A 116 -9.86 26.77 -13.28
CA ILE A 116 -9.35 25.61 -14.02
C ILE A 116 -10.17 24.36 -13.71
N ASP A 117 -10.66 23.66 -14.77
CA ASP A 117 -11.50 22.47 -14.62
C ASP A 117 -11.21 21.38 -15.65
N ILE A 118 -11.02 20.13 -15.16
CA ILE A 118 -10.80 18.96 -16.03
C ILE A 118 -12.18 18.53 -16.49
N ILE A 119 -12.34 18.27 -17.79
CA ILE A 119 -13.63 17.91 -18.36
C ILE A 119 -13.62 16.52 -18.99
N THR A 120 -14.61 15.69 -18.63
CA THR A 120 -14.78 14.35 -19.18
C THR A 120 -15.40 14.52 -20.58
N ARG A 121 -14.88 13.78 -21.56
CA ARG A 121 -15.35 13.79 -22.94
C ARG A 121 -16.12 12.50 -23.25
N ALA A 122 -15.69 11.40 -22.62
CA ALA A 122 -16.28 10.06 -22.76
C ALA A 122 -15.89 9.21 -21.55
N HIS A 123 -16.79 8.33 -21.08
CA HIS A 123 -16.53 7.47 -19.92
C HIS A 123 -17.35 6.19 -19.93
N GLY A 124 -16.75 5.11 -19.45
CA GLY A 124 -17.36 3.79 -19.36
C GLY A 124 -16.47 2.75 -18.70
N ASN A 125 -17.07 1.64 -18.22
CA ASN A 125 -16.37 0.53 -17.58
C ASN A 125 -16.19 -0.62 -18.57
N VAL A 126 -14.94 -0.87 -18.95
CA VAL A 126 -14.51 -1.85 -19.96
C VAL A 126 -14.40 -3.31 -19.46
N GLN A 127 -14.54 -3.54 -18.14
CA GLN A 127 -14.43 -4.87 -17.50
C GLN A 127 -15.34 -5.92 -18.16
N ASP A 128 -14.81 -7.14 -18.38
CA ASP A 128 -15.56 -8.27 -18.95
C ASP A 128 -16.26 -9.07 -17.85
N ARG A 129 -17.43 -9.65 -18.18
CA ARG A 129 -18.24 -10.49 -17.28
C ARG A 129 -17.47 -11.74 -16.82
N ILE A 130 -16.58 -12.26 -17.69
CA ILE A 130 -15.70 -13.41 -17.44
C ILE A 130 -14.27 -13.09 -17.92
N GLY A 131 -13.36 -14.06 -17.80
CA GLY A 131 -11.96 -13.92 -18.22
C GLY A 131 -10.97 -13.75 -17.09
N ARG A 132 -9.76 -14.30 -17.29
CA ARG A 132 -8.65 -14.25 -16.32
C ARG A 132 -7.73 -13.04 -16.60
N PRO A 133 -7.57 -12.11 -15.61
CA PRO A 133 -6.68 -10.96 -15.84
C PRO A 133 -5.24 -11.41 -16.09
N SER A 134 -4.66 -10.92 -17.19
CA SER A 134 -3.32 -11.29 -17.65
C SER A 134 -2.19 -11.10 -16.62
N GLU A 135 -1.14 -11.93 -16.75
CA GLU A 135 0.04 -11.98 -15.88
C GLU A 135 0.99 -10.80 -16.07
N THR A 136 1.11 -10.30 -17.31
CA THR A 136 2.00 -9.18 -17.63
C THR A 136 1.29 -7.79 -17.46
N GLY A 137 0.19 -7.78 -16.68
CA GLY A 137 -0.60 -6.60 -16.34
C GLY A 137 -1.52 -6.07 -17.42
N ILE A 138 -2.07 -4.86 -17.20
CA ILE A 138 -2.95 -4.16 -18.13
C ILE A 138 -2.08 -3.40 -19.14
N ILE A 139 -2.32 -3.60 -20.45
CA ILE A 139 -1.58 -2.91 -21.52
C ILE A 139 -2.55 -2.02 -22.28
N GLY A 140 -2.28 -0.71 -22.28
CA GLY A 140 -3.11 0.29 -22.95
C GLY A 140 -2.43 1.06 -24.05
N ILE A 141 -2.52 0.53 -25.28
CA ILE A 141 -1.91 1.11 -26.48
C ILE A 141 -2.94 1.86 -27.36
N ILE A 142 -2.46 2.85 -28.15
CA ILE A 142 -3.27 3.69 -29.02
C ILE A 142 -2.65 3.72 -30.44
N ASP A 143 -3.49 3.61 -31.47
CA ASP A 143 -3.11 3.69 -32.88
C ASP A 143 -2.50 5.10 -33.16
N PRO A 144 -1.45 5.23 -34.00
CA PRO A 144 -0.86 6.57 -34.24
C PRO A 144 -1.82 7.57 -34.91
N GLU A 145 -2.75 7.07 -35.74
CA GLU A 145 -3.76 7.88 -36.45
C GLU A 145 -5.00 8.20 -35.57
N CYS A 146 -4.96 7.82 -34.27
CA CYS A 146 -6.02 7.99 -33.25
C CYS A 146 -7.32 7.26 -33.59
N ARG A 147 -7.22 6.20 -34.43
CA ARG A 147 -8.35 5.40 -34.89
C ARG A 147 -8.97 4.49 -33.81
N MET A 148 -8.18 4.05 -32.81
CA MET A 148 -8.66 3.14 -31.75
C MET A 148 -7.82 3.15 -30.46
N ILE A 149 -8.29 2.40 -29.44
CA ILE A 149 -7.66 2.16 -28.15
C ILE A 149 -7.59 0.63 -28.05
N GLY A 150 -6.38 0.12 -27.90
CA GLY A 150 -6.12 -1.31 -27.74
C GLY A 150 -5.85 -1.65 -26.29
N LEU A 151 -6.63 -2.59 -25.73
CA LEU A 151 -6.46 -2.99 -24.33
C LEU A 151 -6.19 -4.47 -24.17
N ARG A 152 -5.14 -4.78 -23.41
CA ARG A 152 -4.81 -6.17 -23.11
C ARG A 152 -4.97 -6.35 -21.60
N LEU A 153 -6.20 -6.67 -21.19
CA LEU A 153 -6.59 -6.85 -19.79
C LEU A 153 -6.68 -8.32 -19.46
N TYR A 154 -7.15 -9.14 -20.41
CA TYR A 154 -7.33 -10.60 -20.25
C TYR A 154 -6.57 -11.37 -21.34
N ASP A 155 -5.98 -12.51 -20.97
CA ASP A 155 -5.24 -13.36 -21.92
C ASP A 155 -6.17 -14.09 -22.87
N GLY A 156 -5.87 -13.99 -24.17
CA GLY A 156 -6.66 -14.62 -25.22
C GLY A 156 -7.69 -13.73 -25.86
N LEU A 157 -7.71 -12.44 -25.49
CA LEU A 157 -8.63 -11.43 -26.02
C LEU A 157 -7.94 -10.11 -26.19
N PHE A 158 -8.34 -9.35 -27.21
CA PHE A 158 -7.83 -8.02 -27.49
C PHE A 158 -8.99 -7.02 -27.64
N LYS A 159 -9.29 -6.26 -26.56
CA LYS A 159 -10.37 -5.28 -26.52
C LYS A 159 -10.03 -4.03 -27.36
N VAL A 160 -11.02 -3.53 -28.14
CA VAL A 160 -10.85 -2.37 -29.03
C VAL A 160 -11.91 -1.27 -28.77
N ILE A 161 -11.44 -0.05 -28.47
CA ILE A 161 -12.29 1.12 -28.25
C ILE A 161 -12.01 2.14 -29.36
N PRO A 162 -12.85 2.20 -30.42
CA PRO A 162 -12.59 3.16 -31.52
C PRO A 162 -12.77 4.63 -31.15
N LEU A 163 -11.64 5.33 -30.90
CA LEU A 163 -11.61 6.75 -30.54
C LEU A 163 -11.80 7.64 -31.77
N LYS A 168 -18.29 8.13 -27.02
CA LYS A 168 -19.02 8.90 -26.01
C LYS A 168 -19.26 8.09 -24.73
N GLU A 169 -19.68 6.83 -24.88
CA GLU A 169 -19.91 5.91 -23.77
C GLU A 169 -18.78 4.88 -23.77
N LEU A 170 -17.75 5.13 -24.63
CA LEU A 170 -16.57 4.29 -24.85
C LEU A 170 -16.99 2.84 -25.19
N LYS A 171 -17.60 2.68 -26.38
CA LYS A 171 -18.08 1.40 -26.90
C LYS A 171 -16.90 0.48 -27.15
N ALA A 172 -16.97 -0.77 -26.65
CA ALA A 172 -15.86 -1.74 -26.78
C ALA A 172 -16.25 -3.12 -27.31
N PHE A 173 -15.28 -3.82 -27.97
CA PHE A 173 -15.45 -5.17 -28.53
C PHE A 173 -14.17 -6.01 -28.45
N ASN A 174 -14.35 -7.33 -28.32
CA ASN A 174 -13.25 -8.29 -28.22
C ASN A 174 -12.94 -9.04 -29.53
N ILE A 175 -11.66 -9.47 -29.67
CA ILE A 175 -11.14 -10.25 -30.80
C ILE A 175 -10.36 -11.45 -30.22
N ARG A 176 -10.71 -12.68 -30.66
CA ARG A 176 -10.07 -13.91 -30.19
C ARG A 176 -8.62 -13.98 -30.63
N LEU A 177 -7.71 -13.62 -29.71
CA LEU A 177 -6.26 -13.63 -29.91
C LEU A 177 -5.71 -15.03 -29.55
N GLU A 178 -5.31 -15.80 -30.59
CA GLU A 178 -4.82 -17.18 -30.52
C GLU A 178 -3.64 -17.40 -29.57
N GLU A 179 -2.68 -16.46 -29.54
CA GLU A 179 -1.48 -16.51 -28.68
C GLU A 179 -1.83 -15.96 -27.31
N LEU A 180 -1.99 -16.87 -26.34
CA LEU A 180 -2.42 -16.58 -24.97
C LEU A 180 -1.43 -15.74 -24.17
N HIS A 181 -0.15 -16.13 -24.18
CA HIS A 181 0.90 -15.49 -23.40
C HIS A 181 1.63 -14.39 -24.15
N VAL A 182 1.10 -13.15 -24.07
CA VAL A 182 1.66 -11.94 -24.69
C VAL A 182 2.49 -11.19 -23.64
N ILE A 183 3.78 -10.94 -23.97
CA ILE A 183 4.72 -10.23 -23.09
C ILE A 183 4.49 -8.71 -23.15
N ASP A 184 4.75 -8.10 -24.33
CA ASP A 184 4.52 -6.66 -24.58
C ASP A 184 3.94 -6.50 -25.99
N VAL A 185 3.17 -5.41 -26.21
CA VAL A 185 2.54 -5.08 -27.48
C VAL A 185 2.50 -3.56 -27.71
N LYS A 186 2.63 -3.13 -28.99
CA LYS A 186 2.59 -1.73 -29.41
C LYS A 186 1.89 -1.61 -30.78
N PHE A 187 1.30 -0.42 -31.07
CA PHE A 187 0.68 -0.16 -32.37
C PHE A 187 1.79 0.29 -33.33
N LEU A 188 1.95 -0.42 -34.45
CA LEU A 188 2.97 -0.10 -35.45
C LEU A 188 2.68 1.20 -36.20
N TYR A 189 3.72 2.02 -36.39
CA TYR A 189 3.64 3.30 -37.10
C TYR A 189 3.67 3.07 -38.62
N GLY A 190 3.12 4.03 -39.36
CA GLY A 190 3.06 4.03 -40.82
C GLY A 190 2.51 2.76 -41.45
N CYS A 191 1.23 2.50 -41.21
CA CYS A 191 0.53 1.33 -41.74
C CYS A 191 -0.82 1.73 -42.34
N GLN A 192 -1.13 1.21 -43.56
CA GLN A 192 -2.39 1.46 -44.28
C GLN A 192 -3.57 0.94 -43.45
N ALA A 193 -3.42 -0.30 -42.92
CA ALA A 193 -4.40 -0.97 -42.06
C ALA A 193 -3.76 -1.07 -40.64
N PRO A 194 -4.40 -0.54 -39.56
CA PRO A 194 -3.78 -0.61 -38.23
C PRO A 194 -3.24 -1.98 -37.84
N THR A 195 -2.00 -2.00 -37.32
CA THR A 195 -1.29 -3.23 -36.96
C THR A 195 -0.66 -3.15 -35.56
N ILE A 196 -0.71 -4.28 -34.84
CA ILE A 196 -0.11 -4.46 -33.51
C ILE A 196 1.00 -5.52 -33.57
N CYS A 197 2.16 -5.19 -33.01
CA CYS A 197 3.30 -6.10 -32.96
C CYS A 197 3.51 -6.52 -31.52
N PHE A 198 3.51 -7.84 -31.27
CA PHE A 198 3.63 -8.39 -29.92
C PHE A 198 4.63 -9.53 -29.75
N VAL A 199 5.34 -9.51 -28.60
CA VAL A 199 6.26 -10.58 -28.22
C VAL A 199 5.38 -11.57 -27.45
N TYR A 200 5.44 -12.86 -27.83
CA TYR A 200 4.64 -13.88 -27.17
C TYR A 200 5.45 -15.14 -26.88
N GLN A 201 5.07 -15.90 -25.84
CA GLN A 201 5.76 -17.13 -25.49
C GLN A 201 4.81 -18.33 -25.57
N ASP A 202 5.33 -19.45 -26.10
CA ASP A 202 4.66 -20.74 -26.25
C ASP A 202 5.63 -21.88 -25.83
N PRO A 203 5.19 -23.17 -25.71
CA PRO A 203 6.15 -24.22 -25.28
C PRO A 203 7.39 -24.38 -26.18
N GLN A 204 7.28 -24.02 -27.47
CA GLN A 204 8.39 -24.07 -28.43
C GLN A 204 9.44 -23.01 -28.09
N GLY A 205 8.99 -21.78 -27.85
CA GLY A 205 9.85 -20.66 -27.49
C GLY A 205 9.13 -19.32 -27.40
N ARG A 206 9.91 -18.22 -27.48
CA ARG A 206 9.39 -16.84 -27.43
C ARG A 206 9.64 -16.19 -28.80
N HIS A 207 8.55 -15.80 -29.48
CA HIS A 207 8.59 -15.25 -30.84
C HIS A 207 7.82 -13.94 -30.96
N VAL A 208 8.25 -13.07 -31.89
CA VAL A 208 7.54 -11.82 -32.16
C VAL A 208 6.55 -12.06 -33.33
N LYS A 209 5.31 -11.53 -33.22
CA LYS A 209 4.25 -11.72 -34.24
C LYS A 209 3.50 -10.41 -34.57
N THR A 210 2.81 -10.39 -35.73
CA THR A 210 2.00 -9.26 -36.20
C THR A 210 0.58 -9.69 -36.57
N TYR A 211 -0.40 -8.81 -36.31
CA TYR A 211 -1.82 -9.00 -36.60
C TYR A 211 -2.44 -7.67 -37.01
N GLU A 212 -3.33 -7.69 -38.02
CA GLU A 212 -4.02 -6.48 -38.50
C GLU A 212 -5.43 -6.43 -37.91
N VAL A 213 -5.75 -5.35 -37.19
CA VAL A 213 -7.05 -5.16 -36.54
C VAL A 213 -8.04 -4.41 -37.43
N SER A 214 -9.14 -5.09 -37.81
CA SER A 214 -10.19 -4.53 -38.66
C SER A 214 -11.38 -4.06 -37.84
N LEU A 215 -11.79 -2.81 -38.05
CA LEU A 215 -12.95 -2.25 -37.34
C LEU A 215 -14.24 -2.63 -38.06
N ARG A 216 -14.27 -2.47 -39.40
CA ARG A 216 -15.42 -2.77 -40.27
C ARG A 216 -15.81 -4.26 -40.28
N GLU A 217 -14.88 -5.15 -39.88
CA GLU A 217 -15.12 -6.59 -39.82
C GLU A 217 -15.13 -7.12 -38.38
N LYS A 218 -14.66 -6.28 -37.41
CA LYS A 218 -14.55 -6.55 -35.97
C LYS A 218 -13.73 -7.82 -35.63
N GLU A 219 -12.70 -8.12 -36.47
CA GLU A 219 -11.83 -9.30 -36.34
C GLU A 219 -10.36 -9.01 -36.69
N PHE A 220 -9.47 -10.03 -36.51
CA PHE A 220 -8.04 -10.01 -36.80
C PHE A 220 -7.74 -10.73 -38.11
N ASN A 221 -6.74 -10.24 -38.86
CA ASN A 221 -6.28 -10.88 -40.10
C ASN A 221 -4.75 -10.80 -40.16
N LYS A 222 -4.11 -11.88 -40.69
CA LYS A 222 -2.66 -12.07 -40.81
C LYS A 222 -1.85 -10.77 -41.00
N GLY A 223 -0.82 -10.61 -40.18
CA GLY A 223 0.04 -9.44 -40.16
C GLY A 223 0.91 -9.24 -41.39
N PRO A 224 1.48 -8.02 -41.57
CA PRO A 224 2.34 -7.77 -42.73
C PRO A 224 3.59 -8.62 -42.83
N TRP A 225 4.16 -9.07 -41.69
CA TRP A 225 5.36 -9.91 -41.74
C TRP A 225 5.31 -11.15 -40.82
N LYS A 226 6.16 -12.14 -41.19
CA LYS A 226 6.34 -13.43 -40.55
C LYS A 226 6.72 -13.38 -39.08
N GLN A 227 6.36 -14.43 -38.34
CA GLN A 227 6.62 -14.64 -36.92
C GLN A 227 8.13 -14.93 -36.71
N GLU A 228 8.94 -13.85 -36.59
CA GLU A 228 10.38 -13.94 -36.41
C GLU A 228 10.71 -14.32 -34.96
N ASN A 229 11.60 -15.32 -34.78
CA ASN A 229 12.02 -15.79 -33.45
C ASN A 229 12.93 -14.78 -32.75
N VAL A 230 12.54 -14.37 -31.52
CA VAL A 230 13.26 -13.41 -30.67
C VAL A 230 13.97 -14.12 -29.48
N GLU A 231 14.71 -13.34 -28.66
CA GLU A 231 15.45 -13.81 -27.47
C GLU A 231 14.49 -14.50 -26.47
N ALA A 232 14.99 -15.53 -25.76
CA ALA A 232 14.22 -16.30 -24.75
C ALA A 232 13.66 -15.40 -23.64
N GLU A 233 14.35 -14.28 -23.36
CA GLU A 233 13.99 -13.28 -22.37
C GLU A 233 13.69 -11.90 -23.00
N ALA A 234 13.03 -11.89 -24.18
CA ALA A 234 12.64 -10.66 -24.85
C ALA A 234 11.48 -10.07 -24.04
N SER A 235 11.65 -8.84 -23.55
CA SER A 235 10.71 -8.16 -22.65
C SER A 235 9.89 -7.02 -23.25
N MET A 236 10.50 -6.08 -24.01
CA MET A 236 9.71 -4.96 -24.50
C MET A 236 9.79 -4.71 -26.02
N VAL A 237 8.66 -4.20 -26.57
CA VAL A 237 8.46 -3.82 -27.97
C VAL A 237 8.51 -2.29 -28.01
N ILE A 238 9.35 -1.72 -28.87
CA ILE A 238 9.43 -0.26 -29.03
C ILE A 238 9.06 0.07 -30.45
N ALA A 239 7.84 0.60 -30.64
CA ALA A 239 7.33 1.03 -31.94
C ALA A 239 8.08 2.30 -32.35
N VAL A 240 8.81 2.20 -33.46
CA VAL A 240 9.64 3.29 -33.96
C VAL A 240 8.92 4.01 -35.13
N PRO A 241 8.81 5.36 -35.09
CA PRO A 241 8.09 6.07 -36.17
C PRO A 241 8.80 6.12 -37.52
N GLU A 242 8.14 6.73 -38.53
CA GLU A 242 8.65 6.91 -39.90
C GLU A 242 9.88 7.87 -39.87
N PRO A 243 10.87 7.76 -40.79
CA PRO A 243 10.96 6.87 -41.97
C PRO A 243 11.45 5.44 -41.69
N PHE A 244 11.72 5.14 -40.41
CA PHE A 244 12.21 3.84 -39.95
C PHE A 244 11.13 2.75 -40.04
N GLY A 245 10.09 2.87 -39.20
CA GLY A 245 9.01 1.90 -39.11
C GLY A 245 9.42 0.62 -38.42
N GLY A 246 8.48 -0.31 -38.25
CA GLY A 246 8.74 -1.58 -37.59
C GLY A 246 8.86 -1.45 -36.09
N ALA A 247 9.57 -2.42 -35.45
CA ALA A 247 9.75 -2.47 -34.00
C ALA A 247 11.15 -2.88 -33.52
N ILE A 248 11.53 -2.41 -32.31
CA ILE A 248 12.81 -2.72 -31.64
C ILE A 248 12.48 -3.57 -30.43
N ILE A 249 12.87 -4.84 -30.46
CA ILE A 249 12.62 -5.80 -29.38
C ILE A 249 13.82 -5.75 -28.41
N ILE A 250 13.56 -5.61 -27.09
CA ILE A 250 14.62 -5.54 -26.07
C ILE A 250 14.57 -6.78 -25.18
N GLY A 251 15.73 -7.41 -25.00
CA GLY A 251 15.92 -8.58 -24.16
C GLY A 251 16.94 -8.36 -23.07
N GLN A 252 17.39 -9.45 -22.44
CA GLN A 252 18.38 -9.40 -21.36
C GLN A 252 19.76 -9.05 -21.90
N GLU A 253 20.23 -9.79 -22.91
CA GLU A 253 21.55 -9.62 -23.52
C GLU A 253 21.51 -8.90 -24.88
N SER A 254 20.36 -8.99 -25.60
CA SER A 254 20.22 -8.48 -26.96
C SER A 254 19.12 -7.46 -27.23
N ILE A 255 19.36 -6.60 -28.23
CA ILE A 255 18.46 -5.58 -28.77
C ILE A 255 18.36 -5.91 -30.28
N THR A 256 17.17 -6.32 -30.75
CA THR A 256 16.94 -6.69 -32.16
C THR A 256 15.90 -5.79 -32.83
N TYR A 257 16.00 -5.62 -34.15
CA TYR A 257 15.08 -4.80 -34.95
C TYR A 257 14.42 -5.66 -36.02
N HIS A 258 13.08 -5.51 -36.17
CA HIS A 258 12.30 -6.27 -37.14
C HIS A 258 11.42 -5.39 -38.01
N ASN A 259 11.49 -5.60 -39.35
CA ASN A 259 10.70 -4.88 -40.36
C ASN A 259 10.56 -5.77 -41.61
N GLY A 260 9.98 -6.97 -41.41
CA GLY A 260 9.77 -7.96 -42.46
C GLY A 260 11.06 -8.62 -42.90
N ASP A 261 11.61 -8.16 -44.04
CA ASP A 261 12.86 -8.63 -44.62
C ASP A 261 14.08 -7.91 -44.01
N LYS A 262 13.83 -6.81 -43.24
CA LYS A 262 14.84 -6.00 -42.56
C LYS A 262 15.09 -6.49 -41.12
N TYR A 263 16.37 -6.79 -40.79
CA TYR A 263 16.85 -7.33 -39.52
C TYR A 263 18.18 -6.69 -39.11
N LEU A 264 18.37 -6.43 -37.80
CA LEU A 264 19.60 -5.85 -37.23
C LEU A 264 19.71 -6.24 -35.74
N ALA A 265 20.47 -7.32 -35.46
CA ALA A 265 20.68 -7.89 -34.12
C ALA A 265 21.99 -7.43 -33.45
N ILE A 266 21.87 -6.78 -32.28
CA ILE A 266 23.04 -6.34 -31.48
C ILE A 266 22.98 -6.92 -30.04
N ALA A 267 24.15 -7.28 -29.49
CA ALA A 267 24.31 -7.83 -28.14
C ALA A 267 25.39 -7.06 -27.35
N PRO A 268 25.04 -5.87 -26.78
CA PRO A 268 26.04 -5.09 -26.04
C PRO A 268 26.29 -5.66 -24.63
N PRO A 269 27.57 -5.75 -24.17
CA PRO A 269 27.83 -6.29 -22.83
C PRO A 269 27.41 -5.37 -21.68
N ILE A 270 27.37 -4.05 -21.93
CA ILE A 270 27.03 -2.99 -20.98
C ILE A 270 25.61 -3.12 -20.35
N ILE A 271 24.69 -3.83 -21.04
CA ILE A 271 23.29 -4.04 -20.61
C ILE A 271 23.05 -5.44 -19.97
N LYS A 272 24.13 -6.23 -19.78
CA LYS A 272 24.05 -7.58 -19.21
C LYS A 272 23.75 -7.62 -17.70
N GLN A 273 24.37 -6.71 -16.90
CA GLN A 273 24.22 -6.63 -15.43
C GLN A 273 22.77 -6.60 -14.95
N SER A 274 21.94 -5.70 -15.53
CA SER A 274 20.53 -5.56 -15.18
C SER A 274 19.62 -5.46 -16.41
N THR A 275 18.37 -5.90 -16.27
CA THR A 275 17.34 -5.92 -17.32
C THR A 275 16.84 -4.50 -17.58
N ILE A 276 16.60 -4.14 -18.86
CA ILE A 276 16.07 -2.81 -19.23
C ILE A 276 14.55 -2.85 -18.96
N VAL A 277 14.10 -1.99 -18.05
CA VAL A 277 12.72 -1.96 -17.58
C VAL A 277 11.87 -0.83 -18.16
N CYS A 278 12.50 0.30 -18.54
CA CYS A 278 11.75 1.42 -19.12
C CYS A 278 12.50 2.12 -20.24
N HIS A 279 11.74 2.84 -21.09
CA HIS A 279 12.29 3.60 -22.21
C HIS A 279 11.55 4.92 -22.42
N ASN A 280 12.02 5.73 -23.39
CA ASN A 280 11.44 7.01 -23.79
C ASN A 280 12.00 7.48 -25.13
N ARG A 281 11.20 8.22 -25.91
CA ARG A 281 11.63 8.73 -27.21
C ARG A 281 12.23 10.13 -27.05
N VAL A 282 13.46 10.30 -27.54
CA VAL A 282 14.22 11.55 -27.44
C VAL A 282 13.97 12.41 -28.70
N ASP A 283 14.29 11.87 -29.89
CA ASP A 283 14.08 12.53 -31.19
C ASP A 283 12.73 12.09 -31.74
N PRO A 284 11.84 13.04 -32.16
CA PRO A 284 10.51 12.65 -32.64
C PRO A 284 10.49 11.69 -33.85
N ASN A 285 11.54 11.72 -34.67
CA ASN A 285 11.69 10.86 -35.84
C ASN A 285 12.03 9.41 -35.44
N GLY A 286 12.66 9.24 -34.28
CA GLY A 286 13.04 7.95 -33.73
C GLY A 286 14.50 7.56 -33.90
N SER A 287 15.42 8.53 -33.76
CA SER A 287 16.88 8.30 -33.89
C SER A 287 17.58 8.06 -32.56
N ARG A 288 17.01 8.60 -31.46
CA ARG A 288 17.53 8.42 -30.11
C ARG A 288 16.41 8.01 -29.14
N TYR A 289 16.73 7.07 -28.24
CA TYR A 289 15.82 6.57 -27.22
C TYR A 289 16.53 6.46 -25.88
N LEU A 290 15.86 6.85 -24.80
CA LEU A 290 16.42 6.67 -23.45
C LEU A 290 16.07 5.27 -22.95
N LEU A 291 17.03 4.58 -22.33
CA LEU A 291 16.82 3.24 -21.76
C LEU A 291 17.19 3.26 -20.29
N GLY A 292 16.43 2.53 -19.47
CA GLY A 292 16.66 2.48 -18.03
C GLY A 292 16.57 1.07 -17.47
N ASP A 293 17.54 0.71 -16.61
CA ASP A 293 17.56 -0.62 -15.98
C ASP A 293 17.09 -0.57 -14.52
N MET A 294 17.11 -1.74 -13.84
CA MET A 294 16.70 -1.90 -12.45
C MET A 294 17.70 -1.34 -11.44
N GLU A 295 18.92 -1.03 -11.89
CA GLU A 295 19.98 -0.51 -11.01
C GLU A 295 20.17 1.02 -11.13
N GLY A 296 19.29 1.67 -11.89
CA GLY A 296 19.32 3.11 -12.08
C GLY A 296 20.34 3.61 -13.09
N ARG A 297 20.76 2.76 -14.05
CA ARG A 297 21.68 3.17 -15.10
C ARG A 297 20.87 3.73 -16.28
N LEU A 298 21.35 4.82 -16.89
CA LEU A 298 20.68 5.46 -18.03
C LEU A 298 21.45 5.25 -19.32
N PHE A 299 20.78 4.75 -20.37
CA PHE A 299 21.36 4.42 -21.67
C PHE A 299 20.73 5.19 -22.81
N MET A 300 21.48 5.32 -23.91
CA MET A 300 21.02 6.00 -25.11
C MET A 300 21.06 5.03 -26.30
N LEU A 301 19.89 4.66 -26.84
CA LEU A 301 19.83 3.78 -28.00
C LEU A 301 19.81 4.64 -29.25
N LEU A 302 20.97 4.76 -29.93
CA LEU A 302 21.13 5.56 -31.14
C LEU A 302 20.95 4.74 -32.42
N LEU A 303 20.26 5.34 -33.42
CA LEU A 303 19.94 4.76 -34.73
C LEU A 303 20.59 5.58 -35.85
N LEU A 318 22.24 0.16 -34.97
CA LEU A 318 21.95 0.32 -33.55
C LEU A 318 23.21 0.39 -32.70
N ARG A 319 23.25 1.36 -31.76
CA ARG A 319 24.36 1.55 -30.83
C ARG A 319 23.82 2.00 -29.47
N VAL A 320 24.42 1.49 -28.38
CA VAL A 320 24.02 1.84 -27.01
C VAL A 320 25.20 2.45 -26.29
N GLU A 321 24.95 3.56 -25.58
CA GLU A 321 25.96 4.30 -24.81
C GLU A 321 25.40 4.60 -23.41
N LEU A 322 26.18 4.28 -22.35
CA LEU A 322 25.79 4.55 -20.97
C LEU A 322 25.99 6.04 -20.69
N LEU A 323 24.93 6.72 -20.27
CA LEU A 323 24.94 8.15 -19.98
C LEU A 323 25.36 8.44 -18.53
N GLY A 324 24.76 7.73 -17.57
CA GLY A 324 25.07 7.89 -16.15
C GLY A 324 24.11 7.16 -15.23
N GLU A 325 24.10 7.55 -13.95
CA GLU A 325 23.25 6.93 -12.94
C GLU A 325 22.19 7.91 -12.41
N THR A 326 20.97 7.41 -12.27
CA THR A 326 19.81 8.15 -11.75
C THR A 326 19.19 7.30 -10.63
N SER A 327 17.99 7.71 -10.16
CA SER A 327 17.21 6.93 -9.23
C SER A 327 16.64 5.74 -10.02
N ILE A 328 16.23 4.65 -9.34
CA ILE A 328 15.67 3.49 -10.03
C ILE A 328 14.35 3.93 -10.67
N ALA A 329 14.43 4.20 -11.98
CA ALA A 329 13.33 4.71 -12.78
C ALA A 329 12.27 3.69 -13.04
N GLU A 330 11.04 4.08 -12.77
CA GLU A 330 9.84 3.32 -13.04
C GLU A 330 9.45 3.71 -14.47
N CYS A 331 9.53 5.02 -14.74
CA CYS A 331 9.24 5.65 -16.02
C CYS A 331 10.24 6.77 -16.28
N LEU A 332 10.49 7.05 -17.57
CA LEU A 332 11.40 8.10 -18.01
C LEU A 332 10.67 9.01 -19.00
N THR A 333 11.00 10.32 -18.99
CA THR A 333 10.44 11.31 -19.91
C THR A 333 11.44 12.37 -20.33
N TYR A 334 11.64 12.47 -21.66
CA TYR A 334 12.47 13.51 -22.22
C TYR A 334 11.59 14.71 -22.46
N LEU A 335 12.04 15.87 -21.99
CA LEU A 335 11.34 17.14 -22.09
C LEU A 335 12.31 18.28 -22.38
N ASP A 336 11.91 19.19 -23.30
CA ASP A 336 12.70 20.34 -23.74
C ASP A 336 14.09 19.91 -24.25
N ASN A 337 15.15 20.68 -23.89
CA ASN A 337 16.52 20.41 -24.32
C ASN A 337 17.43 20.01 -23.17
N GLY A 338 17.89 18.76 -23.22
CA GLY A 338 18.80 18.18 -22.23
C GLY A 338 18.18 17.65 -20.95
N VAL A 339 17.09 18.28 -20.47
CA VAL A 339 16.43 17.90 -19.21
C VAL A 339 15.61 16.60 -19.39
N VAL A 340 15.67 15.72 -18.36
CA VAL A 340 14.99 14.41 -18.32
C VAL A 340 14.29 14.24 -16.98
N PHE A 341 13.06 13.70 -17.01
CA PHE A 341 12.33 13.41 -15.78
C PHE A 341 12.44 11.91 -15.47
N VAL A 342 12.95 11.63 -14.26
CA VAL A 342 13.10 10.26 -13.75
C VAL A 342 11.98 10.03 -12.73
N GLY A 343 11.00 9.25 -13.16
CA GLY A 343 9.86 8.90 -12.32
C GLY A 343 10.18 7.65 -11.54
N SER A 344 10.52 7.81 -10.26
CA SER A 344 10.90 6.70 -9.40
C SER A 344 9.84 6.33 -8.37
N ARG A 345 9.63 5.01 -8.21
CA ARG A 345 8.69 4.39 -7.28
C ARG A 345 9.46 3.82 -6.05
N LEU A 346 10.76 3.50 -6.23
CA LEU A 346 11.62 2.96 -5.17
C LEU A 346 12.41 4.04 -4.42
N GLY A 347 12.55 5.21 -5.03
CA GLY A 347 13.28 6.33 -4.46
C GLY A 347 12.75 7.67 -4.91
N ASP A 348 13.41 8.76 -4.45
CA ASP A 348 13.06 10.14 -4.78
C ASP A 348 13.10 10.36 -6.29
N SER A 349 12.05 10.97 -6.86
CA SER A 349 11.97 11.27 -8.29
C SER A 349 12.96 12.38 -8.67
N GLN A 350 13.33 12.45 -9.96
CA GLN A 350 14.36 13.40 -10.36
C GLN A 350 14.13 14.21 -11.62
N LEU A 351 14.91 15.29 -11.73
CA LEU A 351 15.14 16.17 -12.87
C LEU A 351 16.66 16.07 -13.09
N VAL A 352 17.08 15.58 -14.28
CA VAL A 352 18.51 15.42 -14.59
C VAL A 352 18.84 16.02 -15.94
N LYS A 353 20.09 16.50 -16.12
CA LYS A 353 20.58 17.11 -17.36
C LYS A 353 21.54 16.19 -18.12
N LEU A 354 21.22 15.92 -19.39
CA LEU A 354 22.02 15.11 -20.31
C LEU A 354 23.01 16.01 -21.07
N ASN A 355 24.20 16.23 -20.48
CA ASN A 355 25.26 17.06 -21.05
C ASN A 355 25.93 16.38 -22.24
N VAL A 356 26.34 17.16 -23.25
CA VAL A 356 27.03 16.67 -24.45
C VAL A 356 28.46 16.20 -24.13
N ASP A 357 29.07 16.78 -23.08
CA ASP A 357 30.42 16.46 -22.62
C ASP A 357 30.40 15.84 -21.22
N SER A 358 31.07 14.68 -21.07
CA SER A 358 31.20 13.93 -19.81
C SER A 358 32.12 14.65 -18.83
N ASN A 359 31.81 14.56 -17.53
CA ASN A 359 32.61 15.17 -16.46
C ASN A 359 33.89 14.34 -16.16
N GLU A 360 34.61 14.69 -15.07
CA GLU A 360 35.85 14.03 -14.64
C GLU A 360 35.64 12.54 -14.35
N GLN A 361 34.48 12.21 -13.74
CA GLN A 361 34.06 10.84 -13.41
C GLN A 361 33.58 10.10 -14.68
N GLY A 362 33.20 10.85 -15.71
CA GLY A 362 32.75 10.32 -17.01
C GLY A 362 31.24 10.30 -17.22
N SER A 363 30.48 10.86 -16.26
CA SER A 363 29.02 10.91 -16.31
C SER A 363 28.47 12.08 -17.13
N TYR A 364 27.59 11.76 -18.09
CA TYR A 364 26.91 12.71 -18.96
C TYR A 364 25.61 13.18 -18.27
N VAL A 365 25.30 12.63 -17.08
CA VAL A 365 24.13 12.92 -16.26
C VAL A 365 24.51 13.72 -15.01
N VAL A 366 23.80 14.85 -14.76
CA VAL A 366 23.97 15.72 -13.59
C VAL A 366 22.59 15.99 -12.96
N ALA A 367 22.46 15.73 -11.65
CA ALA A 367 21.22 15.91 -10.89
C ALA A 367 20.90 17.38 -10.63
N MET A 368 19.67 17.79 -11.02
CA MET A 368 19.18 19.16 -10.86
C MET A 368 18.30 19.27 -9.63
N GLU A 369 17.15 18.57 -9.62
CA GLU A 369 16.19 18.61 -8.53
C GLU A 369 15.72 17.22 -8.09
N THR A 370 15.59 17.07 -6.78
CA THR A 370 15.17 15.86 -6.08
C THR A 370 13.78 16.11 -5.51
N PHE A 371 12.87 15.14 -5.74
CA PHE A 371 11.49 15.18 -5.25
C PHE A 371 11.23 14.06 -4.23
N THR A 372 10.93 14.44 -2.96
CA THR A 372 10.67 13.50 -1.85
C THR A 372 9.60 12.45 -2.19
N ASN A 373 9.98 11.17 -2.01
CA ASN A 373 9.16 9.98 -2.17
C ASN A 373 9.36 9.12 -0.91
N LEU A 374 8.28 8.89 -0.14
CA LEU A 374 8.35 8.08 1.09
C LEU A 374 8.23 6.56 0.79
N GLY A 375 7.66 6.22 -0.36
CA GLY A 375 7.41 4.85 -0.79
C GLY A 375 8.58 4.02 -1.28
N PRO A 376 8.60 2.70 -0.92
CA PRO A 376 7.63 2.01 -0.05
C PRO A 376 7.89 2.17 1.44
N ILE A 377 6.81 2.33 2.22
CA ILE A 377 6.92 2.35 3.67
C ILE A 377 6.76 0.87 4.06
N VAL A 378 7.87 0.21 4.44
CA VAL A 378 7.91 -1.21 4.77
C VAL A 378 7.78 -1.47 6.29
N ASP A 379 7.93 -0.41 7.11
CA ASP A 379 7.81 -0.38 8.57
C ASP A 379 7.93 1.05 9.06
N MET A 380 7.35 1.35 10.24
CA MET A 380 7.37 2.69 10.85
C MET A 380 7.06 2.65 12.34
N CYS A 381 7.27 3.78 13.03
CA CYS A 381 6.94 3.97 14.44
C CYS A 381 6.76 5.45 14.78
N VAL A 382 5.92 5.71 15.80
CA VAL A 382 5.62 7.05 16.30
C VAL A 382 6.45 7.26 17.56
N VAL A 383 7.32 8.29 17.54
CA VAL A 383 8.20 8.62 18.66
C VAL A 383 8.10 10.12 19.00
N ASP A 384 7.93 10.43 20.31
CA ASP A 384 7.86 11.79 20.83
C ASP A 384 9.26 12.44 20.89
N LEU A 385 9.89 12.61 19.71
CA LEU A 385 11.18 13.28 19.57
C LEU A 385 10.91 14.77 19.78
N GLU A 386 11.96 15.54 20.18
CA GLU A 386 11.88 16.99 20.45
C GLU A 386 10.97 17.28 21.66
N ARG A 387 9.64 17.37 21.43
CA ARG A 387 8.65 17.65 22.48
C ARG A 387 7.68 16.50 22.74
N GLN A 388 7.39 16.24 24.05
CA GLN A 388 6.45 15.22 24.50
C GLN A 388 5.02 15.69 24.17
N GLY A 389 4.21 14.76 23.64
CA GLY A 389 2.85 15.04 23.19
C GLY A 389 2.80 15.27 21.69
N GLN A 390 3.90 15.83 21.14
CA GLN A 390 4.13 16.09 19.72
C GLN A 390 4.75 14.82 19.14
N GLY A 391 3.93 14.04 18.45
CA GLY A 391 4.36 12.79 17.84
C GLY A 391 5.02 12.98 16.50
N GLN A 392 6.07 12.19 16.25
CA GLN A 392 6.81 12.18 14.99
C GLN A 392 6.78 10.75 14.43
N LEU A 393 6.80 10.62 13.09
CA LEU A 393 6.71 9.33 12.43
C LEU A 393 8.01 8.97 11.69
N VAL A 394 8.75 7.98 12.20
CA VAL A 394 10.00 7.53 11.57
C VAL A 394 9.71 6.24 10.76
N THR A 395 9.94 6.30 9.44
CA THR A 395 9.67 5.19 8.52
C THR A 395 10.93 4.56 7.94
N CYS A 396 10.77 3.29 7.51
CA CYS A 396 11.74 2.49 6.76
C CYS A 396 11.24 2.66 5.32
N SER A 397 11.85 3.59 4.59
CA SER A 397 11.43 3.97 3.24
C SER A 397 12.40 3.58 2.14
N GLY A 398 11.85 3.32 0.95
CA GLY A 398 12.63 2.97 -0.23
C GLY A 398 13.24 1.59 -0.19
N ALA A 399 14.00 1.23 -1.23
CA ALA A 399 14.66 -0.08 -1.33
C ALA A 399 16.00 0.04 -2.02
N PHE A 400 16.90 -0.92 -1.76
CA PHE A 400 18.23 -0.99 -2.37
C PHE A 400 19.04 0.31 -2.14
N LYS A 401 19.71 0.86 -3.19
CA LYS A 401 20.54 2.09 -3.08
C LYS A 401 19.73 3.35 -2.65
N GLU A 402 18.41 3.28 -2.81
CA GLU A 402 17.44 4.35 -2.50
C GLU A 402 16.87 4.22 -1.09
N GLY A 403 17.40 3.26 -0.32
CA GLY A 403 16.95 3.01 1.04
C GLY A 403 17.23 4.19 1.94
N SER A 404 16.25 4.53 2.78
CA SER A 404 16.33 5.70 3.65
C SER A 404 15.45 5.59 4.89
N LEU A 405 15.68 6.51 5.83
CA LEU A 405 14.82 6.71 6.98
C LEU A 405 14.10 8.03 6.69
N ARG A 406 12.82 8.14 7.07
CA ARG A 406 12.08 9.38 6.85
C ARG A 406 11.44 9.81 8.12
N ILE A 407 11.64 11.08 8.50
CA ILE A 407 11.02 11.60 9.73
C ILE A 407 9.96 12.60 9.33
N ILE A 408 8.70 12.23 9.60
CA ILE A 408 7.54 13.05 9.27
C ILE A 408 6.97 13.65 10.54
N ARG A 409 7.04 14.99 10.58
CA ARG A 409 6.65 15.87 11.69
C ARG A 409 5.66 16.91 11.18
N ASN A 410 4.56 17.10 11.93
CA ASN A 410 3.52 18.08 11.62
C ASN A 410 4.01 19.49 12.02
N GLY A 411 4.02 20.41 11.06
CA GLY A 411 4.45 21.78 11.29
C GLY A 411 5.71 22.25 10.57
N ILE A 412 5.78 23.57 10.31
CA ILE A 412 6.89 24.24 9.64
C ILE A 412 8.00 24.50 10.67
N GLY A 413 9.25 24.46 10.20
CA GLY A 413 10.42 24.66 11.04
C GLY A 413 11.20 25.91 10.70
N ILE A 414 12.05 26.33 11.65
CA ILE A 414 12.90 27.52 11.54
C ILE A 414 14.36 27.13 11.66
N HIS A 415 15.21 27.71 10.79
CA HIS A 415 16.65 27.46 10.79
C HIS A 415 17.40 28.67 11.32
N GLU A 416 17.72 28.61 12.62
CA GLU A 416 18.41 29.61 13.43
C GLU A 416 19.83 29.87 12.94
N HIS A 417 20.17 31.14 12.69
CA HIS A 417 21.49 31.56 12.22
C HIS A 417 22.21 32.49 13.21
N ALA A 418 21.42 33.16 14.07
CA ALA A 418 21.87 34.06 15.12
C ALA A 418 20.89 33.94 16.29
N SER A 419 21.41 34.10 17.52
CA SER A 419 20.61 34.03 18.75
C SER A 419 21.18 35.06 19.72
N ILE A 420 20.37 36.03 20.14
CA ILE A 420 20.83 37.12 21.03
C ILE A 420 19.98 37.23 22.31
N ASP A 421 20.65 37.42 23.46
CA ASP A 421 19.98 37.58 24.75
C ASP A 421 19.43 39.01 24.91
N LEU A 422 18.13 39.17 24.63
CA LEU A 422 17.41 40.44 24.73
C LEU A 422 16.01 40.14 25.28
N PRO A 423 15.86 40.01 26.62
CA PRO A 423 14.53 39.67 27.15
C PRO A 423 13.53 40.82 27.12
N GLY A 424 12.25 40.45 27.10
CA GLY A 424 11.12 41.36 27.12
C GLY A 424 11.00 42.29 25.94
N ILE A 425 11.07 41.73 24.72
CA ILE A 425 10.91 42.49 23.48
C ILE A 425 9.40 42.63 23.28
N LYS A 426 8.96 43.87 23.04
CA LYS A 426 7.55 44.23 22.81
C LYS A 426 7.28 44.65 21.35
N GLY A 427 8.30 44.60 20.49
CA GLY A 427 8.19 44.96 19.09
C GLY A 427 9.46 44.80 18.27
N LEU A 428 9.31 44.47 16.96
CA LEU A 428 10.41 44.27 15.99
C LEU A 428 10.10 44.94 14.67
N TRP A 429 11.03 45.76 14.14
CA TRP A 429 10.87 46.41 12.83
C TRP A 429 12.16 46.49 12.02
N PRO A 430 12.10 46.09 10.73
CA PRO A 430 13.30 46.16 9.89
C PRO A 430 13.43 47.51 9.19
N LEU A 431 14.67 47.95 8.99
CA LEU A 431 14.99 49.24 8.37
C LEU A 431 16.15 49.17 7.40
N ARG A 432 16.16 50.12 6.45
CA ARG A 432 17.22 50.33 5.48
C ARG A 432 17.75 51.74 5.78
N SER A 433 18.82 51.82 6.59
CA SER A 433 19.44 53.09 6.98
C SER A 433 20.13 53.79 5.81
N ASP A 434 20.41 53.04 4.72
CA ASP A 434 21.01 53.55 3.50
C ASP A 434 19.95 53.46 2.38
N PRO A 435 19.49 54.62 1.82
CA PRO A 435 18.46 54.57 0.77
C PRO A 435 18.94 53.98 -0.55
N ASN A 436 20.26 54.05 -0.79
CA ASN A 436 20.94 53.53 -1.99
C ASN A 436 20.93 51.99 -2.00
N ARG A 437 20.84 51.35 -0.81
CA ARG A 437 20.81 49.89 -0.66
C ARG A 437 19.38 49.35 -0.64
N GLU A 438 19.19 48.14 -1.19
CA GLU A 438 17.89 47.48 -1.26
C GLU A 438 17.66 46.55 -0.05
N THR A 439 18.75 46.22 0.70
CA THR A 439 18.70 45.33 1.86
C THR A 439 18.60 46.07 3.20
N ASP A 440 17.97 45.40 4.18
CA ASP A 440 17.80 45.83 5.56
C ASP A 440 19.16 45.76 6.26
N ASP A 441 19.58 46.84 6.92
CA ASP A 441 20.85 46.88 7.64
C ASP A 441 20.65 47.30 9.11
N THR A 442 19.40 47.59 9.48
CA THR A 442 18.99 48.05 10.80
C THR A 442 17.76 47.27 11.31
N LEU A 443 17.80 46.84 12.57
CA LEU A 443 16.69 46.16 13.24
C LEU A 443 16.30 46.96 14.51
N VAL A 444 15.04 47.42 14.58
CA VAL A 444 14.59 48.23 15.71
C VAL A 444 13.69 47.45 16.63
N LEU A 445 14.12 47.41 17.90
CA LEU A 445 13.49 46.70 19.00
C LEU A 445 12.80 47.67 19.94
N SER A 446 11.66 47.23 20.49
CA SER A 446 10.83 47.96 21.44
C SER A 446 10.77 47.19 22.75
N PHE A 447 10.88 47.90 23.86
CA PHE A 447 10.82 47.32 25.19
C PHE A 447 9.88 48.17 26.03
N VAL A 448 9.57 47.75 27.26
CA VAL A 448 8.68 48.49 28.17
C VAL A 448 9.27 49.90 28.38
N GLY A 449 8.64 50.88 27.75
CA GLY A 449 9.05 52.28 27.82
C GLY A 449 10.39 52.66 27.21
N GLN A 450 11.02 51.73 26.45
CA GLN A 450 12.32 51.93 25.82
C GLN A 450 12.35 51.44 24.37
N THR A 451 13.37 51.93 23.63
CA THR A 451 13.65 51.53 22.25
C THR A 451 15.15 51.39 22.10
N ARG A 452 15.59 50.24 21.57
CA ARG A 452 17.00 49.95 21.27
C ARG A 452 17.11 49.73 19.75
N VAL A 453 18.26 50.12 19.17
CA VAL A 453 18.53 49.99 17.73
C VAL A 453 19.76 49.11 17.47
N LEU A 454 19.60 48.08 16.62
CA LEU A 454 20.69 47.18 16.25
C LEU A 454 21.07 47.36 14.79
N MET A 455 22.38 47.33 14.50
CA MET A 455 22.90 47.42 13.15
C MET A 455 23.47 46.07 12.70
N LEU A 456 23.24 45.74 11.43
CA LEU A 456 23.68 44.49 10.84
C LEU A 456 24.83 44.72 9.85
N ASN A 457 26.06 44.55 10.37
CA ASN A 457 27.30 44.66 9.62
C ASN A 457 27.64 43.26 9.15
N GLY A 458 26.92 42.84 8.11
CA GLY A 458 27.02 41.50 7.55
C GLY A 458 26.35 40.52 8.48
N GLU A 459 27.12 39.55 9.00
CA GLU A 459 26.60 38.55 9.93
C GLU A 459 26.70 39.04 11.38
N GLU A 460 27.32 40.22 11.60
CA GLU A 460 27.54 40.83 12.93
C GLU A 460 26.41 41.77 13.32
N VAL A 461 25.74 41.47 14.45
CA VAL A 461 24.67 42.30 14.99
C VAL A 461 25.27 43.18 16.10
N GLU A 462 25.08 44.50 16.03
CA GLU A 462 25.67 45.43 17.00
C GLU A 462 24.71 46.51 17.50
N GLU A 463 24.80 46.85 18.79
CA GLU A 463 24.00 47.89 19.45
C GLU A 463 24.44 49.27 18.93
N THR A 464 23.47 50.10 18.50
CA THR A 464 23.68 51.45 17.97
C THR A 464 22.51 52.41 18.29
N GLU A 465 22.64 53.69 17.91
CA GLU A 465 21.65 54.74 18.15
C GLU A 465 21.33 55.45 16.82
N LEU A 466 20.08 55.31 16.35
CA LEU A 466 19.66 55.96 15.12
C LEU A 466 19.28 57.41 15.44
N MET A 467 20.02 58.37 14.84
CA MET A 467 19.79 59.81 15.03
C MET A 467 18.40 60.21 14.54
N GLY A 468 17.66 60.91 15.39
CA GLY A 468 16.30 61.37 15.11
C GLY A 468 15.27 60.59 15.89
N PHE A 469 15.58 59.31 16.14
CA PHE A 469 14.77 58.35 16.90
C PHE A 469 15.05 58.53 18.39
N VAL A 470 14.01 58.33 19.22
CA VAL A 470 14.10 58.41 20.69
C VAL A 470 14.29 57.02 21.30
N ASP A 471 15.14 56.89 22.32
CA ASP A 471 15.39 55.60 22.98
C ASP A 471 14.61 55.44 24.29
N ASP A 472 14.14 56.57 24.89
CA ASP A 472 13.43 56.63 26.16
C ASP A 472 11.90 56.48 26.06
N GLN A 473 11.39 56.12 24.87
CA GLN A 473 9.95 55.92 24.67
C GLN A 473 9.69 54.63 23.91
N GLN A 474 8.62 53.91 24.29
CA GLN A 474 8.26 52.65 23.65
C GLN A 474 7.68 52.88 22.26
N THR A 475 8.26 52.19 21.25
CA THR A 475 7.87 52.28 19.84
C THR A 475 6.70 51.33 19.52
N PHE A 476 5.76 51.83 18.70
CA PHE A 476 4.59 51.09 18.23
C PHE A 476 4.78 50.76 16.77
N PHE A 477 5.60 51.55 16.06
CA PHE A 477 5.95 51.38 14.65
C PHE A 477 7.13 52.26 14.27
N CYS A 478 7.90 51.77 13.29
CA CYS A 478 9.00 52.43 12.60
C CYS A 478 9.39 51.63 11.35
N GLY A 479 9.76 52.34 10.31
CA GLY A 479 10.14 51.74 9.04
C GLY A 479 10.47 52.78 7.99
N ASN A 480 10.89 52.31 6.81
CA ASN A 480 11.23 53.16 5.68
C ASN A 480 9.94 53.70 5.07
N VAL A 481 9.86 55.03 4.91
CA VAL A 481 8.66 55.67 4.36
C VAL A 481 9.00 56.58 3.16
N ALA A 482 7.93 57.13 2.52
CA ALA A 482 7.97 58.00 1.36
C ALA A 482 8.97 59.13 1.44
N HIS A 483 9.54 59.47 0.27
CA HIS A 483 10.51 60.54 0.02
C HIS A 483 11.84 60.33 0.75
N GLN A 484 12.37 59.08 0.69
CA GLN A 484 13.64 58.66 1.32
C GLN A 484 13.71 59.10 2.80
N GLN A 485 12.65 58.76 3.57
CA GLN A 485 12.51 59.12 4.99
C GLN A 485 12.23 57.88 5.84
N LEU A 486 12.27 58.07 7.16
CA LEU A 486 12.00 57.06 8.20
C LEU A 486 11.01 57.66 9.18
N ILE A 487 10.19 56.80 9.78
CA ILE A 487 9.19 57.21 10.76
C ILE A 487 9.35 56.40 12.07
N GLN A 488 8.92 56.98 13.21
CA GLN A 488 8.94 56.32 14.52
C GLN A 488 7.72 56.82 15.30
N ILE A 489 6.74 55.93 15.53
CA ILE A 489 5.54 56.25 16.29
C ILE A 489 5.73 55.69 17.69
N THR A 490 5.88 56.61 18.65
CA THR A 490 6.06 56.28 20.06
C THR A 490 4.80 56.64 20.81
N SER A 491 4.77 56.31 22.12
CA SER A 491 3.65 56.60 22.99
C SER A 491 3.40 58.11 23.13
N ALA A 492 4.43 58.93 22.84
CA ALA A 492 4.37 60.39 22.94
C ALA A 492 4.09 61.13 21.64
N SER A 493 4.82 60.80 20.55
CA SER A 493 4.66 61.51 19.28
C SER A 493 4.83 60.62 18.02
N VAL A 494 4.73 61.26 16.84
CA VAL A 494 4.96 60.67 15.52
C VAL A 494 6.18 61.45 14.99
N ARG A 495 7.30 60.77 14.84
CA ARG A 495 8.54 61.41 14.43
C ARG A 495 8.94 61.04 13.00
N LEU A 496 9.24 62.06 12.16
CA LEU A 496 9.67 61.89 10.78
C LEU A 496 11.15 62.30 10.65
N VAL A 497 11.99 61.34 10.25
CA VAL A 497 13.44 61.49 10.14
C VAL A 497 13.90 61.34 8.67
N SER A 498 14.77 62.25 8.20
CA SER A 498 15.35 62.19 6.86
C SER A 498 16.54 61.21 6.87
N GLN A 499 16.88 60.60 5.70
CA GLN A 499 17.97 59.63 5.61
C GLN A 499 19.34 60.25 5.24
N GLU A 500 19.36 61.43 4.59
CA GLU A 500 20.61 62.10 4.22
C GLU A 500 20.59 63.60 4.60
N PRO A 501 21.06 63.97 5.81
CA PRO A 501 21.58 63.11 6.88
C PRO A 501 20.47 62.67 7.83
N LYS A 502 20.80 61.89 8.88
CA LYS A 502 19.79 61.49 9.86
C LYS A 502 19.58 62.67 10.81
N ALA A 503 18.35 63.24 10.79
CA ALA A 503 17.90 64.40 11.58
C ALA A 503 16.37 64.47 11.57
N LEU A 504 15.77 65.08 12.60
CA LEU A 504 14.32 65.19 12.67
C LEU A 504 13.83 66.31 11.73
N VAL A 505 12.99 65.92 10.73
CA VAL A 505 12.42 66.84 9.75
C VAL A 505 11.00 67.25 10.12
N SER A 506 10.26 66.39 10.83
CA SER A 506 8.90 66.68 11.27
C SER A 506 8.54 65.89 12.52
N GLU A 507 7.58 66.41 13.31
CA GLU A 507 7.09 65.77 14.53
C GLU A 507 5.62 66.16 14.76
N TRP A 508 4.78 65.17 15.08
CA TRP A 508 3.35 65.35 15.32
C TRP A 508 2.94 64.89 16.71
N LYS A 509 2.10 65.68 17.39
CA LYS A 509 1.56 65.37 18.72
C LYS A 509 0.05 65.67 18.78
N GLU A 510 -0.66 64.98 19.69
CA GLU A 510 -2.09 65.18 19.99
C GLU A 510 -2.20 66.61 20.60
N PRO A 511 -3.21 67.44 20.24
CA PRO A 511 -3.25 68.84 20.74
C PRO A 511 -3.15 69.07 22.26
N GLN A 512 -3.68 68.16 23.09
CA GLN A 512 -3.62 68.25 24.56
C GLN A 512 -2.44 67.44 25.16
N ALA A 513 -1.36 67.24 24.35
CA ALA A 513 -0.13 66.50 24.67
C ALA A 513 -0.38 65.06 25.19
N LYS A 514 -1.54 64.49 24.85
CA LYS A 514 -1.94 63.14 25.26
C LYS A 514 -1.13 62.08 24.55
N ASN A 515 -1.10 60.89 25.14
CA ASN A 515 -0.38 59.73 24.66
C ASN A 515 -1.14 58.98 23.56
N ILE A 516 -0.39 58.51 22.55
CA ILE A 516 -0.88 57.70 21.44
C ILE A 516 -1.11 56.30 22.04
N SER A 517 -2.32 55.74 21.86
CA SER A 517 -2.69 54.45 22.40
C SER A 517 -2.41 53.31 21.40
N VAL A 518 -2.98 53.44 20.19
CA VAL A 518 -2.86 52.49 19.08
C VAL A 518 -2.24 53.27 17.89
N ALA A 519 -1.55 52.56 16.97
CA ALA A 519 -0.89 53.14 15.80
C ALA A 519 -0.77 52.15 14.68
N SER A 520 -1.00 52.62 13.44
CA SER A 520 -0.87 51.86 12.18
C SER A 520 -0.23 52.80 11.17
N CYS A 521 0.69 52.27 10.34
CA CYS A 521 1.40 53.07 9.35
C CYS A 521 1.84 52.22 8.17
N ASN A 522 1.68 52.76 6.95
CA ASN A 522 2.16 52.12 5.72
C ASN A 522 3.38 52.92 5.18
N SER A 523 3.35 53.44 3.93
CA SER A 523 4.47 54.20 3.39
C SER A 523 4.14 55.67 3.15
N SER A 524 2.85 55.95 2.97
CA SER A 524 2.35 57.30 2.72
C SER A 524 1.43 57.75 3.83
N GLN A 525 0.81 56.81 4.54
CA GLN A 525 -0.22 57.07 5.55
C GLN A 525 0.10 56.58 6.95
N VAL A 526 -0.50 57.26 7.93
CA VAL A 526 -0.42 56.99 9.36
C VAL A 526 -1.83 57.21 9.93
N VAL A 527 -2.32 56.25 10.70
CA VAL A 527 -3.59 56.34 11.42
C VAL A 527 -3.27 55.98 12.87
N VAL A 528 -3.44 56.95 13.78
CA VAL A 528 -3.13 56.79 15.20
C VAL A 528 -4.35 57.03 16.07
N ALA A 529 -4.44 56.25 17.16
CA ALA A 529 -5.54 56.37 18.12
C ALA A 529 -5.05 56.96 19.43
N VAL A 530 -5.88 57.84 20.01
CA VAL A 530 -5.65 58.50 21.29
C VAL A 530 -6.96 58.22 22.04
N GLY A 531 -7.03 57.03 22.62
CA GLY A 531 -8.22 56.55 23.33
C GLY A 531 -9.33 56.20 22.36
N ARG A 532 -10.30 57.13 22.21
CA ARG A 532 -11.44 57.01 21.30
C ARG A 532 -11.17 57.74 19.99
N ALA A 533 -10.32 58.79 20.04
CA ALA A 533 -9.95 59.62 18.90
C ALA A 533 -9.06 58.90 17.91
N LEU A 534 -9.20 59.22 16.62
CA LEU A 534 -8.38 58.74 15.52
C LEU A 534 -7.85 59.93 14.76
N TYR A 535 -6.65 59.82 14.17
CA TYR A 535 -6.05 60.89 13.39
C TYR A 535 -5.41 60.31 12.14
N TYR A 536 -5.79 60.84 10.96
CA TYR A 536 -5.23 60.39 9.70
C TYR A 536 -4.20 61.40 9.19
N LEU A 537 -2.94 60.93 9.11
CA LEU A 537 -1.82 61.73 8.64
C LEU A 537 -1.28 61.18 7.34
N GLN A 538 -0.64 62.07 6.56
CA GLN A 538 0.05 61.73 5.34
C GLN A 538 1.53 62.12 5.45
N ILE A 539 2.41 61.22 4.97
CA ILE A 539 3.85 61.37 4.97
C ILE A 539 4.28 62.10 3.69
N HIS A 540 4.59 63.39 3.82
CA HIS A 540 5.04 64.25 2.72
C HIS A 540 6.52 64.62 2.90
N PRO A 541 7.23 65.25 1.92
CA PRO A 541 8.66 65.58 2.15
C PRO A 541 8.80 66.64 3.24
N GLN A 542 9.52 66.27 4.34
CA GLN A 542 9.79 67.09 5.54
C GLN A 542 8.48 67.58 6.20
N GLU A 543 7.41 66.76 6.10
CA GLU A 543 6.09 67.10 6.62
C GLU A 543 5.25 65.87 6.94
N LEU A 544 4.59 65.93 8.11
CA LEU A 544 3.59 64.95 8.58
C LEU A 544 2.31 65.78 8.58
N ARG A 545 1.53 65.64 7.50
CA ARG A 545 0.31 66.44 7.26
C ARG A 545 -0.90 65.77 7.89
N GLN A 546 -1.65 66.50 8.74
CA GLN A 546 -2.86 65.96 9.34
C GLN A 546 -4.03 66.19 8.39
N ILE A 547 -4.50 65.10 7.74
CA ILE A 547 -5.61 65.16 6.79
C ILE A 547 -6.97 65.23 7.50
N SER A 548 -7.31 64.18 8.28
CA SER A 548 -8.59 64.10 8.99
C SER A 548 -8.47 63.55 10.41
N HIS A 549 -9.60 63.57 11.15
CA HIS A 549 -9.74 63.05 12.51
C HIS A 549 -11.20 62.72 12.82
N THR A 550 -11.42 61.72 13.69
CA THR A 550 -12.74 61.27 14.11
C THR A 550 -12.73 60.83 15.56
N GLU A 551 -13.93 60.73 16.16
CA GLU A 551 -14.15 60.21 17.50
C GLU A 551 -14.95 58.93 17.33
N MET A 552 -14.49 57.85 17.96
CA MET A 552 -15.16 56.56 17.84
C MET A 552 -16.16 56.36 18.97
N GLU A 553 -17.15 55.48 18.74
CA GLU A 553 -18.19 55.12 19.71
C GLU A 553 -17.58 54.56 21.01
N HIS A 554 -16.48 53.79 20.89
CA HIS A 554 -15.79 53.17 22.02
C HIS A 554 -14.27 53.31 21.90
N GLU A 555 -13.52 52.81 22.92
CA GLU A 555 -12.05 52.87 22.94
C GLU A 555 -11.49 52.02 21.78
N VAL A 556 -10.42 52.52 21.13
CA VAL A 556 -9.77 51.82 20.01
C VAL A 556 -8.86 50.72 20.58
N ALA A 557 -8.96 49.50 20.04
CA ALA A 557 -8.16 48.36 20.51
C ALA A 557 -7.02 48.00 19.58
N CYS A 558 -7.25 48.08 18.25
CA CYS A 558 -6.29 47.76 17.18
C CYS A 558 -6.63 48.48 15.87
N LEU A 559 -5.60 48.70 15.02
CA LEU A 559 -5.72 49.38 13.73
C LEU A 559 -4.88 48.74 12.62
N ASP A 560 -5.39 48.83 11.37
CA ASP A 560 -4.67 48.37 10.18
C ASP A 560 -5.02 49.20 8.96
N ILE A 561 -3.99 49.63 8.21
CA ILE A 561 -4.13 50.46 7.00
C ILE A 561 -3.27 49.89 5.85
N THR A 562 -3.18 48.54 5.79
CA THR A 562 -2.43 47.82 4.75
C THR A 562 -3.07 48.11 3.38
N PRO A 563 -2.30 48.62 2.39
CA PRO A 563 -2.90 48.88 1.07
C PRO A 563 -3.03 47.59 0.24
N LEU A 564 -4.28 47.27 -0.12
CA LEU A 564 -4.59 46.06 -0.89
C LEU A 564 -4.99 46.32 -2.34
N GLY A 565 -4.69 45.34 -3.20
CA GLY A 565 -4.96 45.39 -4.63
C GLY A 565 -3.95 46.24 -5.37
N ASP A 566 -4.33 46.73 -6.57
CA ASP A 566 -3.43 47.58 -7.35
C ASP A 566 -3.49 49.04 -6.84
N SER A 567 -3.08 49.21 -5.56
CA SER A 567 -3.02 50.46 -4.83
C SER A 567 -1.53 50.78 -4.60
N ASN A 568 -1.05 51.85 -5.24
CA ASN A 568 0.34 52.29 -5.15
C ASN A 568 0.65 52.93 -3.77
N GLY A 569 0.75 52.07 -2.76
CA GLY A 569 1.03 52.43 -1.36
C GLY A 569 0.06 53.41 -0.70
N LEU A 570 -1.17 53.52 -1.25
CA LEU A 570 -2.21 54.42 -0.75
C LEU A 570 -3.50 53.62 -0.52
N SER A 571 -3.82 53.35 0.76
CA SER A 571 -4.99 52.60 1.17
C SER A 571 -6.22 53.50 1.35
N PRO A 572 -7.36 53.15 0.71
CA PRO A 572 -8.59 53.93 0.91
C PRO A 572 -9.43 53.35 2.07
N LEU A 573 -8.89 52.31 2.76
CA LEU A 573 -9.51 51.59 3.87
C LEU A 573 -8.68 51.61 5.15
N CYS A 574 -9.39 51.55 6.29
CA CYS A 574 -8.84 51.51 7.64
C CYS A 574 -9.65 50.49 8.46
N ALA A 575 -8.98 49.42 8.90
CA ALA A 575 -9.59 48.36 9.72
C ALA A 575 -9.41 48.71 11.19
N ILE A 576 -10.47 48.57 11.99
CA ILE A 576 -10.41 48.93 13.40
C ILE A 576 -11.22 47.99 14.29
N GLY A 577 -10.62 47.63 15.43
CA GLY A 577 -11.23 46.82 16.48
C GLY A 577 -11.53 47.71 17.67
N LEU A 578 -12.73 47.58 18.24
CA LEU A 578 -13.14 48.42 19.37
C LEU A 578 -13.42 47.66 20.65
N TRP A 579 -13.27 48.36 21.79
CA TRP A 579 -13.55 47.84 23.13
C TRP A 579 -15.07 47.85 23.37
N THR A 580 -15.51 47.17 24.45
CA THR A 580 -16.87 47.05 25.00
C THR A 580 -17.88 46.41 24.00
N ASP A 581 -18.12 47.01 22.80
CA ASP A 581 -19.04 46.45 21.81
C ASP A 581 -18.46 45.22 21.08
N ILE A 582 -17.11 45.06 21.11
CA ILE A 582 -16.33 43.97 20.51
C ILE A 582 -16.66 43.91 19.02
N SER A 583 -16.27 44.96 18.30
CA SER A 583 -16.58 45.04 16.88
C SER A 583 -15.38 45.25 15.97
N ALA A 584 -15.39 44.56 14.82
CA ALA A 584 -14.42 44.70 13.75
C ALA A 584 -15.11 45.63 12.75
N ARG A 585 -14.54 46.82 12.50
CA ARG A 585 -15.14 47.83 11.65
C ARG A 585 -14.25 48.22 10.47
N ILE A 586 -14.85 48.32 9.26
CA ILE A 586 -14.15 48.73 8.05
C ILE A 586 -14.54 50.16 7.77
N LEU A 587 -13.56 51.06 7.89
CA LEU A 587 -13.71 52.50 7.73
C LEU A 587 -13.06 52.99 6.44
N LYS A 588 -13.63 54.05 5.85
CA LYS A 588 -13.15 54.67 4.61
C LYS A 588 -12.18 55.81 4.94
N LEU A 589 -11.10 55.95 4.14
CA LEU A 589 -10.15 57.04 4.29
C LEU A 589 -10.33 58.05 3.13
N PRO A 590 -10.32 59.38 3.37
CA PRO A 590 -10.07 60.10 4.63
C PRO A 590 -11.28 60.36 5.53
N SER A 591 -12.50 60.32 4.97
CA SER A 591 -13.77 60.60 5.65
C SER A 591 -13.99 59.94 7.03
N PHE A 592 -13.44 58.72 7.24
CA PHE A 592 -13.58 57.85 8.43
C PHE A 592 -14.98 57.23 8.52
N GLU A 593 -15.69 57.21 7.38
CA GLU A 593 -17.06 56.73 7.25
C GLU A 593 -17.12 55.21 7.42
N LEU A 594 -18.11 54.73 8.19
CA LEU A 594 -18.32 53.30 8.44
C LEU A 594 -18.88 52.61 7.20
N LEU A 595 -18.17 51.60 6.71
CA LEU A 595 -18.58 50.84 5.54
C LEU A 595 -19.22 49.52 5.98
N HIS A 596 -18.61 48.86 7.00
CA HIS A 596 -19.06 47.61 7.57
C HIS A 596 -18.75 47.55 9.06
N LYS A 597 -19.58 46.82 9.83
CA LYS A 597 -19.39 46.64 11.27
C LYS A 597 -19.80 45.22 11.66
N GLU A 598 -18.81 44.35 11.92
CA GLU A 598 -19.03 42.95 12.35
C GLU A 598 -19.00 42.86 13.86
N MET A 599 -20.05 42.24 14.44
CA MET A 599 -20.16 42.06 15.88
C MET A 599 -19.55 40.72 16.24
N LEU A 600 -18.26 40.74 16.62
CA LEU A 600 -17.46 39.56 16.97
C LEU A 600 -18.02 38.75 18.13
N GLY A 601 -18.73 39.42 19.04
CA GLY A 601 -19.34 38.79 20.20
C GLY A 601 -18.36 38.43 21.31
N GLY A 602 -18.84 38.55 22.55
CA GLY A 602 -18.06 38.20 23.73
C GLY A 602 -17.65 39.37 24.60
N GLU A 603 -16.81 39.07 25.60
CA GLU A 603 -16.25 40.01 26.58
C GLU A 603 -14.75 40.20 26.30
N ILE A 604 -14.20 39.35 25.41
CA ILE A 604 -12.79 39.38 25.01
C ILE A 604 -12.59 40.40 23.89
N ILE A 605 -11.72 41.40 24.14
CA ILE A 605 -11.39 42.49 23.22
C ILE A 605 -10.49 42.06 22.05
N PRO A 606 -10.74 42.56 20.81
CA PRO A 606 -9.83 42.24 19.70
C PRO A 606 -8.47 42.87 19.95
N ARG A 607 -7.38 42.09 19.87
CA ARG A 607 -6.03 42.58 20.14
C ARG A 607 -5.26 42.99 18.87
N SER A 608 -5.42 42.21 17.78
CA SER A 608 -4.73 42.43 16.51
C SER A 608 -5.69 42.40 15.34
N ILE A 609 -5.51 43.30 14.37
CA ILE A 609 -6.32 43.36 13.15
C ILE A 609 -5.40 43.54 11.93
N LEU A 610 -5.70 42.83 10.82
CA LEU A 610 -4.87 42.86 9.62
C LEU A 610 -5.65 42.60 8.33
N MET A 611 -5.40 43.44 7.31
CA MET A 611 -5.94 43.31 5.96
C MET A 611 -4.85 42.67 5.13
N THR A 612 -5.18 41.58 4.41
CA THR A 612 -4.20 40.84 3.62
C THR A 612 -4.79 40.31 2.31
N THR A 613 -3.91 39.79 1.42
CA THR A 613 -4.23 39.21 0.12
C THR A 613 -3.57 37.84 -0.02
N PHE A 614 -4.37 36.80 -0.22
CA PHE A 614 -3.90 35.43 -0.44
C PHE A 614 -4.46 34.94 -1.78
N GLU A 615 -3.58 34.50 -2.71
CA GLU A 615 -3.95 34.02 -4.06
C GLU A 615 -4.95 34.99 -4.77
N SER A 616 -4.60 36.30 -4.79
CA SER A 616 -5.38 37.41 -5.39
C SER A 616 -6.75 37.66 -4.71
N SER A 617 -7.07 36.91 -3.63
CA SER A 617 -8.30 37.08 -2.86
C SER A 617 -7.99 37.90 -1.61
N HIS A 618 -8.78 38.94 -1.33
CA HIS A 618 -8.61 39.83 -0.20
C HIS A 618 -9.35 39.34 1.05
N TYR A 619 -8.67 39.36 2.21
CA TYR A 619 -9.22 38.88 3.49
C TYR A 619 -8.99 39.86 4.66
N LEU A 620 -9.83 39.75 5.71
CA LEU A 620 -9.64 40.47 6.97
C LEU A 620 -9.44 39.46 8.10
N LEU A 621 -8.29 39.55 8.79
CA LEU A 621 -7.95 38.70 9.93
C LEU A 621 -8.06 39.51 11.22
N CYS A 622 -8.73 38.95 12.22
CA CYS A 622 -8.90 39.61 13.51
C CYS A 622 -8.67 38.63 14.65
N ALA A 623 -7.66 38.90 15.49
CA ALA A 623 -7.27 38.07 16.63
C ALA A 623 -7.75 38.67 17.95
N LEU A 624 -8.38 37.83 18.81
CA LEU A 624 -8.88 38.23 20.13
C LEU A 624 -7.85 37.89 21.19
N GLY A 625 -7.99 38.51 22.36
CA GLY A 625 -7.13 38.30 23.52
C GLY A 625 -7.10 36.88 24.07
N ASP A 626 -8.12 36.06 23.76
CA ASP A 626 -8.23 34.68 24.21
C ASP A 626 -7.57 33.67 23.25
N GLY A 627 -6.89 34.19 22.23
CA GLY A 627 -6.19 33.38 21.23
C GLY A 627 -7.03 32.94 20.04
N ALA A 628 -8.31 33.37 20.02
CA ALA A 628 -9.25 33.07 18.94
C ALA A 628 -8.99 33.98 17.75
N LEU A 629 -9.13 33.44 16.54
CA LEU A 629 -8.88 34.18 15.30
C LEU A 629 -10.12 34.10 14.40
N PHE A 630 -10.60 35.28 13.96
CA PHE A 630 -11.73 35.41 13.05
C PHE A 630 -11.17 35.77 11.68
N TYR A 631 -11.66 35.11 10.63
CA TYR A 631 -11.17 35.43 9.30
C TYR A 631 -12.31 35.46 8.29
N PHE A 632 -12.46 36.63 7.65
CA PHE A 632 -13.48 36.93 6.66
C PHE A 632 -12.83 37.30 5.35
N GLY A 633 -13.60 37.24 4.28
CA GLY A 633 -13.17 37.70 2.97
C GLY A 633 -13.54 39.16 2.95
N LEU A 634 -12.69 40.01 2.36
CA LEU A 634 -12.96 41.44 2.32
C LEU A 634 -13.14 42.00 0.91
N ASN A 635 -14.21 42.77 0.72
CA ASN A 635 -14.48 43.46 -0.53
C ASN A 635 -13.84 44.84 -0.39
N ILE A 636 -12.82 45.12 -1.23
CA ILE A 636 -12.05 46.36 -1.26
C ILE A 636 -12.93 47.59 -1.60
N GLU A 637 -13.93 47.42 -2.50
CA GLU A 637 -14.81 48.51 -2.94
C GLU A 637 -15.90 48.87 -1.92
N THR A 638 -16.71 47.88 -1.49
CA THR A 638 -17.82 48.06 -0.56
C THR A 638 -17.40 48.10 0.91
N GLY A 639 -16.42 47.27 1.28
CA GLY A 639 -15.93 47.14 2.64
C GLY A 639 -16.54 45.96 3.38
N LEU A 640 -17.39 45.18 2.68
CA LEU A 640 -18.11 44.04 3.24
C LEU A 640 -17.25 42.85 3.61
N LEU A 641 -17.45 42.37 4.85
CA LEU A 641 -16.80 41.17 5.40
C LEU A 641 -17.77 40.00 5.25
N SER A 642 -17.36 38.97 4.50
CA SER A 642 -18.16 37.79 4.21
C SER A 642 -17.45 36.51 4.66
N ASP A 643 -18.21 35.40 4.76
CA ASP A 643 -17.73 34.06 5.11
C ASP A 643 -16.94 34.03 6.44
N ARG A 644 -17.59 34.48 7.54
CA ARG A 644 -17.00 34.51 8.88
C ARG A 644 -16.59 33.09 9.30
N LYS A 645 -15.29 32.92 9.64
CA LYS A 645 -14.73 31.64 10.11
C LYS A 645 -13.93 31.89 11.38
N LYS A 646 -14.12 31.07 12.43
CA LYS A 646 -13.37 31.18 13.69
C LYS A 646 -12.42 29.99 13.86
N VAL A 647 -11.16 30.27 14.22
CA VAL A 647 -10.13 29.24 14.44
C VAL A 647 -9.37 29.51 15.77
N THR A 648 -9.25 28.50 16.65
CA THR A 648 -8.56 28.64 17.93
C THR A 648 -7.06 28.34 17.75
N LEU A 649 -6.23 29.38 17.90
CA LEU A 649 -4.78 29.27 17.73
C LEU A 649 -4.05 28.95 19.03
N GLY A 650 -4.15 29.83 20.02
CA GLY A 650 -3.51 29.63 21.31
C GLY A 650 -4.37 30.04 22.48
N THR A 651 -3.72 30.24 23.64
CA THR A 651 -4.33 30.65 24.91
C THR A 651 -4.06 32.13 25.15
N GLN A 652 -2.99 32.64 24.52
CA GLN A 652 -2.50 34.01 24.63
C GLN A 652 -2.95 34.88 23.45
N PRO A 653 -3.04 36.23 23.60
CA PRO A 653 -3.45 37.08 22.47
C PRO A 653 -2.49 36.97 21.28
N THR A 654 -3.05 36.69 20.10
CA THR A 654 -2.28 36.48 18.87
C THR A 654 -1.89 37.82 18.18
N VAL A 655 -0.62 37.90 17.74
CA VAL A 655 -0.07 39.06 17.02
C VAL A 655 0.16 38.60 15.56
N LEU A 656 -0.42 39.34 14.61
CA LEU A 656 -0.35 39.02 13.18
C LEU A 656 0.64 39.91 12.45
N ARG A 657 1.62 39.29 11.80
CA ARG A 657 2.64 40.00 11.03
C ARG A 657 2.77 39.34 9.68
N THR A 658 2.78 40.16 8.63
CA THR A 658 2.89 39.70 7.25
C THR A 658 4.36 39.55 6.88
N PHE A 659 4.69 38.45 6.21
CA PHE A 659 6.04 38.14 5.74
C PHE A 659 6.01 37.49 4.36
N ARG A 660 7.13 37.61 3.60
CA ARG A 660 7.28 37.01 2.28
C ARG A 660 8.15 35.75 2.31
N SER A 661 7.69 34.68 1.65
CA SER A 661 8.41 33.40 1.55
C SER A 661 8.21 32.81 0.16
N LEU A 662 9.35 32.58 -0.56
CA LEU A 662 9.41 32.03 -1.92
C LEU A 662 8.46 32.80 -2.86
N SER A 663 8.62 34.14 -2.87
CA SER A 663 7.83 35.10 -3.65
C SER A 663 6.29 34.94 -3.45
N THR A 664 5.89 34.62 -2.20
CA THR A 664 4.47 34.45 -1.78
C THR A 664 4.24 35.07 -0.39
N THR A 665 3.19 35.92 -0.28
CA THR A 665 2.78 36.61 0.96
C THR A 665 2.09 35.66 1.93
N ASN A 666 2.60 35.61 3.17
CA ASN A 666 2.06 34.80 4.27
C ASN A 666 1.86 35.68 5.52
N VAL A 667 1.20 35.12 6.54
CA VAL A 667 0.94 35.80 7.82
C VAL A 667 1.42 34.92 8.97
N PHE A 668 2.33 35.46 9.81
CA PHE A 668 2.83 34.76 11.00
C PHE A 668 1.98 35.20 12.19
N ALA A 669 1.39 34.21 12.89
CA ALA A 669 0.51 34.39 14.04
C ALA A 669 1.24 34.02 15.32
N CYS A 670 1.86 35.03 15.95
CA CYS A 670 2.67 34.91 17.16
C CYS A 670 1.78 34.69 18.37
N SER A 671 1.95 33.54 19.04
CA SER A 671 1.27 33.13 20.28
C SER A 671 2.05 31.94 20.88
N ASP A 672 1.46 31.23 21.87
CA ASP A 672 2.04 30.05 22.51
C ASP A 672 2.01 28.84 21.54
N ARG A 673 1.24 28.97 20.44
CA ARG A 673 1.14 28.03 19.34
C ARG A 673 1.44 28.84 18.07
N PRO A 674 2.73 29.21 17.81
CA PRO A 674 3.05 30.02 16.61
C PRO A 674 2.54 29.33 15.35
N THR A 675 1.86 30.09 14.47
CA THR A 675 1.23 29.55 13.26
C THR A 675 1.51 30.37 12.01
N VAL A 676 1.67 29.71 10.85
CA VAL A 676 1.79 30.37 9.55
C VAL A 676 0.42 30.21 8.87
N ILE A 677 -0.13 31.32 8.38
CA ILE A 677 -1.45 31.38 7.72
C ILE A 677 -1.15 31.60 6.26
N TYR A 678 -1.47 30.59 5.43
CA TYR A 678 -1.23 30.59 3.98
C TYR A 678 -2.46 30.18 3.18
N SER A 679 -2.35 30.22 1.84
CA SER A 679 -3.46 29.87 0.96
C SER A 679 -3.12 28.64 0.10
N SER A 680 -4.08 27.69 0.01
CA SER A 680 -3.98 26.48 -0.80
C SER A 680 -5.37 26.17 -1.37
N ASN A 681 -5.51 26.32 -2.71
CA ASN A 681 -6.74 26.15 -3.50
C ASN A 681 -7.83 27.15 -3.06
N HIS A 682 -7.42 28.44 -2.93
CA HIS A 682 -8.21 29.60 -2.54
C HIS A 682 -8.99 29.40 -1.22
N LYS A 683 -8.36 28.69 -0.27
CA LYS A 683 -8.85 28.39 1.08
C LYS A 683 -7.67 28.60 2.03
N LEU A 684 -7.91 29.25 3.19
CA LEU A 684 -6.84 29.52 4.15
C LEU A 684 -6.43 28.30 4.95
N VAL A 685 -5.13 28.06 5.00
CA VAL A 685 -4.52 26.94 5.71
C VAL A 685 -3.72 27.49 6.90
N PHE A 686 -3.71 26.73 8.00
CA PHE A 686 -3.02 27.11 9.22
C PHE A 686 -2.07 25.99 9.64
N SER A 687 -0.77 26.14 9.35
CA SER A 687 0.20 25.15 9.77
C SER A 687 1.00 25.68 10.95
N ASN A 688 1.14 24.87 11.99
CA ASN A 688 1.90 25.21 13.20
C ASN A 688 3.41 25.36 12.96
N VAL A 689 4.11 26.14 13.81
CA VAL A 689 5.55 26.35 13.73
C VAL A 689 6.17 25.56 14.87
N ASN A 690 7.31 24.89 14.61
CA ASN A 690 7.95 24.07 15.65
C ASN A 690 8.86 24.93 16.53
N LEU A 691 8.20 25.71 17.40
CA LEU A 691 8.78 26.62 18.38
C LEU A 691 7.86 26.67 19.59
N LYS A 692 8.44 26.62 20.80
CA LYS A 692 7.70 26.64 22.08
C LYS A 692 6.64 27.76 22.16
N GLU A 693 7.02 28.99 21.73
CA GLU A 693 6.20 30.21 21.71
C GLU A 693 6.97 31.31 20.99
N VAL A 694 6.26 32.18 20.27
CA VAL A 694 6.80 33.37 19.60
C VAL A 694 5.88 34.53 20.01
N ASN A 695 6.46 35.62 20.51
CA ASN A 695 5.67 36.78 20.94
C ASN A 695 5.54 37.80 19.83
N TYR A 696 6.67 38.15 19.20
CA TYR A 696 6.75 39.12 18.12
C TYR A 696 7.75 38.64 17.06
N MET A 697 7.54 39.05 15.80
CA MET A 697 8.41 38.73 14.67
C MET A 697 8.29 39.77 13.55
N CYS A 698 9.26 39.76 12.63
CA CYS A 698 9.31 40.60 11.45
C CYS A 698 10.24 39.95 10.42
N PRO A 699 10.11 40.25 9.10
CA PRO A 699 11.04 39.65 8.13
C PRO A 699 12.28 40.53 7.97
N LEU A 700 13.47 39.93 8.02
CA LEU A 700 14.72 40.66 7.89
C LEU A 700 15.48 40.17 6.65
N ASN A 701 15.74 41.07 5.70
CA ASN A 701 16.51 40.73 4.50
C ASN A 701 17.78 41.58 4.47
N SER A 702 18.82 41.08 5.14
CA SER A 702 20.11 41.75 5.24
C SER A 702 21.16 41.06 4.39
N ASP A 703 22.29 41.75 4.16
CA ASP A 703 23.43 41.23 3.41
C ASP A 703 24.02 39.97 4.08
N GLY A 704 23.93 39.90 5.41
CA GLY A 704 24.40 38.77 6.20
C GLY A 704 23.35 37.71 6.43
N TYR A 705 22.08 38.13 6.53
CA TYR A 705 20.91 37.26 6.75
C TYR A 705 19.88 37.53 5.64
N PRO A 706 20.04 36.89 4.45
CA PRO A 706 19.09 37.15 3.35
C PRO A 706 17.79 36.35 3.44
N ASP A 707 16.66 37.01 3.08
CA ASP A 707 15.30 36.43 3.08
C ASP A 707 14.99 35.70 4.41
N SER A 708 15.40 36.34 5.53
CA SER A 708 15.28 35.83 6.89
C SER A 708 14.07 36.41 7.66
N LEU A 709 13.87 35.86 8.89
CA LEU A 709 12.83 36.16 9.86
C LEU A 709 13.47 36.44 11.22
N ALA A 710 13.25 37.65 11.77
CA ALA A 710 13.72 38.00 13.10
C ALA A 710 12.55 37.67 14.03
N LEU A 711 12.76 36.70 14.93
CA LEU A 711 11.74 36.22 15.87
C LEU A 711 12.15 36.58 17.29
N ALA A 712 11.17 36.95 18.11
CA ALA A 712 11.40 37.29 19.51
C ALA A 712 10.42 36.57 20.42
N ASN A 713 10.93 36.02 21.51
CA ASN A 713 10.10 35.39 22.52
C ASN A 713 10.28 36.18 23.85
N ASN A 714 10.12 35.53 25.01
CA ASN A 714 10.23 36.16 26.32
C ASN A 714 11.66 36.55 26.65
N SER A 715 12.65 35.69 26.30
CA SER A 715 14.06 35.88 26.64
C SER A 715 15.04 36.28 25.52
N THR A 716 14.87 35.71 24.29
CA THR A 716 15.83 35.93 23.22
C THR A 716 15.28 36.32 21.85
N LEU A 717 16.14 36.99 21.07
CA LEU A 717 15.91 37.39 19.68
C LEU A 717 16.68 36.41 18.79
N THR A 718 15.98 35.75 17.84
CA THR A 718 16.62 34.81 16.93
C THR A 718 16.35 35.15 15.48
N ILE A 719 17.44 35.25 14.68
CA ILE A 719 17.37 35.50 13.24
C ILE A 719 17.56 34.14 12.54
N GLY A 720 16.63 33.80 11.66
CA GLY A 720 16.65 32.53 10.94
C GLY A 720 15.85 32.47 9.65
N THR A 721 15.87 31.29 8.98
CA THR A 721 15.19 31.05 7.70
C THR A 721 14.06 30.06 7.87
N ILE A 722 12.94 30.30 7.18
CA ILE A 722 11.77 29.41 7.27
C ILE A 722 11.85 28.28 6.24
N ASP A 723 11.36 27.10 6.64
CA ASP A 723 11.27 25.91 5.80
C ASP A 723 10.17 26.07 4.73
N GLU A 724 9.78 24.94 4.10
CA GLU A 724 8.72 24.87 3.09
C GLU A 724 7.40 25.09 3.82
N ILE A 725 6.58 26.03 3.30
CA ILE A 725 5.27 26.36 3.87
C ILE A 725 4.28 25.29 3.39
N GLN A 726 4.14 24.22 4.20
CA GLN A 726 3.30 23.03 3.99
C GLN A 726 2.95 22.38 5.35
N LYS A 727 1.89 21.55 5.39
CA LYS A 727 1.40 20.93 6.63
C LYS A 727 2.43 20.03 7.36
N LEU A 728 3.08 19.11 6.62
CA LEU A 728 4.07 18.16 7.18
C LEU A 728 5.47 18.48 6.69
N HIS A 729 6.49 18.12 7.51
CA HIS A 729 7.91 18.27 7.17
C HIS A 729 8.58 16.90 7.10
N ILE A 730 9.45 16.68 6.09
CA ILE A 730 10.10 15.38 5.89
C ILE A 730 11.63 15.47 5.89
N ARG A 731 12.25 14.85 6.90
CA ARG A 731 13.71 14.76 7.01
C ARG A 731 14.14 13.40 6.43
N THR A 732 15.08 13.43 5.46
CA THR A 732 15.61 12.25 4.79
C THR A 732 16.98 11.86 5.34
N VAL A 733 17.12 10.59 5.76
CA VAL A 733 18.37 10.02 6.25
C VAL A 733 18.73 8.86 5.28
N PRO A 734 19.40 9.14 4.12
CA PRO A 734 19.71 8.05 3.17
C PRO A 734 20.65 7.00 3.75
N LEU A 735 20.26 5.72 3.62
CA LEU A 735 21.01 4.56 4.14
C LEU A 735 21.85 3.87 3.06
N TYR A 736 21.43 4.01 1.79
CA TYR A 736 22.06 3.44 0.59
C TYR A 736 21.99 1.88 0.61
N GLU A 737 21.04 1.35 1.39
CA GLU A 737 20.72 -0.07 1.57
C GLU A 737 19.25 -0.20 1.96
N SER A 738 18.70 -1.43 1.97
CA SER A 738 17.31 -1.66 2.28
C SER A 738 16.93 -1.61 3.77
N PRO A 739 16.15 -0.61 4.24
CA PRO A 739 15.67 -0.65 5.64
C PRO A 739 14.46 -1.61 5.67
N ARG A 740 14.41 -2.53 6.62
CA ARG A 740 13.31 -3.48 6.64
C ARG A 740 12.40 -3.28 7.85
N LYS A 741 12.97 -3.28 9.07
CA LYS A 741 12.24 -3.10 10.32
C LYS A 741 12.80 -1.94 11.17
N ILE A 742 11.97 -1.41 12.10
CA ILE A 742 12.30 -0.31 13.00
C ILE A 742 11.52 -0.39 14.34
N CYS A 743 12.21 -0.03 15.43
CA CYS A 743 11.69 0.10 16.79
C CYS A 743 12.51 1.15 17.54
N TYR A 744 12.02 1.61 18.70
CA TYR A 744 12.72 2.65 19.44
C TYR A 744 13.01 2.29 20.90
N GLN A 745 14.24 2.56 21.35
CA GLN A 745 14.68 2.34 22.73
C GLN A 745 14.92 3.72 23.35
N GLU A 746 14.05 4.10 24.30
CA GLU A 746 14.07 5.39 24.98
C GLU A 746 15.29 5.52 25.90
N VAL A 747 15.54 4.47 26.71
CA VAL A 747 16.64 4.38 27.69
C VAL A 747 18.03 4.52 27.03
N SER A 748 18.13 4.26 25.71
CA SER A 748 19.36 4.33 24.93
C SER A 748 19.42 5.57 24.02
N GLN A 749 18.28 6.30 23.86
CA GLN A 749 18.12 7.49 23.01
C GLN A 749 18.47 7.21 21.52
N CYS A 750 18.16 5.97 21.08
CA CYS A 750 18.46 5.48 19.73
C CYS A 750 17.40 4.50 19.20
N PHE A 751 17.39 4.30 17.88
CA PHE A 751 16.51 3.38 17.16
C PHE A 751 17.24 2.11 16.76
N GLY A 752 16.50 1.00 16.78
CA GLY A 752 16.97 -0.30 16.29
C GLY A 752 16.42 -0.48 14.89
N VAL A 753 17.30 -0.69 13.88
CA VAL A 753 16.89 -0.83 12.49
C VAL A 753 17.45 -2.10 11.84
N LEU A 754 16.55 -2.97 11.33
CA LEU A 754 16.96 -4.16 10.60
C LEU A 754 17.11 -3.73 9.16
N SER A 755 18.25 -4.07 8.55
CA SER A 755 18.55 -3.67 7.17
C SER A 755 19.32 -4.77 6.43
N SER A 756 19.23 -4.77 5.09
CA SER A 756 19.95 -5.73 4.28
C SER A 756 20.65 -5.08 3.11
N ARG A 757 21.86 -5.55 2.79
CA ARG A 757 22.60 -5.03 1.64
C ARG A 757 22.99 -6.15 0.67
N ILE A 758 22.90 -5.87 -0.65
CA ILE A 758 23.27 -6.83 -1.68
C ILE A 758 24.77 -6.77 -1.90
N GLU A 759 25.41 -7.95 -1.88
CA GLU A 759 26.84 -8.13 -2.11
C GLU A 759 27.01 -9.20 -3.17
N VAL A 760 28.05 -9.07 -4.01
CA VAL A 760 28.33 -10.07 -5.05
C VAL A 760 29.41 -11.05 -4.61
N GLN A 761 29.34 -12.29 -5.12
CA GLN A 761 30.28 -13.37 -4.82
C GLN A 761 31.63 -13.07 -5.51
N ASP A 762 32.66 -12.70 -4.73
CA ASP A 762 33.99 -12.38 -5.28
C ASP A 762 34.85 -13.65 -5.47
N THR A 763 35.99 -13.51 -6.18
CA THR A 763 36.93 -14.62 -6.44
C THR A 763 37.80 -14.89 -5.18
N SER A 764 37.11 -15.10 -4.04
CA SER A 764 37.65 -15.37 -2.71
C SER A 764 36.55 -16.07 -1.88
N GLY A 765 36.93 -16.58 -0.70
CA GLY A 765 36.03 -17.29 0.21
C GLY A 765 35.07 -16.40 0.96
N GLY A 766 34.24 -15.66 0.20
CA GLY A 766 33.25 -14.73 0.73
C GLY A 766 32.62 -13.86 -0.34
N THR A 767 32.16 -12.65 0.07
CA THR A 767 31.49 -11.68 -0.79
C THR A 767 32.02 -10.26 -0.62
N THR A 768 31.78 -9.41 -1.62
CA THR A 768 32.20 -8.00 -1.61
C THR A 768 31.02 -7.07 -1.92
N ALA A 769 30.99 -5.91 -1.25
CA ALA A 769 29.94 -4.90 -1.38
C ALA A 769 29.85 -4.24 -2.77
N LEU A 770 28.71 -3.61 -3.09
CA LEU A 770 28.49 -2.94 -4.36
C LEU A 770 28.76 -1.43 -4.31
N ARG A 771 28.60 -0.83 -3.12
CA ARG A 771 28.79 0.59 -2.82
C ARG A 771 28.83 0.76 -1.29
N PRO A 772 29.38 1.87 -0.74
CA PRO A 772 29.33 2.04 0.73
C PRO A 772 27.90 2.32 1.16
N SER A 773 27.49 1.71 2.27
CA SER A 773 26.14 1.86 2.80
C SER A 773 26.16 1.90 4.32
N ALA A 774 25.02 2.26 4.95
CA ALA A 774 24.84 2.39 6.39
C ALA A 774 25.56 1.33 7.23
N SER A 775 25.32 0.04 6.90
CA SER A 775 25.92 -1.09 7.60
C SER A 775 27.44 -1.23 7.43
N THR A 776 28.01 -0.68 6.33
CA THR A 776 29.45 -0.73 6.08
C THR A 776 30.18 0.46 6.74
N GLN A 777 29.57 1.66 6.71
CA GLN A 777 30.14 2.90 7.26
C GLN A 777 29.69 3.17 8.71
N ALA A 778 29.62 2.13 9.54
CA ALA A 778 29.24 2.25 10.96
C ALA A 778 30.42 2.78 11.77
N LEU A 779 30.11 3.56 12.84
CA LEU A 779 31.08 4.17 13.78
C LEU A 779 31.88 3.07 14.46
N SER A 780 31.17 2.02 14.92
CA SER A 780 31.69 0.80 15.54
C SER A 780 30.96 -0.40 14.93
N SER A 781 31.71 -1.41 14.46
CA SER A 781 31.16 -2.59 13.80
C SER A 781 31.29 -3.87 14.63
N SER A 782 30.45 -4.89 14.31
CA SER A 782 30.43 -6.22 14.94
C SER A 782 29.75 -7.28 14.06
N VAL A 783 30.08 -8.56 14.28
CA VAL A 783 29.55 -9.71 13.54
C VAL A 783 29.09 -10.84 14.51
N SER A 784 28.08 -11.63 14.13
CA SER A 784 27.59 -12.75 14.94
C SER A 784 28.57 -13.91 14.92
N SER A 785 28.85 -14.52 16.09
CA SER A 785 29.72 -15.69 16.21
C SER A 785 28.85 -16.95 16.14
N SER A 786 29.15 -17.84 15.17
CA SER A 786 28.36 -19.06 14.95
C SER A 786 28.44 -20.08 16.09
N LYS A 787 27.26 -20.67 16.42
CA LYS A 787 27.06 -21.71 17.43
C LYS A 787 26.06 -22.76 16.92
N LEU A 788 25.35 -22.45 15.80
CA LEU A 788 24.38 -23.34 15.16
C LEU A 788 25.02 -24.11 13.97
N PHE A 789 24.43 -25.25 13.58
CA PHE A 789 24.89 -26.08 12.46
C PHE A 789 24.03 -25.82 11.21
N GLU A 802 26.29 -14.30 -9.02
CA GLU A 802 25.74 -14.68 -7.73
C GLU A 802 25.65 -13.42 -6.84
N GLU A 803 24.44 -13.13 -6.30
CA GLU A 803 24.16 -11.98 -5.43
C GLU A 803 23.60 -12.44 -4.09
N VAL A 804 24.31 -12.12 -3.00
CA VAL A 804 23.95 -12.48 -1.63
C VAL A 804 23.36 -11.26 -0.91
N GLU A 805 22.37 -11.49 -0.02
CA GLU A 805 21.72 -10.50 0.83
C GLU A 805 22.37 -10.62 2.22
N VAL A 806 23.00 -9.51 2.70
CA VAL A 806 23.68 -9.47 4.01
C VAL A 806 22.78 -8.68 4.98
N HIS A 807 22.43 -9.29 6.12
CA HIS A 807 21.55 -8.68 7.11
C HIS A 807 22.27 -8.07 8.29
N ASN A 808 21.75 -6.94 8.80
CA ASN A 808 22.36 -6.18 9.86
C ASN A 808 21.38 -5.56 10.84
N LEU A 809 21.83 -5.33 12.08
CA LEU A 809 21.07 -4.59 13.09
C LEU A 809 21.80 -3.27 13.26
N LEU A 810 21.19 -2.19 12.77
CA LEU A 810 21.72 -0.84 12.85
C LEU A 810 21.27 -0.16 14.14
N ILE A 811 22.11 0.72 14.67
CA ILE A 811 21.86 1.54 15.86
C ILE A 811 22.00 3.00 15.41
N ILE A 812 20.89 3.75 15.42
CA ILE A 812 20.84 5.14 14.97
C ILE A 812 20.39 6.09 16.07
N ASP A 813 21.18 7.17 16.35
CA ASP A 813 20.88 8.20 17.35
C ASP A 813 19.60 8.97 16.97
N GLN A 814 18.70 9.19 17.95
CA GLN A 814 17.42 9.84 17.73
C GLN A 814 17.50 11.35 17.38
N HIS A 815 18.71 11.95 17.40
CA HIS A 815 18.88 13.37 17.09
C HIS A 815 19.69 13.57 15.81
N THR A 816 20.96 13.12 15.83
CA THR A 816 21.91 13.25 14.72
C THR A 816 21.57 12.33 13.55
N PHE A 817 21.03 11.13 13.85
CA PHE A 817 20.66 10.07 12.90
C PHE A 817 21.90 9.44 12.25
N GLU A 818 22.91 9.13 13.09
CA GLU A 818 24.18 8.54 12.65
C GLU A 818 24.29 7.10 13.11
N VAL A 819 24.91 6.23 12.28
CA VAL A 819 25.07 4.82 12.61
C VAL A 819 26.16 4.66 13.66
N LEU A 820 25.70 4.59 14.93
CA LEU A 820 26.52 4.44 16.13
C LEU A 820 27.12 3.05 16.14
N HIS A 821 26.32 2.03 15.76
CA HIS A 821 26.76 0.63 15.71
C HIS A 821 25.98 -0.17 14.66
N ALA A 822 26.64 -1.18 14.07
CA ALA A 822 26.04 -2.09 13.10
C ALA A 822 26.47 -3.52 13.41
N HIS A 823 25.50 -4.38 13.73
CA HIS A 823 25.79 -5.79 14.01
C HIS A 823 25.38 -6.64 12.81
N GLN A 824 26.38 -7.17 12.11
CA GLN A 824 26.18 -8.01 10.94
C GLN A 824 25.78 -9.40 11.38
N PHE A 825 24.71 -9.92 10.78
CA PHE A 825 24.23 -11.26 11.11
C PHE A 825 25.04 -12.34 10.37
N LEU A 826 24.76 -13.61 10.71
CA LEU A 826 25.42 -14.77 10.13
C LEU A 826 25.21 -14.90 8.63
N GLN A 827 26.11 -15.64 7.96
CA GLN A 827 26.04 -15.95 6.53
C GLN A 827 24.75 -16.75 6.35
N ASN A 828 23.93 -16.38 5.35
CA ASN A 828 22.64 -17.01 5.02
C ASN A 828 21.55 -16.74 6.09
N GLU A 829 21.87 -15.97 7.16
CA GLU A 829 20.91 -15.62 8.20
C GLU A 829 20.09 -14.44 7.75
N TYR A 830 18.77 -14.62 7.69
CA TYR A 830 17.79 -13.61 7.28
C TYR A 830 17.09 -13.09 8.52
N ALA A 831 17.31 -11.82 8.89
CA ALA A 831 16.65 -11.20 10.04
C ALA A 831 15.21 -10.81 9.68
N LEU A 832 14.24 -11.28 10.48
CA LEU A 832 12.80 -11.09 10.24
C LEU A 832 12.06 -10.15 11.22
N SER A 833 12.15 -10.43 12.53
CA SER A 833 11.44 -9.66 13.55
C SER A 833 12.37 -8.89 14.50
N LEU A 834 11.90 -7.73 15.00
CA LEU A 834 12.66 -6.86 15.88
C LEU A 834 11.80 -6.17 16.94
N VAL A 835 12.21 -6.28 18.23
CA VAL A 835 11.48 -5.66 19.35
C VAL A 835 12.44 -5.16 20.46
N SER A 836 12.21 -3.93 20.94
CA SER A 836 12.96 -3.27 22.03
C SER A 836 12.09 -3.23 23.28
N CYS A 837 12.35 -4.13 24.24
CA CYS A 837 11.55 -4.23 25.45
C CYS A 837 12.35 -4.72 26.67
N LYS A 838 11.67 -4.81 27.82
CA LYS A 838 12.17 -5.34 29.09
C LYS A 838 11.41 -6.64 29.36
N LEU A 839 12.12 -7.70 29.74
CA LEU A 839 11.51 -8.99 30.02
C LEU A 839 11.83 -9.47 31.42
N GLY A 840 10.88 -10.22 32.00
CA GLY A 840 10.95 -10.79 33.34
C GLY A 840 11.16 -9.78 34.45
N LYS A 841 11.98 -10.16 35.45
CA LYS A 841 12.31 -9.31 36.59
C LYS A 841 13.46 -8.34 36.25
N ASP A 842 14.17 -8.60 35.14
CA ASP A 842 15.31 -7.81 34.64
C ASP A 842 14.94 -6.36 34.29
N PRO A 843 15.73 -5.37 34.80
CA PRO A 843 15.42 -3.96 34.53
C PRO A 843 16.09 -3.35 33.29
N ASN A 844 16.83 -4.16 32.49
CA ASN A 844 17.52 -3.66 31.29
C ASN A 844 16.69 -3.89 30.03
N THR A 845 16.61 -2.86 29.16
CA THR A 845 15.90 -2.93 27.89
C THR A 845 16.81 -3.60 26.87
N TYR A 846 16.30 -4.67 26.22
CA TYR A 846 17.07 -5.42 25.24
C TYR A 846 16.49 -5.29 23.84
N PHE A 847 17.38 -5.19 22.82
CA PHE A 847 17.01 -5.19 21.41
C PHE A 847 17.00 -6.68 21.00
N ILE A 848 15.81 -7.22 20.72
CA ILE A 848 15.66 -8.63 20.36
C ILE A 848 15.34 -8.78 18.86
N VAL A 849 16.04 -9.72 18.20
CA VAL A 849 15.92 -10.02 16.77
C VAL A 849 15.57 -11.50 16.55
N GLY A 850 14.62 -11.74 15.66
CA GLY A 850 14.16 -13.07 15.26
C GLY A 850 14.62 -13.35 13.86
N THR A 851 15.45 -14.39 13.70
CA THR A 851 16.03 -14.72 12.40
C THR A 851 15.56 -16.06 11.83
N ALA A 852 16.01 -16.35 10.59
CA ALA A 852 15.76 -17.58 9.85
C ALA A 852 16.98 -17.90 9.00
N MET A 853 17.44 -19.17 9.03
CA MET A 853 18.56 -19.61 8.20
C MET A 853 17.97 -20.03 6.86
N VAL A 854 18.28 -19.24 5.81
CA VAL A 854 17.73 -19.41 4.47
C VAL A 854 18.74 -20.03 3.52
N TYR A 855 18.36 -21.15 2.91
CA TYR A 855 19.14 -21.91 1.94
C TYR A 855 18.30 -22.20 0.69
N PRO A 856 18.90 -22.17 -0.53
CA PRO A 856 18.11 -22.35 -1.75
C PRO A 856 17.38 -23.69 -1.85
N GLU A 857 18.02 -24.80 -1.42
CA GLU A 857 17.42 -26.14 -1.44
C GLU A 857 16.19 -26.21 -0.52
N GLU A 858 16.28 -25.61 0.69
CA GLU A 858 15.19 -25.57 1.66
C GLU A 858 14.08 -24.65 1.18
N ALA A 859 12.84 -25.07 1.42
CA ALA A 859 11.65 -24.32 1.06
C ALA A 859 11.17 -23.53 2.28
N GLU A 860 11.04 -24.21 3.42
CA GLU A 860 10.60 -23.62 4.68
C GLU A 860 11.79 -23.69 5.64
N PRO A 861 12.27 -22.55 6.19
CA PRO A 861 13.44 -22.59 7.09
C PRO A 861 13.36 -23.64 8.20
N LYS A 862 14.40 -24.49 8.29
CA LYS A 862 14.51 -25.55 9.31
C LYS A 862 15.18 -25.01 10.56
N GLN A 863 15.91 -23.89 10.43
CA GLN A 863 16.60 -23.30 11.56
C GLN A 863 16.28 -21.82 11.70
N GLY A 864 16.58 -21.28 12.88
CA GLY A 864 16.39 -19.88 13.23
C GLY A 864 16.94 -19.55 14.60
N ARG A 865 17.11 -18.24 14.87
CA ARG A 865 17.61 -17.76 16.17
C ARG A 865 16.73 -16.67 16.73
N ILE A 866 16.85 -16.48 18.05
CA ILE A 866 16.24 -15.40 18.82
C ILE A 866 17.44 -14.85 19.57
N VAL A 867 17.88 -13.66 19.17
CA VAL A 867 19.10 -13.06 19.73
C VAL A 867 18.79 -11.83 20.58
N VAL A 868 19.21 -11.88 21.85
CA VAL A 868 19.03 -10.83 22.84
C VAL A 868 20.32 -9.99 22.86
N PHE A 869 20.18 -8.69 22.62
CA PHE A 869 21.30 -7.74 22.60
C PHE A 869 21.09 -6.66 23.65
N GLN A 870 22.19 -6.13 24.20
CA GLN A 870 22.15 -5.03 25.16
C GLN A 870 23.01 -3.90 24.61
N TYR A 871 22.42 -2.72 24.42
CA TYR A 871 23.17 -1.59 23.91
C TYR A 871 23.73 -0.73 25.05
N SER A 872 25.04 -0.88 25.32
CA SER A 872 25.77 -0.15 26.35
C SER A 872 27.17 0.23 25.86
N ASP A 873 27.62 1.46 26.21
CA ASP A 873 28.94 2.03 25.86
C ASP A 873 29.17 2.14 24.33
N GLY A 874 28.08 2.44 23.61
CA GLY A 874 28.09 2.61 22.15
C GLY A 874 28.36 1.34 21.35
N LYS A 875 28.13 0.16 21.96
CA LYS A 875 28.34 -1.16 21.34
C LYS A 875 27.32 -2.21 21.81
N LEU A 876 26.75 -2.99 20.86
CA LEU A 876 25.79 -4.06 21.15
C LEU A 876 26.47 -5.29 21.75
N GLN A 877 26.00 -5.73 22.92
CA GLN A 877 26.54 -6.89 23.61
C GLN A 877 25.51 -8.01 23.56
N THR A 878 25.88 -9.14 22.95
CA THR A 878 25.00 -10.31 22.81
C THR A 878 24.84 -11.01 24.18
N VAL A 879 23.62 -10.95 24.73
CA VAL A 879 23.23 -11.51 26.02
C VAL A 879 22.81 -12.98 25.88
N ALA A 880 21.84 -13.27 24.99
CA ALA A 880 21.34 -14.62 24.78
C ALA A 880 21.16 -14.98 23.30
N GLU A 881 21.49 -16.22 22.96
CA GLU A 881 21.39 -16.79 21.61
C GLU A 881 20.60 -18.10 21.75
N LYS A 882 19.29 -18.07 21.40
CA LYS A 882 18.41 -19.23 21.50
C LYS A 882 18.13 -19.79 20.11
N GLU A 883 18.55 -21.04 19.85
CA GLU A 883 18.34 -21.70 18.57
C GLU A 883 16.97 -22.38 18.53
N VAL A 884 16.18 -22.09 17.49
CA VAL A 884 14.83 -22.64 17.29
C VAL A 884 14.77 -23.49 16.00
N LYS A 885 13.79 -24.40 15.89
CA LYS A 885 13.67 -25.26 14.72
C LYS A 885 12.78 -24.68 13.60
N GLY A 886 12.94 -23.38 13.33
CA GLY A 886 12.20 -22.68 12.28
C GLY A 886 12.43 -21.19 12.18
N ALA A 887 11.66 -20.54 11.27
CA ALA A 887 11.71 -19.08 11.02
C ALA A 887 10.98 -18.29 12.11
N VAL A 888 11.60 -17.21 12.61
CA VAL A 888 11.00 -16.34 13.64
C VAL A 888 10.34 -15.13 12.94
N TYR A 889 9.20 -15.38 12.29
CA TYR A 889 8.45 -14.36 11.54
C TYR A 889 7.99 -13.19 12.39
N SER A 890 7.59 -13.45 13.64
CA SER A 890 7.05 -12.45 14.55
C SER A 890 7.39 -12.67 16.00
N MET A 891 7.51 -11.55 16.73
CA MET A 891 7.82 -11.48 18.16
C MET A 891 7.09 -10.31 18.80
N VAL A 892 6.56 -10.52 20.01
CA VAL A 892 5.86 -9.48 20.75
C VAL A 892 6.06 -9.67 22.27
N GLU A 893 6.24 -8.55 23.00
CA GLU A 893 6.41 -8.52 24.45
C GLU A 893 5.03 -8.80 25.06
N PHE A 894 4.90 -9.96 25.71
CA PHE A 894 3.65 -10.40 26.31
C PHE A 894 3.72 -10.40 27.84
N ASN A 895 3.29 -9.27 28.45
CA ASN A 895 3.24 -9.04 29.91
C ASN A 895 4.48 -9.55 30.67
N GLY A 896 5.67 -9.05 30.28
CA GLY A 896 6.94 -9.42 30.87
C GLY A 896 7.53 -10.73 30.38
N LYS A 897 6.92 -11.32 29.34
CA LYS A 897 7.37 -12.57 28.72
C LYS A 897 7.58 -12.32 27.22
N LEU A 898 8.26 -13.23 26.53
CA LEU A 898 8.48 -13.08 25.09
C LEU A 898 7.60 -14.04 24.33
N LEU A 899 6.77 -13.50 23.47
CA LEU A 899 5.91 -14.32 22.65
C LEU A 899 6.53 -14.26 21.26
N ALA A 900 6.89 -15.42 20.71
CA ALA A 900 7.54 -15.48 19.41
C ALA A 900 7.08 -16.66 18.59
N SER A 901 6.95 -16.45 17.27
CA SER A 901 6.51 -17.49 16.35
C SER A 901 7.67 -18.23 15.72
N ILE A 902 7.58 -19.55 15.65
CA ILE A 902 8.57 -20.45 15.04
C ILE A 902 7.75 -21.26 14.03
N ASN A 903 7.75 -20.81 12.76
CA ASN A 903 7.01 -21.38 11.63
C ASN A 903 5.49 -21.44 11.94
N SER A 904 4.95 -22.66 12.17
CA SER A 904 3.56 -22.93 12.49
C SER A 904 3.28 -22.76 13.99
N THR A 905 4.27 -23.05 14.85
CA THR A 905 4.19 -22.99 16.31
C THR A 905 4.29 -21.56 16.84
N VAL A 906 3.61 -21.31 17.98
CA VAL A 906 3.63 -20.06 18.73
C VAL A 906 4.21 -20.39 20.12
N ARG A 907 5.35 -19.78 20.46
CA ARG A 907 6.03 -20.02 21.73
C ARG A 907 6.04 -18.86 22.68
N LEU A 908 5.91 -19.19 23.97
CA LEU A 908 5.99 -18.23 25.06
C LEU A 908 7.28 -18.55 25.83
N TYR A 909 8.14 -17.55 25.98
CA TYR A 909 9.43 -17.66 26.67
C TYR A 909 9.45 -16.83 27.93
N GLU A 910 10.06 -17.37 29.01
CA GLU A 910 10.21 -16.71 30.30
C GLU A 910 11.68 -16.29 30.46
N TRP A 911 11.92 -15.04 30.86
CA TRP A 911 13.29 -14.52 31.04
C TRP A 911 13.73 -14.71 32.50
N THR A 912 14.63 -15.68 32.72
CA THR A 912 15.14 -16.04 34.03
C THR A 912 16.22 -15.06 34.55
N THR A 913 16.64 -15.24 35.81
CA THR A 913 17.68 -14.44 36.48
C THR A 913 19.05 -14.75 35.84
N GLU A 914 19.22 -16.01 35.36
CA GLU A 914 20.41 -16.53 34.68
C GLU A 914 20.58 -15.87 33.26
N LYS A 915 19.65 -14.95 32.91
CA LYS A 915 19.60 -14.16 31.68
C LYS A 915 19.67 -15.02 30.40
N GLU A 916 18.61 -15.83 30.22
CA GLU A 916 18.36 -16.72 29.07
C GLU A 916 16.88 -17.09 28.99
N LEU A 917 16.27 -17.03 27.79
CA LEU A 917 14.85 -17.33 27.56
C LEU A 917 14.56 -18.83 27.77
N ARG A 918 13.48 -19.13 28.53
CA ARG A 918 13.06 -20.51 28.84
C ARG A 918 11.64 -20.78 28.36
N THR A 919 11.49 -21.84 27.51
CA THR A 919 10.22 -22.30 26.92
C THR A 919 9.18 -22.58 28.01
N GLU A 920 8.03 -21.89 27.94
CA GLU A 920 6.95 -22.04 28.91
C GLU A 920 5.86 -22.93 28.32
N CYS A 921 5.06 -22.41 27.38
CA CYS A 921 3.98 -23.14 26.72
C CYS A 921 3.97 -22.91 25.20
N ASN A 922 3.48 -23.92 24.46
CA ASN A 922 3.43 -23.89 22.99
C ASN A 922 2.02 -24.11 22.44
N HIS A 923 1.73 -23.50 21.28
CA HIS A 923 0.48 -23.70 20.58
C HIS A 923 0.81 -24.05 19.12
N TYR A 924 0.42 -25.26 18.69
CA TYR A 924 0.65 -25.79 17.34
C TYR A 924 -0.61 -25.47 16.53
N ASN A 925 -0.46 -24.58 15.53
CA ASN A 925 -1.56 -23.94 14.80
C ASN A 925 -2.00 -24.50 13.45
N ASN A 926 -1.17 -25.32 12.77
CA ASN A 926 -1.53 -25.84 11.43
C ASN A 926 -1.53 -24.73 10.34
N ILE A 927 -1.43 -23.45 10.79
CA ILE A 927 -1.28 -22.25 9.96
C ILE A 927 -0.06 -21.46 10.44
N MET A 928 0.75 -21.02 9.47
CA MET A 928 1.96 -20.25 9.64
C MET A 928 1.70 -19.00 10.48
N ALA A 929 2.52 -18.78 11.51
CA ALA A 929 2.33 -17.65 12.39
C ALA A 929 3.07 -16.36 11.95
N LEU A 930 2.73 -15.85 10.74
CA LEU A 930 3.33 -14.64 10.16
C LEU A 930 3.03 -13.43 10.99
N TYR A 931 1.75 -13.27 11.39
CA TYR A 931 1.32 -12.14 12.19
C TYR A 931 1.09 -12.55 13.62
N LEU A 932 1.62 -11.75 14.56
CA LEU A 932 1.51 -12.01 15.99
C LEU A 932 1.33 -10.67 16.71
N LYS A 933 0.08 -10.37 17.06
CA LYS A 933 -0.30 -9.12 17.72
C LYS A 933 -0.95 -9.42 19.07
N THR A 934 -0.83 -8.50 20.06
CA THR A 934 -1.38 -8.73 21.40
C THR A 934 -1.87 -7.45 22.12
N LYS A 935 -2.79 -7.68 23.08
CA LYS A 935 -3.44 -6.70 23.97
C LYS A 935 -3.86 -7.51 25.20
N GLY A 936 -3.17 -7.28 26.33
CA GLY A 936 -3.41 -8.01 27.57
C GLY A 936 -3.10 -9.48 27.40
N ASP A 937 -4.01 -10.37 27.84
CA ASP A 937 -3.86 -11.82 27.70
C ASP A 937 -4.52 -12.38 26.42
N PHE A 938 -4.89 -11.47 25.47
CA PHE A 938 -5.54 -11.83 24.21
C PHE A 938 -4.55 -11.64 23.04
N ILE A 939 -4.27 -12.76 22.33
CA ILE A 939 -3.29 -12.90 21.24
C ILE A 939 -3.95 -13.14 19.89
N LEU A 940 -3.46 -12.47 18.83
CA LEU A 940 -3.93 -12.65 17.46
C LEU A 940 -2.83 -13.37 16.66
N VAL A 941 -3.20 -14.46 15.97
CA VAL A 941 -2.30 -15.25 15.12
C VAL A 941 -2.78 -15.09 13.67
N GLY A 942 -1.90 -14.68 12.77
CA GLY A 942 -2.22 -14.41 11.38
C GLY A 942 -1.37 -15.12 10.35
N ASP A 943 -2.02 -15.46 9.24
CA ASP A 943 -1.52 -16.15 8.06
C ASP A 943 -1.53 -15.15 6.88
N LEU A 944 -0.73 -15.39 5.83
CA LEU A 944 -0.74 -14.53 4.63
C LEU A 944 -2.08 -14.67 3.87
N MET A 945 -2.86 -15.74 4.18
CA MET A 945 -4.13 -16.02 3.53
C MET A 945 -5.33 -15.66 4.36
N ARG A 946 -5.18 -14.68 5.28
CA ARG A 946 -6.25 -14.14 6.13
C ARG A 946 -6.79 -15.15 7.19
N SER A 947 -6.12 -16.31 7.37
CA SER A 947 -6.53 -17.29 8.37
C SER A 947 -6.12 -16.72 9.73
N VAL A 948 -7.09 -16.12 10.41
CA VAL A 948 -6.89 -15.51 11.73
C VAL A 948 -7.41 -16.46 12.80
N LEU A 949 -6.70 -16.56 13.93
CA LEU A 949 -7.13 -17.33 15.09
C LEU A 949 -6.70 -16.58 16.36
N LEU A 950 -7.61 -16.48 17.32
CA LEU A 950 -7.38 -15.75 18.57
C LEU A 950 -7.05 -16.69 19.72
N LEU A 951 -5.94 -16.41 20.41
CA LEU A 951 -5.48 -17.19 21.55
C LEU A 951 -5.59 -16.42 22.86
N ALA A 952 -5.66 -17.16 23.97
CA ALA A 952 -5.72 -16.61 25.32
C ALA A 952 -4.81 -17.40 26.25
N TYR A 953 -3.91 -16.70 26.97
CA TYR A 953 -3.03 -17.37 27.91
C TYR A 953 -3.68 -17.46 29.29
N LYS A 954 -3.89 -18.69 29.76
CA LYS A 954 -4.48 -18.97 31.07
C LYS A 954 -3.32 -18.94 32.10
N PRO A 955 -3.23 -17.91 32.97
CA PRO A 955 -2.09 -17.81 33.90
C PRO A 955 -1.91 -18.99 34.86
N MET A 956 -2.98 -19.42 35.55
CA MET A 956 -2.94 -20.53 36.50
C MET A 956 -2.68 -21.88 35.82
N GLU A 957 -3.22 -22.06 34.59
CA GLU A 957 -3.07 -23.30 33.82
C GLU A 957 -1.71 -23.38 33.10
N GLY A 958 -1.19 -22.23 32.67
CA GLY A 958 0.09 -22.13 31.94
C GLY A 958 -0.01 -22.82 30.60
N ASN A 959 -1.05 -22.45 29.83
CA ASN A 959 -1.37 -23.02 28.53
C ASN A 959 -2.16 -21.99 27.71
N PHE A 960 -2.23 -22.21 26.37
CA PHE A 960 -2.98 -21.36 25.44
C PHE A 960 -4.35 -21.96 25.11
N GLU A 961 -5.38 -21.10 25.03
CA GLU A 961 -6.76 -21.48 24.71
C GLU A 961 -7.19 -20.77 23.40
N GLU A 962 -7.69 -21.53 22.42
CA GLU A 962 -8.17 -20.98 21.15
C GLU A 962 -9.59 -20.41 21.35
N ILE A 963 -9.70 -19.06 21.44
CA ILE A 963 -10.96 -18.34 21.62
C ILE A 963 -11.80 -18.53 20.36
N ALA A 964 -11.39 -17.89 19.26
CA ALA A 964 -12.11 -17.92 17.99
C ALA A 964 -11.18 -18.11 16.79
N ARG A 965 -11.75 -18.49 15.64
CA ARG A 965 -11.02 -18.62 14.39
C ARG A 965 -11.89 -18.27 13.19
N ASP A 966 -11.24 -17.91 12.08
CA ASP A 966 -11.85 -17.54 10.81
C ASP A 966 -10.88 -17.93 9.69
N PHE A 967 -11.38 -18.59 8.66
CA PHE A 967 -10.57 -19.05 7.54
C PHE A 967 -11.31 -18.72 6.26
N ASN A 968 -10.96 -17.58 5.66
CA ASN A 968 -11.55 -17.13 4.40
C ASN A 968 -10.42 -16.60 3.53
N PRO A 969 -9.87 -17.50 2.66
CA PRO A 969 -8.69 -17.15 1.86
C PRO A 969 -8.74 -15.87 1.03
N ASN A 970 -7.77 -15.00 1.30
CA ASN A 970 -7.45 -13.75 0.61
C ASN A 970 -6.12 -13.28 1.12
N TRP A 971 -5.32 -12.64 0.27
CA TRP A 971 -4.00 -12.17 0.66
C TRP A 971 -4.07 -11.05 1.71
N MET A 972 -3.33 -11.21 2.82
CA MET A 972 -3.31 -10.23 3.90
C MET A 972 -1.91 -9.66 4.05
N SER A 973 -1.77 -8.32 4.02
CA SER A 973 -0.46 -7.66 4.09
C SER A 973 -0.09 -7.09 5.47
N ALA A 974 -1.10 -6.76 6.27
CA ALA A 974 -0.95 -6.19 7.60
C ALA A 974 -2.19 -6.46 8.45
N VAL A 975 -2.04 -6.40 9.77
CA VAL A 975 -3.09 -6.58 10.78
C VAL A 975 -2.66 -5.86 12.09
N GLU A 976 -3.64 -5.30 12.82
CA GLU A 976 -3.44 -4.58 14.08
C GLU A 976 -4.67 -4.74 14.95
N ILE A 977 -4.49 -4.88 16.27
CA ILE A 977 -5.60 -4.92 17.21
C ILE A 977 -6.04 -3.48 17.50
N LEU A 978 -7.33 -3.16 17.25
CA LEU A 978 -7.89 -1.83 17.48
C LEU A 978 -8.23 -1.62 18.97
N ASP A 979 -8.99 -2.57 19.55
CA ASP A 979 -9.44 -2.59 20.93
C ASP A 979 -9.57 -4.03 21.45
N ASP A 980 -10.21 -4.19 22.61
CA ASP A 980 -10.44 -5.47 23.29
C ASP A 980 -11.18 -6.48 22.40
N ASP A 981 -12.16 -6.01 21.58
CA ASP A 981 -13.00 -6.85 20.73
C ASP A 981 -12.79 -6.70 19.21
N ASN A 982 -12.06 -5.66 18.78
CA ASN A 982 -11.86 -5.41 17.34
C ASN A 982 -10.42 -5.44 16.85
N PHE A 983 -10.24 -5.72 15.55
CA PHE A 983 -8.94 -5.71 14.87
C PHE A 983 -9.05 -5.31 13.40
N LEU A 984 -8.10 -4.47 12.96
CA LEU A 984 -8.00 -3.87 11.62
C LEU A 984 -6.96 -4.60 10.76
N GLY A 985 -7.21 -4.71 9.47
CA GLY A 985 -6.28 -5.35 8.57
C GLY A 985 -6.35 -4.89 7.13
N ALA A 986 -5.29 -5.22 6.35
CA ALA A 986 -5.17 -4.92 4.94
C ALA A 986 -5.30 -6.22 4.13
N GLU A 987 -6.24 -6.24 3.17
CA GLU A 987 -6.63 -7.39 2.34
C GLU A 987 -6.33 -7.18 0.89
N ASN A 988 -6.25 -8.30 0.10
CA ASN A 988 -5.98 -8.31 -1.33
C ASN A 988 -6.98 -7.50 -2.11
N ALA A 989 -6.41 -6.73 -3.05
CA ALA A 989 -6.94 -5.72 -3.96
C ALA A 989 -7.16 -4.42 -3.21
N PHE A 990 -6.10 -3.99 -2.49
CA PHE A 990 -5.93 -2.72 -1.79
C PHE A 990 -7.10 -2.34 -0.87
N ASN A 991 -7.61 -3.32 -0.12
CA ASN A 991 -8.74 -3.16 0.79
C ASN A 991 -8.36 -3.17 2.27
N LEU A 992 -9.25 -2.61 3.11
CA LEU A 992 -9.15 -2.61 4.57
C LEU A 992 -10.38 -3.35 5.13
N PHE A 993 -10.20 -4.05 6.27
CA PHE A 993 -11.29 -4.76 6.93
C PHE A 993 -11.19 -4.63 8.45
N VAL A 994 -12.30 -4.89 9.16
CA VAL A 994 -12.36 -4.86 10.62
C VAL A 994 -13.18 -6.07 11.10
N CAF A 995 -12.66 -6.82 12.08
CA CAF A 995 -13.35 -7.98 12.64
CB CAF A 995 -12.73 -9.35 12.45
C CAF A 995 -13.62 -7.79 14.10
O CAF A 995 -12.77 -7.25 14.82
SG CAF A 995 -12.41 -9.65 10.69
AS CAF A 995 -12.19 -11.85 10.35
CE1 CAF A 995 -13.72 -12.15 9.26
CE2 CAF A 995 -10.61 -11.90 9.30
O1 CAF A 995 -12.15 -12.75 11.69
N GLN A 996 -14.81 -8.21 14.55
CA GLN A 996 -15.29 -8.06 15.92
C GLN A 996 -15.38 -9.46 16.58
N LYS A 997 -15.81 -9.51 17.87
CA LYS A 997 -16.01 -10.75 18.64
C LYS A 997 -17.48 -10.88 19.03
N THR A 1002 -23.68 -15.70 23.22
CA THR A 1002 -23.84 -16.54 24.42
C THR A 1002 -23.44 -17.99 24.16
N THR A 1003 -23.81 -18.54 22.99
CA THR A 1003 -23.51 -19.92 22.60
C THR A 1003 -22.06 -20.06 22.12
N ASP A 1004 -21.43 -21.24 22.37
CA ASP A 1004 -20.03 -21.52 22.00
C ASP A 1004 -19.78 -21.41 20.48
N GLU A 1005 -20.64 -22.03 19.64
CA GLU A 1005 -20.54 -21.99 18.17
C GLU A 1005 -20.74 -20.57 17.60
N GLU A 1006 -21.06 -19.60 18.47
CA GLU A 1006 -21.23 -18.18 18.13
C GLU A 1006 -20.01 -17.38 18.63
N ARG A 1007 -19.60 -17.62 19.90
CA ARG A 1007 -18.46 -16.96 20.54
C ARG A 1007 -17.10 -17.37 19.95
N GLN A 1008 -17.01 -18.61 19.40
CA GLN A 1008 -15.80 -19.16 18.75
C GLN A 1008 -15.66 -18.72 17.29
N HIS A 1009 -16.49 -17.75 16.84
CA HIS A 1009 -16.47 -17.22 15.49
C HIS A 1009 -16.48 -15.71 15.45
N LEU A 1010 -15.55 -15.14 14.66
CA LEU A 1010 -15.34 -13.70 14.46
C LEU A 1010 -16.17 -13.21 13.28
N GLN A 1011 -16.68 -11.96 13.37
CA GLN A 1011 -17.52 -11.40 12.31
C GLN A 1011 -16.94 -10.14 11.66
N GLU A 1012 -16.89 -10.15 10.32
CA GLU A 1012 -16.40 -9.12 9.41
C GLU A 1012 -17.37 -7.92 9.43
N VAL A 1013 -17.05 -6.87 10.22
CA VAL A 1013 -17.87 -5.66 10.42
C VAL A 1013 -17.50 -4.47 9.48
N GLY A 1014 -16.25 -4.42 9.04
CA GLY A 1014 -15.76 -3.34 8.18
C GLY A 1014 -15.15 -3.82 6.88
N LEU A 1015 -15.57 -3.24 5.75
CA LEU A 1015 -15.06 -3.54 4.41
C LEU A 1015 -14.94 -2.24 3.65
N PHE A 1016 -13.74 -1.94 3.08
CA PHE A 1016 -13.46 -0.67 2.41
C PHE A 1016 -12.35 -0.79 1.37
N HIS A 1017 -12.58 -0.28 0.12
CA HIS A 1017 -11.51 -0.29 -0.89
C HIS A 1017 -10.70 0.99 -0.72
N LEU A 1018 -9.47 0.85 -0.20
CA LEU A 1018 -8.58 1.96 0.09
C LEU A 1018 -7.90 2.52 -1.16
N GLY A 1019 -7.47 1.63 -2.06
CA GLY A 1019 -6.73 1.98 -3.26
C GLY A 1019 -5.24 1.97 -2.97
N GLU A 1020 -4.84 1.43 -1.80
CA GLU A 1020 -3.45 1.37 -1.34
C GLU A 1020 -3.06 0.05 -0.68
N PHE A 1021 -1.76 -0.30 -0.77
CA PHE A 1021 -1.23 -1.52 -0.20
C PHE A 1021 -0.50 -1.22 1.12
N VAL A 1022 -1.20 -1.42 2.24
CA VAL A 1022 -0.70 -1.18 3.60
C VAL A 1022 0.27 -2.28 4.02
N ASN A 1023 1.49 -1.89 4.43
CA ASN A 1023 2.52 -2.81 4.91
C ASN A 1023 2.64 -2.76 6.44
N VAL A 1024 2.23 -1.63 7.04
CA VAL A 1024 2.33 -1.36 8.47
C VAL A 1024 1.16 -0.54 9.02
N PHE A 1025 0.72 -0.91 10.24
CA PHE A 1025 -0.26 -0.25 11.09
C PHE A 1025 0.49 0.10 12.36
N CYS A 1026 0.22 1.27 12.93
CA CYS A 1026 0.92 1.76 14.10
C CYS A 1026 0.05 2.66 14.94
N HIS A 1027 -0.02 2.40 16.25
CA HIS A 1027 -0.77 3.27 17.15
C HIS A 1027 0.05 4.53 17.44
N GLY A 1028 -0.55 5.69 17.20
CA GLY A 1028 0.12 6.97 17.42
C GLY A 1028 -0.57 8.13 16.72
N SER A 1029 -0.06 9.35 16.95
CA SER A 1029 -0.63 10.56 16.35
C SER A 1029 0.43 11.62 16.10
N LEU A 1030 0.33 12.31 14.96
CA LEU A 1030 1.25 13.40 14.59
C LEU A 1030 0.77 14.75 15.15
N VAL A 1031 -0.41 14.74 15.82
CA VAL A 1031 -1.11 15.87 16.45
C VAL A 1031 -0.89 15.89 17.97
N MET A 1032 -0.72 17.11 18.55
CA MET A 1032 -0.48 17.36 19.98
C MET A 1032 -1.58 16.77 20.89
N THR A 1040 -14.31 13.44 23.79
CA THR A 1040 -13.80 13.57 22.43
C THR A 1040 -14.73 12.91 21.38
N PRO A 1041 -14.77 13.42 20.12
CA PRO A 1041 -15.69 12.84 19.11
C PRO A 1041 -15.37 11.40 18.66
N THR A 1042 -14.07 11.06 18.58
CA THR A 1042 -13.56 9.77 18.11
C THR A 1042 -12.78 8.99 19.18
N GLN A 1043 -12.71 7.66 19.00
CA GLN A 1043 -12.02 6.72 19.90
C GLN A 1043 -10.80 6.12 19.17
N GLY A 1044 -9.62 6.25 19.78
CA GLY A 1044 -8.36 5.72 19.26
C GLY A 1044 -7.76 6.40 18.03
N SER A 1045 -6.53 5.98 17.66
CA SER A 1045 -5.77 6.49 16.50
C SER A 1045 -4.72 5.49 16.02
N VAL A 1046 -4.92 4.95 14.79
CA VAL A 1046 -4.02 3.99 14.15
C VAL A 1046 -3.59 4.58 12.83
N LEU A 1047 -2.27 4.75 12.65
CA LEU A 1047 -1.64 5.26 11.45
C LEU A 1047 -1.28 4.08 10.54
N PHE A 1048 -1.19 4.31 9.21
CA PHE A 1048 -0.81 3.22 8.30
C PHE A 1048 0.11 3.69 7.16
N GLY A 1049 1.12 2.89 6.86
CA GLY A 1049 2.10 3.21 5.82
C GLY A 1049 1.98 2.30 4.63
N THR A 1050 1.95 2.89 3.40
CA THR A 1050 1.76 2.13 2.17
C THR A 1050 2.96 2.10 1.21
N VAL A 1051 2.87 1.24 0.17
CA VAL A 1051 3.87 1.01 -0.88
C VAL A 1051 4.12 2.27 -1.72
N ASN A 1052 3.04 3.05 -1.97
CA ASN A 1052 3.06 4.29 -2.76
C ASN A 1052 3.50 5.53 -1.97
N GLY A 1053 3.85 5.38 -0.71
CA GLY A 1053 4.26 6.50 0.15
C GLY A 1053 3.09 7.22 0.81
N MET A 1054 1.85 6.72 0.63
CA MET A 1054 0.66 7.29 1.25
C MET A 1054 0.63 6.90 2.74
N ILE A 1055 0.32 7.87 3.61
CA ILE A 1055 0.15 7.65 5.07
C ILE A 1055 -1.31 7.93 5.36
N GLY A 1056 -1.94 7.09 6.17
CA GLY A 1056 -3.35 7.23 6.51
C GLY A 1056 -3.62 7.07 7.99
N LEU A 1057 -4.84 7.42 8.41
CA LEU A 1057 -5.25 7.37 9.80
C LEU A 1057 -6.63 6.73 9.91
N VAL A 1058 -6.77 5.80 10.86
CA VAL A 1058 -8.03 5.10 11.14
C VAL A 1058 -8.45 5.38 12.59
N THR A 1059 -9.69 5.88 12.78
CA THR A 1059 -10.24 6.16 14.11
C THR A 1059 -11.67 5.62 14.22
N SER A 1060 -12.13 5.32 15.44
CA SER A 1060 -13.48 4.79 15.67
C SER A 1060 -14.53 5.91 15.84
N LEU A 1061 -15.80 5.60 15.51
CA LEU A 1061 -16.94 6.51 15.58
C LEU A 1061 -18.09 5.85 16.32
N SER A 1062 -19.05 6.67 16.81
CA SER A 1062 -20.25 6.14 17.47
C SER A 1062 -21.27 5.73 16.39
N GLU A 1063 -22.23 4.86 16.76
CA GLU A 1063 -23.29 4.34 15.90
C GLU A 1063 -24.04 5.45 15.15
N SER A 1064 -24.43 6.53 15.86
CA SER A 1064 -25.15 7.65 15.28
C SER A 1064 -24.27 8.63 14.52
N TRP A 1065 -23.02 8.83 14.97
CA TRP A 1065 -22.06 9.69 14.28
C TRP A 1065 -21.68 9.07 12.95
N TYR A 1066 -21.60 7.73 12.88
CA TYR A 1066 -21.33 6.99 11.64
C TYR A 1066 -22.48 7.25 10.65
N ASN A 1067 -23.72 7.06 11.11
CA ASN A 1067 -24.93 7.25 10.29
C ASN A 1067 -25.05 8.69 9.79
N LEU A 1068 -24.69 9.68 10.63
CA LEU A 1068 -24.71 11.11 10.28
C LEU A 1068 -23.76 11.39 9.12
N LEU A 1069 -22.55 10.86 9.21
CA LEU A 1069 -21.51 11.04 8.21
C LEU A 1069 -21.77 10.22 6.96
N LEU A 1070 -22.39 9.03 7.10
CA LEU A 1070 -22.71 8.19 5.95
C LEU A 1070 -23.80 8.84 5.13
N ASP A 1071 -24.80 9.42 5.80
CA ASP A 1071 -25.90 10.14 5.16
C ASP A 1071 -25.32 11.32 4.40
N MET A 1072 -24.38 12.04 5.05
CA MET A 1072 -23.66 13.20 4.51
C MET A 1072 -22.88 12.81 3.24
N GLN A 1073 -22.24 11.61 3.24
CA GLN A 1073 -21.48 11.07 2.10
C GLN A 1073 -22.36 10.90 0.87
N ASN A 1074 -23.59 10.39 1.07
CA ASN A 1074 -24.53 10.16 -0.03
C ASN A 1074 -24.99 11.47 -0.64
N ARG A 1075 -25.11 12.50 0.21
CA ARG A 1075 -25.52 13.85 -0.18
C ARG A 1075 -24.39 14.63 -0.83
N LEU A 1076 -23.12 14.45 -0.35
CA LEU A 1076 -21.92 15.09 -0.90
C LEU A 1076 -21.64 14.59 -2.30
N ASN A 1077 -21.89 13.29 -2.54
CA ASN A 1077 -21.66 12.62 -3.82
C ASN A 1077 -22.63 13.06 -4.91
N LYS A 1078 -23.72 13.76 -4.52
CA LYS A 1078 -24.72 14.26 -5.44
C LYS A 1078 -24.33 15.65 -5.90
N VAL A 1079 -23.51 16.35 -5.07
CA VAL A 1079 -23.00 17.71 -5.30
C VAL A 1079 -21.65 17.69 -6.01
N ILE A 1080 -20.67 16.94 -5.47
CA ILE A 1080 -19.31 16.84 -5.98
C ILE A 1080 -19.25 16.16 -7.35
N LYS A 1081 -18.55 16.83 -8.29
CA LYS A 1081 -18.31 16.34 -9.65
C LYS A 1081 -17.04 15.49 -9.63
N SER A 1082 -17.17 14.20 -10.02
CA SER A 1082 -16.08 13.21 -10.05
C SER A 1082 -15.30 13.26 -11.37
N VAL A 1083 -13.94 13.30 -11.27
CA VAL A 1083 -13.03 13.34 -12.42
C VAL A 1083 -13.15 12.02 -13.17
N GLY A 1084 -13.63 12.09 -14.41
CA GLY A 1084 -13.86 10.91 -15.23
C GLY A 1084 -15.22 10.30 -14.97
N LYS A 1085 -16.02 10.94 -14.09
CA LYS A 1085 -17.39 10.58 -13.69
C LYS A 1085 -17.52 9.12 -13.19
N ILE A 1086 -16.70 8.76 -12.18
CA ILE A 1086 -16.69 7.46 -11.49
C ILE A 1086 -17.53 7.62 -10.22
N GLU A 1087 -18.45 6.69 -9.96
CA GLU A 1087 -19.27 6.72 -8.75
C GLU A 1087 -18.40 6.39 -7.52
N HIS A 1088 -18.41 7.26 -6.50
CA HIS A 1088 -17.63 7.10 -5.26
C HIS A 1088 -17.89 5.73 -4.59
N SER A 1089 -19.18 5.31 -4.51
CA SER A 1089 -19.66 4.03 -3.96
C SER A 1089 -18.97 2.84 -4.65
N PHE A 1090 -18.78 2.93 -5.99
CA PHE A 1090 -18.11 1.92 -6.82
C PHE A 1090 -16.62 1.86 -6.46
N TRP A 1091 -15.98 3.03 -6.38
CA TRP A 1091 -14.57 3.19 -6.04
C TRP A 1091 -14.25 2.60 -4.67
N ARG A 1092 -15.12 2.86 -3.68
CA ARG A 1092 -14.92 2.39 -2.32
C ARG A 1092 -15.38 0.95 -2.09
N SER A 1093 -16.06 0.34 -3.08
CA SER A 1093 -16.55 -1.04 -3.00
C SER A 1093 -15.44 -2.04 -2.86
N PHE A 1094 -15.51 -2.86 -1.78
CA PHE A 1094 -14.58 -3.94 -1.47
C PHE A 1094 -14.51 -4.81 -2.71
N HIS A 1095 -13.36 -4.77 -3.37
CA HIS A 1095 -13.16 -5.44 -4.63
C HIS A 1095 -12.08 -6.51 -4.58
N THR A 1096 -12.38 -7.65 -5.21
CA THR A 1096 -11.50 -8.81 -5.45
C THR A 1096 -11.83 -9.25 -6.89
N GLU A 1097 -11.09 -10.24 -7.41
CA GLU A 1097 -11.30 -10.80 -8.76
C GLU A 1097 -12.64 -11.55 -8.77
N ARG A 1098 -13.07 -12.05 -7.58
CA ARG A 1098 -14.31 -12.78 -7.32
C ARG A 1098 -15.47 -11.83 -7.05
N LYS A 1099 -15.55 -11.23 -5.83
CA LYS A 1099 -16.66 -10.37 -5.44
C LYS A 1099 -16.31 -8.87 -5.32
N THR A 1100 -17.35 -8.03 -5.54
CA THR A 1100 -17.35 -6.56 -5.42
C THR A 1100 -18.60 -6.19 -4.61
N GLU A 1101 -18.41 -5.98 -3.31
CA GLU A 1101 -19.45 -5.66 -2.33
C GLU A 1101 -19.30 -4.19 -1.88
N PRO A 1102 -20.41 -3.41 -1.72
CA PRO A 1102 -20.26 -2.02 -1.25
C PRO A 1102 -19.56 -1.92 0.08
N ALA A 1103 -18.83 -0.83 0.29
CA ALA A 1103 -18.10 -0.58 1.53
C ALA A 1103 -19.07 -0.53 2.73
N THR A 1104 -18.68 -1.22 3.82
CA THR A 1104 -19.45 -1.30 5.06
C THR A 1104 -18.59 -0.92 6.27
N GLY A 1105 -19.22 -0.29 7.26
CA GLY A 1105 -18.63 0.15 8.52
C GLY A 1105 -17.42 1.07 8.45
N PHE A 1106 -17.28 1.81 7.33
CA PHE A 1106 -16.17 2.73 7.04
C PHE A 1106 -16.64 4.05 6.43
N ILE A 1107 -16.04 5.17 6.88
CA ILE A 1107 -16.32 6.53 6.41
C ILE A 1107 -15.05 7.08 5.74
N ASP A 1108 -15.20 7.54 4.48
CA ASP A 1108 -14.13 8.14 3.69
C ASP A 1108 -13.92 9.61 4.13
N GLY A 1109 -13.00 9.79 5.08
CA GLY A 1109 -12.59 11.06 5.67
C GLY A 1109 -12.23 12.13 4.66
N ASP A 1110 -11.53 11.72 3.57
CA ASP A 1110 -11.13 12.57 2.46
C ASP A 1110 -12.38 13.19 1.81
N LEU A 1111 -13.47 12.39 1.65
CA LEU A 1111 -14.72 12.87 1.07
C LEU A 1111 -15.42 13.80 2.06
N ILE A 1112 -15.50 13.40 3.35
CA ILE A 1112 -16.12 14.19 4.42
C ILE A 1112 -15.46 15.57 4.56
N GLU A 1113 -14.11 15.61 4.45
CA GLU A 1113 -13.32 16.85 4.55
C GLU A 1113 -13.57 17.83 3.39
N SER A 1114 -13.98 17.34 2.20
CA SER A 1114 -14.25 18.23 1.07
C SER A 1114 -15.56 19.05 1.23
N PHE A 1115 -16.32 18.82 2.34
CA PHE A 1115 -17.53 19.59 2.67
C PHE A 1115 -17.13 21.01 3.07
N LEU A 1116 -15.97 21.17 3.74
CA LEU A 1116 -15.44 22.47 4.16
C LEU A 1116 -14.91 23.24 2.96
N ASP A 1117 -14.71 22.55 1.83
CA ASP A 1117 -14.17 23.10 0.58
C ASP A 1117 -15.24 23.48 -0.46
N ILE A 1118 -16.45 22.86 -0.43
CA ILE A 1118 -17.54 23.17 -1.38
C ILE A 1118 -18.13 24.57 -1.15
N SER A 1119 -18.86 25.12 -2.15
CA SER A 1119 -19.48 26.44 -2.05
C SER A 1119 -20.51 26.47 -0.91
N ARG A 1120 -20.66 27.65 -0.25
CA ARG A 1120 -21.63 27.80 0.85
C ARG A 1120 -23.07 27.45 0.43
N PRO A 1121 -23.60 27.83 -0.79
CA PRO A 1121 -24.94 27.36 -1.19
C PRO A 1121 -24.98 25.83 -1.39
N LYS A 1122 -23.85 25.20 -1.78
CA LYS A 1122 -23.77 23.75 -1.95
C LYS A 1122 -23.76 23.04 -0.60
N MET A 1123 -23.21 23.68 0.46
CA MET A 1123 -23.20 23.16 1.83
C MET A 1123 -24.63 23.11 2.34
N GLN A 1124 -25.40 24.16 2.01
CA GLN A 1124 -26.81 24.33 2.38
C GLN A 1124 -27.66 23.22 1.77
N GLU A 1125 -27.37 22.83 0.52
CA GLU A 1125 -28.06 21.78 -0.22
C GLU A 1125 -27.83 20.42 0.46
N VAL A 1126 -26.55 20.09 0.78
CA VAL A 1126 -26.09 18.87 1.45
C VAL A 1126 -26.75 18.72 2.84
N VAL A 1127 -26.82 19.82 3.62
CA VAL A 1127 -27.39 19.83 4.99
C VAL A 1127 -28.92 19.88 5.00
N ALA A 1128 -29.55 20.31 3.88
CA ALA A 1128 -31.01 20.45 3.79
C ALA A 1128 -31.73 19.12 3.93
N ASN A 1129 -32.53 19.00 5.01
CA ASN A 1129 -33.33 17.82 5.40
C ASN A 1129 -32.46 16.58 5.75
N LEU A 1130 -31.13 16.79 6.00
CA LEU A 1130 -30.11 15.77 6.32
C LEU A 1130 -30.38 15.04 7.65
N GLN A 1131 -30.61 15.81 8.76
CA GLN A 1131 -30.87 15.30 10.13
C GLN A 1131 -29.69 14.51 10.72
N LYS A 1139 -35.29 11.16 15.37
CA LYS A 1139 -34.64 12.11 14.48
C LYS A 1139 -34.47 13.49 15.11
N ARG A 1140 -33.35 14.15 14.77
CA ARG A 1140 -32.97 15.50 15.25
C ARG A 1140 -32.44 16.32 14.06
N GLU A 1141 -32.81 17.61 13.99
CA GLU A 1141 -32.42 18.52 12.90
C GLU A 1141 -30.98 18.98 12.99
N ALA A 1142 -30.32 19.13 11.83
CA ALA A 1142 -28.91 19.52 11.74
C ALA A 1142 -28.67 20.82 10.99
N THR A 1143 -28.06 21.80 11.68
CA THR A 1143 -27.71 23.11 11.12
C THR A 1143 -26.41 22.96 10.33
N ALA A 1144 -26.20 23.84 9.34
CA ALA A 1144 -24.95 23.86 8.56
C ALA A 1144 -23.80 24.24 9.50
N ASP A 1145 -24.06 25.17 10.46
CA ASP A 1145 -23.13 25.63 11.49
C ASP A 1145 -22.71 24.47 12.41
N ASP A 1146 -23.64 23.53 12.69
CA ASP A 1146 -23.41 22.34 13.50
C ASP A 1146 -22.45 21.41 12.76
N LEU A 1147 -22.73 21.17 11.46
CA LEU A 1147 -21.94 20.32 10.58
C LEU A 1147 -20.58 20.89 10.22
N ILE A 1148 -20.41 22.24 10.29
CA ILE A 1148 -19.11 22.89 10.04
C ILE A 1148 -18.19 22.51 11.19
N LYS A 1149 -18.69 22.64 12.45
CA LYS A 1149 -17.96 22.31 13.69
C LYS A 1149 -17.55 20.84 13.73
N VAL A 1150 -18.47 19.91 13.40
CA VAL A 1150 -18.26 18.45 13.35
C VAL A 1150 -17.11 18.10 12.36
N VAL A 1151 -17.22 18.58 11.11
CA VAL A 1151 -16.24 18.33 10.05
C VAL A 1151 -14.88 18.96 10.39
N GLU A 1152 -14.88 20.19 10.98
CA GLU A 1152 -13.66 20.89 11.40
C GLU A 1152 -12.91 20.07 12.46
N GLU A 1153 -13.67 19.56 13.47
CA GLU A 1153 -13.20 18.72 14.57
C GLU A 1153 -12.47 17.46 14.04
N LEU A 1154 -12.99 16.87 12.95
CA LEU A 1154 -12.40 15.69 12.29
C LEU A 1154 -11.11 16.02 11.53
N THR A 1155 -10.89 17.29 11.15
CA THR A 1155 -9.67 17.66 10.42
C THR A 1155 -8.50 17.81 11.41
N ARG A 1156 -8.82 18.00 12.70
CA ARG A 1156 -7.87 18.17 13.79
C ARG A 1156 -7.15 16.88 14.21
N ILE A 1157 -7.67 15.70 13.81
CA ILE A 1157 -7.06 14.40 14.14
C ILE A 1157 -5.73 14.17 13.40
N HIS A 1158 -5.53 14.85 12.27
CA HIS A 1158 -4.31 14.72 11.49
C HIS A 1158 -3.68 16.08 11.12
N MET B 71 12.10 -52.38 -13.28
CA MET B 71 11.01 -51.51 -13.74
C MET B 71 9.67 -52.26 -13.82
N ILE B 72 8.55 -51.53 -13.59
CA ILE B 72 7.16 -52.04 -13.61
C ILE B 72 6.59 -52.10 -15.05
N ASN B 73 5.96 -53.24 -15.41
CA ASN B 73 5.33 -53.42 -16.71
C ASN B 73 3.80 -53.55 -16.60
N PHE B 74 3.23 -53.36 -15.38
CA PHE B 74 1.78 -53.41 -15.18
C PHE B 74 1.19 -52.11 -15.71
N ASP B 75 0.02 -52.21 -16.38
CA ASP B 75 -0.70 -51.07 -16.95
C ASP B 75 -1.45 -50.26 -15.88
N THR B 76 -0.82 -49.17 -15.42
CA THR B 76 -1.35 -48.26 -14.40
C THR B 76 -2.77 -47.72 -14.68
N SER B 77 -3.18 -47.74 -15.96
CA SER B 77 -4.52 -47.29 -16.32
C SER B 77 -5.61 -48.31 -15.93
N LEU B 78 -5.30 -49.63 -16.04
CA LEU B 78 -6.20 -50.74 -15.71
C LEU B 78 -7.01 -50.57 -14.39
N PRO B 79 -6.42 -50.27 -13.20
CA PRO B 79 -7.26 -50.15 -11.98
C PRO B 79 -8.37 -49.10 -12.06
N THR B 80 -8.07 -47.91 -12.61
CA THR B 80 -8.98 -46.76 -12.73
C THR B 80 -10.27 -47.05 -13.54
N SER B 81 -10.26 -48.07 -14.42
CA SER B 81 -11.42 -48.40 -15.26
C SER B 81 -12.44 -49.38 -14.61
N HIS B 82 -12.11 -49.93 -13.42
CA HIS B 82 -12.94 -50.84 -12.63
C HIS B 82 -13.56 -51.98 -13.46
N MET B 83 -12.71 -52.73 -14.16
CA MET B 83 -13.10 -53.84 -15.04
C MET B 83 -13.86 -54.96 -14.35
N TYR B 84 -13.60 -55.16 -13.03
CA TYR B 84 -14.28 -56.16 -12.19
C TYR B 84 -15.79 -55.87 -12.14
N LEU B 85 -16.15 -54.58 -12.30
CA LEU B 85 -17.52 -54.06 -12.31
C LEU B 85 -18.19 -54.43 -13.62
N GLY B 86 -17.37 -54.90 -14.57
CA GLY B 86 -17.81 -55.33 -15.88
C GLY B 86 -17.75 -54.24 -16.92
N SER B 87 -17.43 -54.62 -18.16
CA SER B 87 -17.43 -53.70 -19.31
C SER B 87 -18.90 -53.58 -19.79
N ASP B 88 -19.13 -52.88 -20.90
CA ASP B 88 -20.47 -52.67 -21.49
C ASP B 88 -21.41 -51.92 -20.51
N MET B 89 -20.98 -50.74 -20.07
CA MET B 89 -21.76 -49.88 -19.19
C MET B 89 -22.22 -48.64 -19.94
N GLU B 90 -23.47 -48.20 -19.66
CA GLU B 90 -24.06 -47.01 -20.27
C GLU B 90 -23.27 -45.80 -19.81
N GLU B 91 -22.67 -45.09 -20.77
CA GLU B 91 -21.87 -43.91 -20.46
C GLU B 91 -22.66 -42.64 -20.58
N PHE B 92 -22.40 -41.72 -19.66
CA PHE B 92 -23.03 -40.41 -19.66
C PHE B 92 -21.97 -39.34 -19.69
N HIS B 93 -22.19 -38.36 -20.57
CA HIS B 93 -21.31 -37.24 -20.88
C HIS B 93 -21.72 -35.93 -20.18
N GLY B 94 -22.99 -35.52 -20.37
CA GLY B 94 -23.62 -34.32 -19.82
C GLY B 94 -23.24 -34.01 -18.38
N ARG B 95 -22.82 -32.76 -18.12
CA ARG B 95 -22.36 -32.34 -16.80
C ARG B 95 -23.30 -31.37 -16.10
N THR B 96 -23.58 -31.63 -14.83
CA THR B 96 -24.42 -30.80 -13.97
C THR B 96 -23.54 -30.13 -12.93
N LEU B 97 -23.68 -28.80 -12.78
CA LEU B 97 -22.93 -28.00 -11.80
C LEU B 97 -23.84 -26.95 -11.15
N HIS B 98 -23.88 -26.93 -9.81
CA HIS B 98 -24.69 -25.98 -9.05
C HIS B 98 -23.94 -24.68 -8.77
N ASP B 99 -24.68 -23.56 -8.77
CA ASP B 99 -24.12 -22.23 -8.48
C ASP B 99 -23.50 -22.20 -7.10
N ASP B 100 -22.47 -21.35 -6.91
CA ASP B 100 -21.79 -21.22 -5.63
C ASP B 100 -22.74 -20.66 -4.57
N ASP B 101 -22.58 -21.13 -3.32
CA ASP B 101 -23.37 -20.77 -2.13
C ASP B 101 -24.86 -21.15 -2.26
N SER B 102 -25.27 -21.74 -3.41
CA SER B 102 -26.67 -22.13 -3.65
C SER B 102 -27.09 -23.34 -2.82
N CYS B 103 -28.35 -23.34 -2.40
CA CYS B 103 -28.94 -24.40 -1.62
C CYS B 103 -29.56 -25.47 -2.54
N GLN B 104 -29.31 -26.76 -2.22
CA GLN B 104 -29.81 -27.90 -3.00
C GLN B 104 -30.35 -29.01 -2.10
N VAL B 105 -31.27 -29.84 -2.62
CA VAL B 105 -31.81 -31.00 -1.89
C VAL B 105 -31.45 -32.26 -2.72
N ILE B 106 -30.40 -32.97 -2.27
CA ILE B 106 -29.81 -34.12 -2.96
C ILE B 106 -30.00 -35.44 -2.19
N PRO B 107 -30.35 -36.56 -2.87
CA PRO B 107 -30.49 -37.84 -2.15
C PRO B 107 -29.13 -38.40 -1.68
N VAL B 108 -29.19 -39.24 -0.65
CA VAL B 108 -28.03 -39.88 -0.01
C VAL B 108 -28.19 -41.40 -0.10
N LEU B 109 -27.15 -42.11 -0.57
CA LEU B 109 -27.18 -43.56 -0.64
C LEU B 109 -26.96 -44.16 0.77
N PRO B 110 -27.93 -44.98 1.26
CA PRO B 110 -27.83 -45.48 2.65
C PRO B 110 -26.66 -46.36 3.03
N HIS B 111 -26.03 -47.08 2.08
CA HIS B 111 -24.93 -47.98 2.43
C HIS B 111 -23.54 -47.48 2.03
N VAL B 112 -23.43 -46.18 1.73
CA VAL B 112 -22.17 -45.54 1.41
C VAL B 112 -21.70 -44.97 2.74
N MET B 113 -20.47 -45.30 3.13
CA MET B 113 -19.90 -44.78 4.38
C MET B 113 -18.52 -44.14 4.15
N VAL B 114 -18.01 -44.18 2.90
CA VAL B 114 -16.73 -43.54 2.52
C VAL B 114 -16.91 -42.05 2.25
N MET B 115 -15.80 -41.30 2.42
CA MET B 115 -15.70 -39.87 2.14
C MET B 115 -15.20 -39.72 0.72
N LEU B 116 -15.91 -38.95 -0.09
CA LEU B 116 -15.50 -38.74 -1.47
C LEU B 116 -14.90 -37.34 -1.62
N ILE B 117 -13.73 -37.25 -2.26
CA ILE B 117 -13.03 -35.99 -2.55
C ILE B 117 -13.44 -35.62 -3.98
N PRO B 118 -13.62 -34.31 -4.37
CA PRO B 118 -13.97 -34.00 -5.77
C PRO B 118 -12.95 -34.55 -6.77
N GLY B 119 -13.45 -35.01 -7.91
CA GLY B 119 -12.65 -35.57 -8.98
C GLY B 119 -12.34 -37.06 -8.83
N GLN B 120 -12.64 -37.63 -7.64
CA GLN B 120 -12.41 -39.03 -7.27
C GLN B 120 -13.51 -39.92 -7.82
N THR B 121 -13.13 -41.11 -8.35
CA THR B 121 -14.04 -42.12 -8.90
C THR B 121 -14.62 -42.99 -7.78
N LEU B 122 -15.95 -43.04 -7.68
CA LEU B 122 -16.64 -43.86 -6.68
C LEU B 122 -17.31 -45.07 -7.36
N PRO B 123 -16.80 -46.30 -7.16
CA PRO B 123 -17.46 -47.46 -7.77
C PRO B 123 -18.53 -48.02 -6.84
N LEU B 124 -19.72 -48.34 -7.38
CA LEU B 124 -20.79 -48.89 -6.56
C LEU B 124 -21.41 -50.14 -7.14
N GLN B 125 -21.96 -50.98 -6.26
CA GLN B 125 -22.63 -52.25 -6.58
C GLN B 125 -23.83 -52.29 -5.63
N LEU B 126 -24.97 -51.81 -6.11
CA LEU B 126 -26.19 -51.65 -5.34
C LEU B 126 -27.18 -52.79 -5.63
N PHE B 127 -27.75 -53.40 -4.55
CA PHE B 127 -28.70 -54.51 -4.65
C PHE B 127 -29.93 -54.34 -3.73
N HIS B 128 -29.88 -53.43 -2.73
CA HIS B 128 -31.01 -53.17 -1.84
C HIS B 128 -32.10 -52.46 -2.64
N PRO B 129 -33.34 -53.05 -2.72
CA PRO B 129 -34.39 -52.47 -3.58
C PRO B 129 -34.57 -50.96 -3.52
N GLN B 130 -34.54 -50.37 -2.32
CA GLN B 130 -34.72 -48.93 -2.12
C GLN B 130 -33.59 -48.11 -2.77
N GLU B 131 -32.33 -48.62 -2.74
CA GLU B 131 -31.15 -47.97 -3.34
C GLU B 131 -31.20 -48.10 -4.86
N VAL B 132 -31.54 -49.30 -5.35
CA VAL B 132 -31.68 -49.60 -6.77
C VAL B 132 -32.72 -48.64 -7.38
N SER B 133 -33.91 -48.50 -6.74
CA SER B 133 -34.96 -47.61 -7.23
C SER B 133 -34.54 -46.14 -7.20
N MET B 134 -33.79 -45.74 -6.15
CA MET B 134 -33.31 -44.38 -5.98
C MET B 134 -32.46 -43.95 -7.17
N VAL B 135 -31.37 -44.69 -7.47
CA VAL B 135 -30.44 -44.40 -8.58
C VAL B 135 -31.07 -44.52 -9.96
N ARG B 136 -31.98 -45.51 -10.14
CA ARG B 136 -32.72 -45.78 -11.36
C ARG B 136 -33.51 -44.50 -11.74
N ASN B 137 -34.08 -43.83 -10.73
CA ASN B 137 -34.84 -42.58 -10.86
C ASN B 137 -33.90 -41.39 -11.06
N LEU B 138 -32.71 -41.46 -10.45
CA LEU B 138 -31.67 -40.45 -10.49
C LEU B 138 -31.08 -40.31 -11.90
N ILE B 139 -31.03 -41.41 -12.67
CA ILE B 139 -30.55 -41.45 -14.05
C ILE B 139 -31.50 -40.64 -14.94
N GLN B 140 -32.82 -40.79 -14.69
CA GLN B 140 -33.91 -40.10 -15.37
C GLN B 140 -33.87 -38.58 -15.21
N LYS B 141 -32.93 -38.07 -14.39
CA LYS B 141 -32.79 -36.64 -14.16
C LYS B 141 -31.32 -36.20 -13.94
N ASP B 142 -31.07 -35.54 -12.80
CA ASP B 142 -29.86 -34.92 -12.28
C ASP B 142 -28.57 -35.76 -12.33
N ARG B 143 -28.69 -37.11 -12.10
CA ARG B 143 -27.59 -38.09 -12.04
C ARG B 143 -26.63 -37.85 -10.87
N THR B 144 -26.88 -36.82 -10.04
CA THR B 144 -26.01 -36.53 -8.90
C THR B 144 -26.66 -36.91 -7.56
N PHE B 145 -25.86 -37.52 -6.68
CA PHE B 145 -26.23 -37.88 -5.32
C PHE B 145 -25.23 -37.26 -4.31
N ALA B 146 -25.55 -37.31 -3.00
CA ALA B 146 -24.70 -36.70 -1.97
C ALA B 146 -23.94 -37.75 -1.18
N VAL B 147 -22.62 -37.54 -1.07
CA VAL B 147 -21.73 -38.42 -0.32
C VAL B 147 -21.31 -37.63 0.91
N LEU B 148 -21.77 -38.07 2.09
CA LEU B 148 -21.54 -37.41 3.38
C LEU B 148 -20.23 -37.82 4.03
N ALA B 149 -19.50 -36.83 4.53
CA ALA B 149 -18.23 -37.03 5.22
C ALA B 149 -18.57 -37.10 6.71
N TYR B 150 -18.77 -38.34 7.20
CA TYR B 150 -19.17 -38.59 8.57
C TYR B 150 -18.09 -38.31 9.60
N SER B 151 -18.46 -37.47 10.61
CA SER B 151 -17.66 -37.08 11.77
C SER B 151 -17.75 -38.18 12.83
N ASN B 152 -18.88 -38.92 12.81
CA ASN B 152 -19.16 -40.09 13.63
C ASN B 152 -20.05 -40.98 12.77
N VAL B 153 -19.43 -42.01 12.18
CA VAL B 153 -20.11 -42.94 11.28
C VAL B 153 -21.17 -43.78 12.02
N ARG B 154 -20.97 -44.06 13.34
CA ARG B 154 -21.94 -44.83 14.13
C ARG B 154 -23.23 -44.05 14.37
N GLU B 155 -23.15 -42.80 14.84
CA GLU B 155 -24.35 -42.00 15.04
C GLU B 155 -24.75 -41.23 13.76
N ARG B 156 -24.10 -41.61 12.63
CA ARG B 156 -24.32 -41.11 11.27
C ARG B 156 -24.42 -39.57 11.22
N GLU B 157 -23.44 -38.90 11.88
CA GLU B 157 -23.32 -37.44 11.96
C GLU B 157 -22.35 -36.92 10.90
N ALA B 158 -22.79 -35.96 10.09
CA ALA B 158 -22.00 -35.34 9.02
C ALA B 158 -22.36 -33.88 8.86
N HIS B 159 -21.34 -33.01 8.76
CA HIS B 159 -21.53 -31.57 8.58
C HIS B 159 -21.06 -31.12 7.19
N PHE B 160 -20.28 -31.98 6.53
CA PHE B 160 -19.75 -31.72 5.19
C PHE B 160 -19.96 -32.95 4.28
N GLY B 161 -19.78 -32.74 2.98
CA GLY B 161 -19.90 -33.77 1.97
C GLY B 161 -19.47 -33.33 0.58
N THR B 162 -19.61 -34.25 -0.41
CA THR B 162 -19.25 -34.02 -1.81
C THR B 162 -20.32 -34.66 -2.66
N THR B 163 -20.65 -34.01 -3.80
CA THR B 163 -21.65 -34.51 -4.74
C THR B 163 -20.99 -35.51 -5.68
N ALA B 164 -21.73 -36.56 -6.02
CA ALA B 164 -21.24 -37.59 -6.92
C ALA B 164 -22.14 -37.65 -8.14
N GLU B 165 -21.55 -37.48 -9.32
CA GLU B 165 -22.27 -37.51 -10.60
C GLU B 165 -21.97 -38.84 -11.27
N ILE B 166 -23.00 -39.62 -11.60
CA ILE B 166 -22.88 -40.92 -12.28
C ILE B 166 -22.37 -40.71 -13.70
N TYR B 167 -21.30 -41.42 -14.08
CA TYR B 167 -20.70 -41.30 -15.40
C TYR B 167 -20.82 -42.60 -16.20
N ALA B 168 -20.91 -43.75 -15.51
CA ALA B 168 -21.10 -45.09 -16.09
C ALA B 168 -22.11 -45.85 -15.23
N TYR B 169 -23.10 -46.50 -15.87
CA TYR B 169 -24.23 -47.16 -15.21
C TYR B 169 -24.64 -48.47 -15.90
N ARG B 170 -25.05 -49.51 -15.13
CA ARG B 170 -25.51 -50.79 -15.71
C ARG B 170 -26.52 -51.54 -14.83
N GLU B 171 -27.69 -51.85 -15.41
CA GLU B 171 -28.73 -52.61 -14.73
C GLU B 171 -28.66 -54.08 -15.10
N GLU B 172 -28.82 -54.93 -14.10
CA GLU B 172 -28.85 -56.38 -14.27
C GLU B 172 -29.95 -56.93 -13.39
N GLN B 173 -30.30 -58.17 -13.63
CA GLN B 173 -31.35 -58.88 -12.95
C GLN B 173 -30.83 -60.30 -12.87
N GLU B 174 -30.74 -60.79 -11.65
CA GLU B 174 -30.19 -62.10 -11.35
C GLU B 174 -30.57 -62.48 -9.96
N TYR B 175 -30.70 -63.79 -9.71
CA TYR B 175 -30.97 -64.37 -8.39
C TYR B 175 -32.23 -63.85 -7.71
N GLY B 176 -33.23 -63.53 -8.51
CA GLY B 176 -34.52 -63.02 -8.06
C GLY B 176 -34.50 -61.56 -7.69
N ILE B 177 -33.38 -60.87 -7.94
CA ILE B 177 -33.24 -59.46 -7.58
C ILE B 177 -32.85 -58.57 -8.76
N GLU B 178 -33.11 -57.27 -8.59
CA GLU B 178 -32.77 -56.24 -9.56
C GLU B 178 -31.51 -55.54 -8.99
N THR B 179 -30.45 -55.56 -9.76
CA THR B 179 -29.16 -55.02 -9.35
C THR B 179 -28.65 -53.92 -10.27
N VAL B 180 -27.84 -53.02 -9.73
CA VAL B 180 -27.30 -51.92 -10.52
C VAL B 180 -25.86 -51.61 -10.06
N LYS B 181 -24.97 -51.42 -11.04
CA LYS B 181 -23.56 -51.13 -10.86
C LYS B 181 -23.30 -49.75 -11.43
N VAL B 182 -22.74 -48.83 -10.62
CA VAL B 182 -22.45 -47.47 -11.09
C VAL B 182 -20.99 -47.07 -10.86
N LYS B 183 -20.57 -46.06 -11.62
CA LYS B 183 -19.27 -45.40 -11.55
C LYS B 183 -19.60 -43.91 -11.55
N ALA B 184 -19.31 -43.26 -10.43
CA ALA B 184 -19.58 -41.84 -10.25
C ALA B 184 -18.27 -41.10 -10.02
N ILE B 185 -18.32 -39.77 -10.05
CA ILE B 185 -17.16 -38.91 -9.86
C ILE B 185 -17.51 -37.73 -8.95
N GLY B 186 -16.60 -37.41 -8.03
CA GLY B 186 -16.75 -36.30 -7.11
C GLY B 186 -16.82 -34.99 -7.85
N ARG B 187 -17.73 -34.12 -7.45
CA ARG B 187 -17.88 -32.87 -8.17
C ARG B 187 -17.73 -31.65 -7.28
N GLN B 188 -18.70 -31.43 -6.39
CA GLN B 188 -18.79 -30.25 -5.55
C GLN B 188 -18.89 -30.54 -4.09
N ARG B 189 -18.07 -29.85 -3.27
CA ARG B 189 -18.12 -29.99 -1.82
C ARG B 189 -19.32 -29.19 -1.32
N PHE B 190 -19.92 -29.61 -0.21
CA PHE B 190 -21.07 -28.91 0.36
C PHE B 190 -21.05 -28.86 1.86
N LYS B 191 -21.89 -27.99 2.40
CA LYS B 191 -22.13 -27.73 3.81
C LYS B 191 -23.54 -28.30 4.12
N VAL B 192 -23.64 -29.29 5.02
CA VAL B 192 -24.92 -29.91 5.40
C VAL B 192 -25.76 -28.90 6.20
N LEU B 193 -27.00 -28.67 5.76
CA LEU B 193 -27.91 -27.72 6.43
C LEU B 193 -28.97 -28.45 7.26
N GLU B 194 -29.43 -29.62 6.77
CA GLU B 194 -30.46 -30.45 7.40
C GLU B 194 -30.53 -31.82 6.69
N ILE B 195 -30.71 -32.92 7.45
CA ILE B 195 -30.86 -34.26 6.86
C ILE B 195 -32.27 -34.80 7.16
N ARG B 196 -33.13 -34.78 6.13
CA ARG B 196 -34.50 -35.28 6.19
C ARG B 196 -34.51 -36.74 5.72
N THR B 197 -35.38 -37.56 6.31
CA THR B 197 -35.46 -38.98 5.97
C THR B 197 -36.82 -39.35 5.35
N GLN B 198 -36.78 -40.19 4.29
CA GLN B 198 -37.97 -40.70 3.59
C GLN B 198 -38.31 -42.07 4.19
N SER B 199 -39.58 -42.48 4.03
CA SER B 199 -40.11 -43.76 4.53
C SER B 199 -39.38 -45.02 4.02
N ASP B 200 -38.88 -44.99 2.76
CA ASP B 200 -38.18 -46.13 2.13
C ASP B 200 -36.76 -46.40 2.67
N GLY B 201 -36.22 -45.47 3.44
CA GLY B 201 -34.88 -45.57 4.02
C GLY B 201 -33.90 -44.57 3.44
N ILE B 202 -34.14 -44.12 2.19
CA ILE B 202 -33.28 -43.14 1.51
C ILE B 202 -33.44 -41.75 2.14
N GLN B 203 -32.31 -41.14 2.53
CA GLN B 203 -32.30 -39.81 3.13
C GLN B 203 -32.06 -38.74 2.08
N GLN B 204 -32.64 -37.56 2.29
CA GLN B 204 -32.46 -36.40 1.44
C GLN B 204 -31.60 -35.40 2.22
N ALA B 205 -30.80 -34.60 1.51
CA ALA B 205 -29.96 -33.66 2.23
C ALA B 205 -30.03 -32.23 1.71
N LYS B 206 -30.49 -31.30 2.57
CA LYS B 206 -30.54 -29.87 2.28
C LYS B 206 -29.11 -29.41 2.51
N VAL B 207 -28.42 -29.06 1.40
CA VAL B 207 -27.00 -28.72 1.42
C VAL B 207 -26.72 -27.36 0.80
N GLN B 208 -25.58 -26.74 1.19
CA GLN B 208 -25.14 -25.45 0.66
C GLN B 208 -23.80 -25.66 -0.02
N ILE B 209 -23.75 -25.43 -1.34
CA ILE B 209 -22.54 -25.63 -2.17
C ILE B 209 -21.43 -24.66 -1.76
N LEU B 210 -20.27 -25.23 -1.41
CA LEU B 210 -19.11 -24.46 -0.99
C LEU B 210 -18.28 -24.10 -2.21
N PRO B 211 -18.02 -22.78 -2.47
CA PRO B 211 -17.24 -22.40 -3.66
C PRO B 211 -15.77 -22.71 -3.53
N GLU B 212 -15.13 -23.01 -4.67
CA GLU B 212 -13.70 -23.22 -4.74
C GLU B 212 -13.10 -21.82 -4.81
N ARG B 213 -12.20 -21.49 -3.87
CA ARG B 213 -11.60 -20.17 -3.80
C ARG B 213 -10.24 -20.12 -4.48
N VAL B 214 -10.21 -19.38 -5.61
CA VAL B 214 -9.04 -19.18 -6.46
C VAL B 214 -8.49 -17.78 -6.19
N LEU B 215 -7.22 -17.71 -5.78
CA LEU B 215 -6.58 -16.44 -5.47
C LEU B 215 -5.56 -16.13 -6.57
N PRO B 216 -5.30 -14.84 -6.88
CA PRO B 216 -4.30 -14.53 -7.92
C PRO B 216 -2.87 -14.70 -7.39
N SER B 217 -1.85 -14.37 -8.20
CA SER B 217 -0.46 -14.39 -7.77
C SER B 217 -0.32 -13.54 -6.51
N THR B 218 0.60 -13.94 -5.62
CA THR B 218 0.84 -13.21 -4.38
C THR B 218 1.29 -11.76 -4.69
N MET B 219 1.97 -11.56 -5.84
CA MET B 219 2.53 -10.29 -6.31
C MET B 219 1.63 -9.47 -7.23
N SER B 220 0.54 -10.07 -7.77
CA SER B 220 -0.41 -9.42 -8.69
C SER B 220 -0.82 -7.98 -8.30
N ALA B 221 -1.19 -7.75 -7.02
CA ALA B 221 -1.61 -6.46 -6.49
C ALA B 221 -0.47 -5.45 -6.39
N VAL B 222 0.59 -5.82 -5.64
CA VAL B 222 1.76 -4.97 -5.39
C VAL B 222 2.45 -4.51 -6.71
N GLN B 223 2.50 -5.36 -7.76
CA GLN B 223 3.12 -4.94 -9.03
C GLN B 223 2.06 -4.44 -10.07
N LEU B 224 1.98 -3.12 -10.20
CA LEU B 224 1.19 -2.35 -11.16
C LEU B 224 2.24 -1.39 -11.74
N GLN B 225 3.31 -2.00 -12.34
CA GLN B 225 4.51 -1.32 -12.83
C GLN B 225 5.16 -1.92 -14.10
N SER B 226 6.40 -1.45 -14.42
CA SER B 226 7.25 -1.81 -15.55
C SER B 226 7.75 -3.26 -15.48
N LEU B 227 8.02 -3.73 -14.26
CA LEU B 227 8.53 -5.08 -13.96
C LEU B 227 7.53 -6.21 -14.26
N SER B 228 6.25 -5.84 -14.53
CA SER B 228 5.14 -6.75 -14.84
C SER B 228 5.47 -7.73 -15.97
N ARG B 229 6.09 -7.23 -17.06
CA ARG B 229 6.48 -8.01 -18.24
C ARG B 229 7.83 -8.72 -18.04
N ARG B 230 7.83 -9.67 -17.08
CA ARG B 230 8.94 -10.56 -16.71
C ARG B 230 8.26 -11.90 -16.45
N HIS B 231 8.03 -12.65 -17.53
CA HIS B 231 7.32 -13.93 -17.52
C HIS B 231 8.08 -15.05 -16.81
N ILE B 232 7.31 -15.96 -16.23
CA ILE B 232 7.73 -17.15 -15.49
C ILE B 232 8.19 -18.26 -16.45
N ARG B 244 19.80 -32.65 -13.61
CA ARG B 244 19.62 -31.47 -12.78
C ARG B 244 19.52 -30.19 -13.64
N ALA B 245 20.13 -29.05 -13.16
CA ALA B 245 20.16 -27.69 -13.75
C ALA B 245 18.82 -26.92 -13.65
N PHE B 246 17.70 -27.64 -13.38
CA PHE B 246 16.35 -27.08 -13.17
C PHE B 246 16.39 -26.23 -11.90
N ARG B 247 17.28 -26.59 -10.95
CA ARG B 247 17.51 -25.94 -9.64
C ARG B 247 17.71 -24.44 -9.81
N GLN B 248 18.55 -24.04 -10.79
CA GLN B 248 18.85 -22.65 -11.10
C GLN B 248 17.67 -21.94 -11.74
N TRP B 249 16.84 -22.66 -12.53
CA TRP B 249 15.62 -22.09 -13.14
C TRP B 249 14.66 -21.66 -12.05
N TRP B 250 14.44 -22.55 -11.06
CA TRP B 250 13.55 -22.30 -9.93
C TRP B 250 14.02 -21.17 -9.03
N GLN B 251 15.34 -20.97 -8.92
CA GLN B 251 15.94 -19.88 -8.15
C GLN B 251 15.72 -18.57 -8.92
N LYS B 252 15.94 -18.60 -10.26
CA LYS B 252 15.74 -17.45 -11.16
C LYS B 252 14.26 -17.06 -11.14
N TYR B 253 13.36 -18.09 -11.08
CA TYR B 253 11.90 -17.97 -10.98
C TYR B 253 11.53 -17.23 -9.66
N GLN B 254 12.07 -17.68 -8.51
CA GLN B 254 11.79 -17.06 -7.21
C GLN B 254 12.26 -15.62 -7.19
N LYS B 255 13.51 -15.38 -7.62
CA LYS B 255 14.13 -14.07 -7.67
C LYS B 255 13.35 -13.13 -8.57
N ARG B 256 12.82 -13.65 -9.69
CA ARG B 256 12.10 -12.83 -10.66
C ARG B 256 10.63 -12.59 -10.28
N LYS B 257 9.83 -13.65 -10.13
CA LYS B 257 8.39 -13.55 -9.83
C LYS B 257 8.11 -12.72 -8.58
N PHE B 258 8.90 -12.93 -7.51
CA PHE B 258 8.71 -12.26 -6.23
C PHE B 258 9.73 -11.15 -5.97
N HIS B 259 10.17 -10.45 -7.03
CA HIS B 259 11.12 -9.35 -6.86
C HIS B 259 10.48 -8.20 -6.12
N CYS B 260 9.19 -7.94 -6.41
CA CYS B 260 8.43 -6.85 -5.81
C CYS B 260 8.08 -7.06 -4.32
N ALA B 261 8.61 -8.15 -3.70
CA ALA B 261 8.47 -8.44 -2.27
C ALA B 261 9.25 -7.38 -1.48
N SER B 262 10.20 -6.70 -2.16
CA SER B 262 11.04 -5.66 -1.59
C SER B 262 10.23 -4.42 -1.26
N LEU B 263 9.03 -4.28 -1.90
CA LEU B 263 8.07 -3.20 -1.70
C LEU B 263 7.23 -3.53 -0.50
N THR B 264 7.16 -4.84 -0.15
CA THR B 264 6.37 -5.35 0.96
C THR B 264 7.23 -5.61 2.21
N SER B 265 6.60 -6.19 3.25
CA SER B 265 7.23 -6.50 4.53
C SER B 265 7.62 -7.99 4.68
N TRP B 266 7.57 -8.74 3.57
CA TRP B 266 7.90 -10.15 3.57
C TRP B 266 8.91 -10.54 2.48
N PRO B 267 9.76 -11.57 2.74
CA PRO B 267 10.78 -11.95 1.74
C PRO B 267 10.25 -12.81 0.56
N PRO B 268 10.99 -12.88 -0.58
CA PRO B 268 10.53 -13.69 -1.72
C PRO B 268 10.36 -15.17 -1.37
N TRP B 269 11.25 -15.69 -0.50
CA TRP B 269 11.21 -17.08 -0.03
C TRP B 269 9.97 -17.37 0.79
N LEU B 270 9.30 -16.33 1.32
CA LEU B 270 8.06 -16.53 2.05
C LEU B 270 6.88 -16.62 1.08
N TYR B 271 6.88 -15.76 0.04
CA TYR B 271 5.84 -15.76 -0.98
C TYR B 271 5.80 -17.09 -1.77
N SER B 272 6.96 -17.80 -1.86
CA SER B 272 7.07 -19.10 -2.53
C SER B 272 6.21 -20.12 -1.82
N LEU B 273 6.21 -20.09 -0.46
CA LEU B 273 5.42 -20.98 0.41
C LEU B 273 3.93 -20.86 0.15
N TYR B 274 3.51 -19.83 -0.63
CA TYR B 274 2.11 -19.60 -1.01
C TYR B 274 1.88 -19.61 -2.51
N ASP B 275 2.91 -19.94 -3.31
CA ASP B 275 2.83 -19.97 -4.77
C ASP B 275 2.32 -21.31 -5.23
N ALA B 276 1.21 -21.32 -6.01
CA ALA B 276 0.61 -22.55 -6.50
C ALA B 276 1.59 -23.38 -7.33
N GLU B 277 2.29 -22.75 -8.31
CA GLU B 277 3.26 -23.45 -9.18
C GLU B 277 4.38 -24.12 -8.37
N THR B 278 4.90 -23.41 -7.34
CA THR B 278 5.97 -23.86 -6.45
C THR B 278 5.51 -25.06 -5.62
N LEU B 279 4.37 -24.91 -4.91
CA LEU B 279 3.82 -25.94 -4.04
C LEU B 279 3.51 -27.21 -4.82
N MET B 280 3.06 -27.06 -6.08
CA MET B 280 2.75 -28.16 -6.98
C MET B 280 4.01 -28.92 -7.35
N GLU B 281 5.11 -28.20 -7.68
CA GLU B 281 6.37 -28.82 -8.05
C GLU B 281 6.99 -29.58 -6.88
N ARG B 282 6.65 -29.17 -5.66
CA ARG B 282 7.10 -29.81 -4.43
C ARG B 282 6.35 -31.14 -4.22
N VAL B 283 5.05 -31.16 -4.58
CA VAL B 283 4.19 -32.34 -4.50
C VAL B 283 4.62 -33.31 -5.61
N LYS B 284 4.75 -32.80 -6.88
CA LYS B 284 5.21 -33.55 -8.07
C LYS B 284 6.51 -34.30 -7.79
N ARG B 285 7.34 -33.78 -6.87
CA ARG B 285 8.60 -34.39 -6.45
C ARG B 285 8.30 -35.72 -5.72
N GLN B 286 7.31 -35.73 -4.80
CA GLN B 286 6.87 -36.92 -4.05
C GLN B 286 6.13 -37.91 -4.94
N LEU B 287 5.27 -37.40 -5.86
CA LEU B 287 4.49 -38.21 -6.80
C LEU B 287 5.40 -39.05 -7.71
N HIS B 288 6.55 -38.47 -8.11
CA HIS B 288 7.55 -39.17 -8.94
C HIS B 288 8.35 -40.20 -8.14
N GLU B 289 8.47 -40.02 -6.79
CA GLU B 289 9.13 -41.00 -5.90
C GLU B 289 8.25 -42.26 -5.74
N TRP B 290 6.93 -42.10 -5.96
CA TRP B 290 5.92 -43.14 -5.87
C TRP B 290 5.68 -43.83 -7.21
N ASP B 291 5.58 -43.04 -8.30
CA ASP B 291 5.42 -43.59 -9.65
C ASP B 291 6.70 -43.24 -10.40
N GLU B 292 7.56 -44.25 -10.52
CA GLU B 292 8.87 -44.17 -11.15
C GLU B 292 8.74 -44.05 -12.68
N ASN B 293 7.59 -44.50 -13.24
CA ASN B 293 7.24 -44.46 -14.67
C ASN B 293 6.13 -43.39 -14.94
N LEU B 294 6.10 -42.31 -14.14
CA LEU B 294 5.11 -41.24 -14.26
C LEU B 294 5.51 -40.25 -15.35
N LYS B 295 4.55 -39.92 -16.22
CA LYS B 295 4.67 -38.92 -17.28
C LYS B 295 3.81 -37.72 -16.87
N ASP B 296 4.42 -36.51 -16.81
CA ASP B 296 3.78 -35.26 -16.37
C ASP B 296 2.47 -34.88 -17.08
N GLU B 297 2.25 -35.41 -18.32
CA GLU B 297 1.06 -35.19 -19.14
C GLU B 297 -0.21 -35.78 -18.49
N SER B 298 -0.05 -36.87 -17.69
CA SER B 298 -1.14 -37.55 -16.98
C SER B 298 -1.65 -36.69 -15.81
N LEU B 299 -0.74 -35.91 -15.18
CA LEU B 299 -1.05 -35.03 -14.05
C LEU B 299 -1.85 -33.80 -14.48
N PRO B 300 -2.83 -33.35 -13.67
CA PRO B 300 -3.59 -32.14 -14.04
C PRO B 300 -2.73 -30.88 -13.90
N THR B 301 -2.90 -29.95 -14.86
CA THR B 301 -2.17 -28.68 -14.92
C THR B 301 -2.69 -27.69 -13.88
N ASN B 302 -4.03 -27.62 -13.71
CA ASN B 302 -4.76 -26.76 -12.78
C ASN B 302 -4.49 -27.17 -11.31
N PRO B 303 -4.09 -26.23 -10.41
CA PRO B 303 -3.88 -26.60 -9.00
C PRO B 303 -5.16 -27.04 -8.27
N ILE B 304 -6.34 -26.61 -8.76
CA ILE B 304 -7.64 -26.99 -8.20
C ILE B 304 -7.81 -28.51 -8.39
N ASP B 305 -7.66 -29.00 -9.64
CA ASP B 305 -7.76 -30.42 -9.99
C ASP B 305 -6.60 -31.22 -9.39
N PHE B 306 -5.40 -30.61 -9.37
CA PHE B 306 -4.19 -31.23 -8.84
C PHE B 306 -4.26 -31.45 -7.32
N SER B 307 -4.63 -30.42 -6.52
CA SER B 307 -4.73 -30.55 -5.06
C SER B 307 -5.68 -31.68 -4.67
N TYR B 308 -6.84 -31.75 -5.36
CA TYR B 308 -7.87 -32.78 -5.12
C TYR B 308 -7.45 -34.19 -5.46
N ARG B 309 -6.73 -34.37 -6.61
CA ARG B 309 -6.23 -35.68 -7.06
C ARG B 309 -5.32 -36.25 -5.97
N VAL B 310 -4.37 -35.42 -5.49
CA VAL B 310 -3.40 -35.76 -4.45
C VAL B 310 -4.08 -36.02 -3.10
N ALA B 311 -5.15 -35.27 -2.76
CA ALA B 311 -5.86 -35.41 -1.49
C ALA B 311 -6.44 -36.80 -1.29
N ALA B 312 -6.97 -37.35 -2.40
CA ALA B 312 -7.64 -38.63 -2.46
C ALA B 312 -6.70 -39.86 -2.40
N CYS B 313 -5.37 -39.66 -2.43
CA CYS B 313 -4.42 -40.78 -2.39
C CYS B 313 -3.50 -40.77 -1.14
N LEU B 314 -3.82 -39.91 -0.16
CA LEU B 314 -3.06 -39.84 1.09
C LEU B 314 -3.71 -40.73 2.14
N PRO B 315 -3.01 -41.81 2.57
CA PRO B 315 -3.62 -42.72 3.58
C PRO B 315 -3.66 -42.09 4.97
N ILE B 316 -4.69 -41.28 5.22
CA ILE B 316 -4.85 -40.59 6.49
C ILE B 316 -6.17 -40.94 7.18
N ASP B 317 -6.23 -40.70 8.51
CA ASP B 317 -7.40 -40.93 9.36
C ASP B 317 -8.56 -40.05 8.94
N ASP B 318 -9.78 -40.46 9.31
CA ASP B 318 -11.02 -39.79 8.96
C ASP B 318 -11.09 -38.37 9.45
N ALA B 319 -10.57 -38.09 10.67
CA ALA B 319 -10.57 -36.76 11.27
C ALA B 319 -9.76 -35.78 10.43
N LEU B 320 -8.56 -36.21 9.96
CA LEU B 320 -7.68 -35.38 9.13
C LEU B 320 -8.22 -35.20 7.71
N ARG B 321 -8.93 -36.21 7.18
CA ARG B 321 -9.55 -36.18 5.85
C ARG B 321 -10.65 -35.15 5.79
N ILE B 322 -11.48 -35.02 6.86
CA ILE B 322 -12.57 -34.02 6.93
C ILE B 322 -11.94 -32.63 6.93
N GLN B 323 -10.83 -32.45 7.70
CA GLN B 323 -10.11 -31.18 7.80
C GLN B 323 -9.61 -30.74 6.44
N LEU B 324 -9.14 -31.69 5.63
CA LEU B 324 -8.69 -31.49 4.26
C LEU B 324 -9.88 -31.15 3.32
N LEU B 325 -11.06 -31.76 3.56
CA LEU B 325 -12.26 -31.51 2.76
C LEU B 325 -12.84 -30.09 3.02
N LYS B 326 -12.66 -29.56 4.26
CA LYS B 326 -13.11 -28.22 4.63
C LYS B 326 -12.35 -27.14 3.84
N ILE B 327 -11.03 -27.37 3.58
CA ILE B 327 -10.11 -26.46 2.85
C ILE B 327 -10.78 -25.96 1.57
N GLY B 328 -10.83 -24.65 1.41
CA GLY B 328 -11.43 -24.02 0.25
C GLY B 328 -10.42 -23.64 -0.84
N SER B 329 -9.18 -23.35 -0.41
CA SER B 329 -8.12 -22.94 -1.33
C SER B 329 -7.21 -24.09 -1.73
N ALA B 330 -6.84 -24.13 -3.02
CA ALA B 330 -5.91 -25.11 -3.59
C ALA B 330 -4.54 -24.92 -2.97
N ILE B 331 -4.19 -23.67 -2.62
CA ILE B 331 -2.92 -23.29 -1.97
C ILE B 331 -2.90 -23.88 -0.55
N GLN B 332 -3.97 -23.61 0.24
CA GLN B 332 -4.13 -24.10 1.60
C GLN B 332 -4.13 -25.62 1.58
N ARG B 333 -4.70 -26.22 0.52
CA ARG B 333 -4.76 -27.66 0.34
C ARG B 333 -3.38 -28.25 0.05
N LEU B 334 -2.63 -27.67 -0.91
CA LEU B 334 -1.29 -28.13 -1.27
C LEU B 334 -0.33 -28.01 -0.08
N ARG B 335 -0.38 -26.86 0.62
CA ARG B 335 0.44 -26.61 1.80
C ARG B 335 0.17 -27.69 2.86
N CAF B 336 -1.12 -28.03 3.02
CA CAF B 336 -1.61 -29.05 3.94
CB CAF B 336 -3.15 -29.05 3.97
C CAF B 336 -1.06 -30.42 3.58
O CAF B 336 -0.45 -31.06 4.41
SG CAF B 336 -3.92 -30.42 4.85
AS CAF B 336 -4.12 -29.83 7.02
CE1 CAF B 336 -2.48 -30.59 7.67
CE2 CAF B 336 -5.56 -30.95 7.53
O1 CAF B 336 -4.31 -28.24 7.29
N GLU B 337 -1.26 -30.85 2.32
CA GLU B 337 -0.80 -32.13 1.76
C GLU B 337 0.69 -32.33 1.90
N LEU B 338 1.48 -31.24 1.74
CA LEU B 338 2.94 -31.29 1.93
C LEU B 338 3.29 -31.53 3.37
N ASP B 339 2.52 -30.95 4.31
CA ASP B 339 2.73 -31.13 5.75
C ASP B 339 2.47 -32.61 6.10
N ILE B 340 1.38 -33.19 5.56
CA ILE B 340 1.01 -34.59 5.75
C ILE B 340 2.11 -35.47 5.15
N MET B 341 2.50 -35.19 3.90
CA MET B 341 3.56 -35.94 3.21
C MET B 341 4.88 -35.92 3.95
N ASN B 342 5.27 -34.78 4.54
CA ASN B 342 6.55 -34.66 5.23
C ASN B 342 6.54 -35.29 6.62
N LYS B 343 5.53 -34.97 7.45
CA LYS B 343 5.38 -35.49 8.82
C LYS B 343 5.15 -36.99 8.87
N CAF B 344 4.71 -37.56 7.74
CA CAF B 344 4.43 -38.99 7.59
CB CAF B 344 3.73 -39.31 6.28
C CAF B 344 5.71 -39.80 7.57
O CAF B 344 6.67 -39.45 6.89
SG CAF B 344 3.31 -41.08 6.03
AS CAF B 344 1.49 -41.01 4.68
CE1 CAF B 344 0.14 -40.48 5.91
CE2 CAF B 344 1.87 -39.57 3.50
O1 CAF B 344 1.20 -42.41 3.95
N THR B 345 5.70 -40.92 8.30
CA THR B 345 6.83 -41.85 8.37
C THR B 345 6.32 -43.29 8.34
N SER B 346 5.75 -43.76 9.45
CA SER B 346 5.27 -45.12 9.63
C SER B 346 3.75 -45.24 9.62
N LEU B 347 3.25 -46.37 9.11
CA LEU B 347 1.82 -46.70 9.05
C LEU B 347 1.60 -47.98 9.86
N CYS B 348 0.88 -47.85 10.99
CA CYS B 348 0.61 -48.92 11.96
C CYS B 348 -0.78 -49.46 11.83
N CYS B 349 -1.09 -50.51 12.62
CA CYS B 349 -2.40 -51.14 12.75
C CYS B 349 -3.22 -50.26 13.69
N LYS B 350 -4.35 -49.68 13.21
CA LYS B 350 -5.23 -48.78 13.99
C LYS B 350 -5.69 -49.41 15.29
N GLN B 351 -5.94 -50.73 15.27
CA GLN B 351 -6.44 -51.52 16.38
C GLN B 351 -5.45 -51.65 17.52
N CYS B 352 -4.22 -52.18 17.30
CA CYS B 352 -3.27 -52.32 18.40
C CYS B 352 -2.36 -51.10 18.53
N GLN B 353 -2.46 -50.19 17.56
CA GLN B 353 -1.82 -48.87 17.50
C GLN B 353 -0.30 -48.86 17.35
N ASP B 354 0.45 -49.72 18.05
CA ASP B 354 1.93 -49.68 17.98
C ASP B 354 2.54 -50.65 16.96
N THR B 355 1.78 -51.64 16.48
CA THR B 355 2.29 -52.60 15.48
C THR B 355 2.50 -51.90 14.13
N GLU B 356 3.77 -51.74 13.70
CA GLU B 356 4.10 -51.14 12.42
C GLU B 356 3.86 -52.17 11.30
N ILE B 357 3.13 -51.74 10.24
CA ILE B 357 2.76 -52.56 9.09
C ILE B 357 3.55 -52.14 7.85
N THR B 358 3.67 -50.84 7.60
CA THR B 358 4.46 -50.34 6.46
C THR B 358 4.95 -48.94 6.71
N THR B 359 5.79 -48.44 5.81
CA THR B 359 6.43 -47.14 5.89
C THR B 359 6.18 -46.31 4.62
N LYS B 360 6.40 -44.98 4.68
CA LYS B 360 6.26 -44.02 3.58
C LYS B 360 7.06 -44.44 2.33
N ASN B 361 8.28 -44.98 2.54
CA ASN B 361 9.17 -45.45 1.48
C ASN B 361 8.64 -46.65 0.69
N GLU B 362 7.67 -47.41 1.23
CA GLU B 362 7.13 -48.59 0.53
C GLU B 362 5.91 -48.29 -0.32
N ILE B 363 5.35 -47.07 -0.20
CA ILE B 363 4.19 -46.61 -0.97
C ILE B 363 4.60 -46.41 -2.44
N PHE B 364 3.75 -46.84 -3.38
CA PHE B 364 3.98 -46.72 -4.81
C PHE B 364 2.64 -46.67 -5.58
N SER B 365 2.62 -45.98 -6.73
CA SER B 365 1.41 -45.83 -7.53
C SER B 365 1.23 -46.91 -8.59
N LEU B 366 0.34 -47.88 -8.31
CA LEU B 366 0.04 -48.96 -9.26
C LEU B 366 -1.15 -48.55 -10.16
N SER B 367 -1.77 -47.41 -9.86
CA SER B 367 -2.90 -46.81 -10.57
C SER B 367 -2.51 -45.36 -10.93
N LEU B 368 -3.08 -44.82 -12.03
CA LEU B 368 -2.83 -43.43 -12.43
C LEU B 368 -3.47 -42.44 -11.45
N CYS B 369 -4.59 -42.82 -10.80
CA CYS B 369 -5.24 -41.90 -9.88
C CYS B 369 -4.53 -41.84 -8.47
N GLY B 370 -3.34 -42.46 -8.38
CA GLY B 370 -2.49 -42.44 -7.18
C GLY B 370 -2.17 -43.76 -6.51
N PRO B 371 -1.36 -43.74 -5.42
CA PRO B 371 -1.07 -44.99 -4.70
C PRO B 371 -2.30 -45.59 -4.00
N MET B 372 -3.25 -44.76 -3.54
CA MET B 372 -4.50 -45.17 -2.90
C MET B 372 -5.74 -44.81 -3.77
N ALA B 373 -6.79 -45.68 -3.78
CA ALA B 373 -8.05 -45.51 -4.54
C ALA B 373 -9.23 -46.32 -3.96
N ALA B 374 -10.48 -45.92 -4.28
CA ALA B 374 -11.66 -46.62 -3.77
C ALA B 374 -12.14 -47.72 -4.71
N TYR B 375 -12.32 -48.95 -4.17
CA TYR B 375 -12.80 -50.11 -4.91
C TYR B 375 -13.96 -50.82 -4.17
N VAL B 376 -14.87 -51.52 -4.90
CA VAL B 376 -16.01 -52.24 -4.31
C VAL B 376 -15.86 -53.73 -4.27
N ASN B 377 -16.22 -54.36 -3.14
CA ASN B 377 -16.24 -55.81 -3.06
C ASN B 377 -17.58 -56.32 -3.62
N PRO B 378 -17.81 -57.65 -3.80
CA PRO B 378 -19.08 -58.10 -4.39
C PRO B 378 -20.35 -57.72 -3.63
N HIS B 379 -20.21 -57.20 -2.39
CA HIS B 379 -21.33 -56.85 -1.54
C HIS B 379 -21.50 -55.35 -1.36
N GLY B 380 -20.88 -54.57 -2.24
CA GLY B 380 -21.00 -53.11 -2.26
C GLY B 380 -20.22 -52.34 -1.22
N TYR B 381 -19.40 -53.05 -0.43
CA TYR B 381 -18.59 -52.41 0.59
C TYR B 381 -17.35 -51.82 -0.07
N ILE B 382 -17.14 -50.50 0.11
CA ILE B 382 -16.04 -49.75 -0.48
C ILE B 382 -14.83 -49.80 0.41
N HIS B 383 -13.70 -50.25 -0.14
CA HIS B 383 -12.41 -50.35 0.52
C HIS B 383 -11.43 -49.41 -0.17
N GLU B 384 -10.98 -48.35 0.52
CA GLU B 384 -9.98 -47.44 -0.07
C GLU B 384 -8.64 -48.08 0.18
N THR B 385 -8.02 -48.67 -0.87
CA THR B 385 -6.80 -49.45 -0.71
C THR B 385 -5.53 -48.77 -1.24
N LEU B 386 -4.46 -48.83 -0.41
CA LEU B 386 -3.11 -48.31 -0.61
C LEU B 386 -2.16 -49.41 -1.05
N THR B 387 -1.47 -49.18 -2.15
CA THR B 387 -0.51 -50.11 -2.75
C THR B 387 0.88 -49.86 -2.18
N VAL B 388 1.48 -50.89 -1.55
CA VAL B 388 2.82 -50.86 -0.95
C VAL B 388 3.61 -52.11 -1.37
N TYR B 389 4.95 -52.02 -1.52
CA TYR B 389 5.75 -53.18 -1.94
C TYR B 389 6.01 -54.15 -0.81
N LYS B 390 6.33 -53.63 0.38
CA LYS B 390 6.65 -54.43 1.54
C LYS B 390 5.79 -54.03 2.74
N ALA B 391 5.28 -55.04 3.43
CA ALA B 391 4.44 -54.91 4.62
C ALA B 391 5.04 -55.85 5.66
N CYS B 392 4.87 -55.55 6.96
CA CYS B 392 5.56 -56.31 7.97
C CYS B 392 4.74 -57.30 8.78
N ASN B 393 4.03 -56.87 9.84
CA ASN B 393 3.41 -57.86 10.71
C ASN B 393 2.11 -58.41 10.18
N LEU B 394 2.19 -59.07 9.02
CA LEU B 394 1.00 -59.60 8.38
C LEU B 394 0.97 -61.12 8.30
N ASN B 395 -0.21 -61.68 8.51
CA ASN B 395 -0.45 -63.11 8.40
C ASN B 395 -1.49 -63.31 7.32
N LEU B 396 -1.19 -64.23 6.39
CA LEU B 396 -2.09 -64.57 5.29
C LEU B 396 -2.87 -65.80 5.68
N SER B 397 -4.11 -65.90 5.19
CA SER B 397 -4.97 -67.05 5.42
C SER B 397 -5.65 -67.41 4.10
N GLY B 398 -5.72 -68.70 3.82
CA GLY B 398 -6.34 -69.20 2.60
C GLY B 398 -5.42 -69.13 1.38
N ARG B 399 -5.93 -69.60 0.25
CA ARG B 399 -5.15 -69.65 -0.99
C ARG B 399 -5.49 -68.47 -1.90
N PRO B 400 -4.59 -68.01 -2.83
CA PRO B 400 -4.94 -66.86 -3.69
C PRO B 400 -6.19 -67.06 -4.55
N SER B 401 -6.91 -65.95 -4.80
CA SER B 401 -8.13 -65.93 -5.61
C SER B 401 -8.04 -64.80 -6.60
N THR B 402 -8.69 -64.98 -7.76
CA THR B 402 -8.71 -63.97 -8.81
C THR B 402 -10.08 -63.38 -8.93
N GLU B 403 -11.04 -63.96 -8.19
CA GLU B 403 -12.43 -63.53 -8.19
C GLU B 403 -12.54 -62.07 -7.79
N HIS B 404 -13.18 -61.26 -8.64
CA HIS B 404 -13.47 -59.83 -8.42
C HIS B 404 -12.22 -58.99 -8.20
N SER B 405 -11.04 -59.48 -8.64
CA SER B 405 -9.76 -58.75 -8.47
C SER B 405 -9.80 -57.34 -9.04
N TRP B 406 -9.33 -56.38 -8.23
CA TRP B 406 -9.29 -54.97 -8.59
C TRP B 406 -8.06 -54.64 -9.47
N PHE B 407 -7.05 -55.52 -9.48
CA PHE B 407 -5.82 -55.35 -10.26
C PHE B 407 -5.73 -56.57 -11.16
N PRO B 408 -6.14 -56.41 -12.44
CA PRO B 408 -6.15 -57.55 -13.36
C PRO B 408 -4.76 -58.12 -13.61
N GLY B 409 -4.64 -59.43 -13.45
CA GLY B 409 -3.39 -60.15 -13.60
C GLY B 409 -2.84 -60.55 -12.25
N TYR B 410 -3.45 -60.02 -11.15
CA TYR B 410 -3.07 -60.31 -9.77
C TYR B 410 -4.13 -61.08 -9.01
N ALA B 411 -3.68 -61.98 -8.14
CA ALA B 411 -4.53 -62.77 -7.29
C ALA B 411 -4.38 -62.26 -5.85
N TRP B 412 -5.50 -62.14 -5.15
CA TRP B 412 -5.51 -61.67 -3.75
C TRP B 412 -5.62 -62.81 -2.73
N THR B 413 -5.03 -62.59 -1.56
CA THR B 413 -5.07 -63.50 -0.42
C THR B 413 -5.15 -62.63 0.85
N ILE B 414 -6.15 -62.90 1.71
CA ILE B 414 -6.46 -62.17 2.94
C ILE B 414 -5.24 -61.99 3.85
N ALA B 415 -5.04 -60.74 4.33
CA ALA B 415 -3.95 -60.35 5.22
C ALA B 415 -4.52 -59.73 6.49
N GLN B 416 -3.99 -60.17 7.64
CA GLN B 416 -4.41 -59.67 8.93
C GLN B 416 -3.19 -59.33 9.75
N CYS B 417 -3.34 -58.39 10.69
CA CYS B 417 -2.34 -58.03 11.66
C CYS B 417 -1.94 -59.30 12.46
N ARG B 418 -0.62 -59.53 12.63
CA ARG B 418 -0.06 -60.69 13.35
C ARG B 418 -0.44 -60.61 14.82
N ILE B 419 -0.43 -59.39 15.39
CA ILE B 419 -0.73 -59.21 16.80
C ILE B 419 -2.22 -59.35 17.14
N CYS B 420 -3.08 -58.51 16.57
CA CYS B 420 -4.50 -58.51 16.93
C CYS B 420 -5.42 -59.31 16.01
N GLY B 421 -5.03 -59.49 14.77
CA GLY B 421 -5.86 -60.23 13.82
C GLY B 421 -6.75 -59.34 12.98
N ASN B 422 -6.55 -58.01 13.05
CA ASN B 422 -7.30 -57.02 12.31
C ASN B 422 -7.13 -57.26 10.82
N HIS B 423 -8.22 -57.20 10.04
CA HIS B 423 -8.14 -57.37 8.59
C HIS B 423 -7.49 -56.11 8.00
N MET B 424 -6.26 -56.26 7.55
CA MET B 424 -5.46 -55.16 7.05
C MET B 424 -5.56 -54.93 5.56
N GLY B 425 -6.04 -55.92 4.84
CA GLY B 425 -6.16 -55.83 3.41
C GLY B 425 -5.79 -57.14 2.77
N TRP B 426 -4.97 -57.10 1.71
CA TRP B 426 -4.63 -58.29 0.94
C TRP B 426 -3.21 -58.26 0.42
N LYS B 427 -2.71 -59.45 0.05
CA LYS B 427 -1.42 -59.61 -0.62
C LYS B 427 -1.77 -59.93 -2.06
N PHE B 428 -1.25 -59.13 -2.99
CA PHE B 428 -1.48 -59.39 -4.41
C PHE B 428 -0.26 -60.02 -5.04
N THR B 429 -0.49 -61.11 -5.76
CA THR B 429 0.56 -61.90 -6.39
C THR B 429 0.23 -62.11 -7.85
N ALA B 430 1.23 -61.93 -8.73
CA ALA B 430 1.10 -62.08 -10.18
C ALA B 430 0.73 -63.50 -10.60
N THR B 431 -0.18 -63.60 -11.59
CA THR B 431 -0.64 -64.88 -12.16
C THR B 431 0.25 -65.32 -13.34
N LYS B 432 1.12 -64.43 -13.82
CA LYS B 432 2.07 -64.69 -14.89
C LYS B 432 3.48 -64.29 -14.41
N LYS B 433 4.46 -65.13 -14.75
CA LYS B 433 5.89 -65.03 -14.42
C LYS B 433 6.58 -63.73 -14.90
N ASP B 434 6.09 -63.14 -16.02
CA ASP B 434 6.66 -61.95 -16.66
C ASP B 434 6.19 -60.61 -16.09
N MET B 435 5.20 -60.63 -15.19
CA MET B 435 4.60 -59.44 -14.59
C MET B 435 5.50 -58.76 -13.58
N SER B 436 5.47 -57.42 -13.57
CA SER B 436 6.22 -56.55 -12.65
C SER B 436 5.27 -55.46 -12.09
N PRO B 437 5.05 -55.32 -10.76
CA PRO B 437 5.66 -56.08 -9.65
C PRO B 437 5.18 -57.52 -9.56
N GLN B 438 6.02 -58.42 -9.04
CA GLN B 438 5.63 -59.82 -8.92
C GLN B 438 4.67 -60.02 -7.72
N LYS B 439 4.76 -59.11 -6.72
CA LYS B 439 3.92 -59.06 -5.52
C LYS B 439 3.85 -57.63 -5.01
N PHE B 440 2.76 -57.30 -4.30
CA PHE B 440 2.54 -56.04 -3.60
C PHE B 440 1.49 -56.26 -2.52
N TRP B 441 1.16 -55.21 -1.76
CA TRP B 441 0.18 -55.30 -0.69
C TRP B 441 -0.88 -54.25 -0.87
N GLY B 442 -2.13 -54.66 -0.76
CA GLY B 442 -3.27 -53.77 -0.84
C GLY B 442 -3.83 -53.54 0.55
N LEU B 443 -3.44 -52.43 1.19
CA LEU B 443 -3.89 -52.13 2.55
C LEU B 443 -5.06 -51.13 2.60
N THR B 444 -6.14 -51.47 3.31
CA THR B 444 -7.31 -50.58 3.44
C THR B 444 -6.97 -49.46 4.43
N ARG B 445 -7.29 -48.18 4.08
CA ARG B 445 -6.93 -47.08 4.98
C ARG B 445 -7.65 -47.11 6.32
N SER B 446 -8.86 -47.71 6.40
CA SER B 446 -9.58 -47.80 7.67
C SER B 446 -8.83 -48.65 8.73
N ALA B 447 -7.87 -49.49 8.29
CA ALA B 447 -7.08 -50.40 9.13
C ALA B 447 -5.77 -49.77 9.57
N LEU B 448 -5.37 -48.71 8.87
CA LEU B 448 -4.12 -48.02 9.08
C LEU B 448 -4.26 -46.78 9.94
N LEU B 449 -3.12 -46.37 10.54
CA LEU B 449 -2.99 -45.22 11.41
C LEU B 449 -1.57 -44.71 11.24
N PRO B 450 -1.38 -43.50 10.68
CA PRO B 450 -0.02 -42.99 10.45
C PRO B 450 0.77 -42.58 11.70
N ARG B 451 0.22 -42.89 12.91
CA ARG B 451 0.80 -42.57 14.23
C ARG B 451 2.33 -42.74 14.35
ZN ZN C . -3.11 -55.06 15.09
O01 EF2 D . -13.27 -57.70 -4.41
C02 EF2 D . -12.09 -57.76 -4.10
N03 EF2 D . -11.09 -57.52 -4.99
C04 EF2 D . -9.77 -57.55 -4.70
O05 EF2 D . -8.95 -57.32 -5.56
C06 EF2 D . -9.29 -57.85 -3.31
C07 EF2 D . -10.33 -58.75 -2.58
C08 EF2 D . -11.70 -58.06 -2.67
N09 EF2 D . -12.73 -58.82 -1.97
C11 EF2 D . -16.20 -61.51 -0.30
C12 EF2 D . -15.33 -61.43 -1.42
C13 EF2 D . -14.44 -60.34 -1.45
C14 EF2 D . -14.41 -59.39 -0.42
O16 EF2 D . -13.14 -60.58 -3.48
O18 EF2 D . -13.07 -57.41 -0.19
C19 EF2 D . -15.29 -59.45 0.68
C20 EF2 D . -16.19 -60.53 0.72
C3 EF2 D . -13.31 -58.42 -0.82
C4 EF2 D . -13.35 -59.95 -2.43
#